data_1JZV
# 
_entry.id   1JZV 
# 
_audit_conform.dict_name       mmcif_pdbx.dic 
_audit_conform.dict_version    5.386 
_audit_conform.dict_location   http://mmcif.pdb.org/dictionaries/ascii/mmcif_pdbx.dic 
# 
loop_
_database_2.database_id 
_database_2.database_code 
_database_2.pdbx_database_accession 
_database_2.pdbx_DOI 
PDB   1JZV         pdb_00001jzv 10.2210/pdb1jzv/pdb 
NDB   AR0035       ?            ?                   
RCSB  RCSB014383   ?            ?                   
WWPDB D_1000014383 ?            ?                   
# 
loop_
_pdbx_audit_revision_history.ordinal 
_pdbx_audit_revision_history.data_content_type 
_pdbx_audit_revision_history.major_revision 
_pdbx_audit_revision_history.minor_revision 
_pdbx_audit_revision_history.revision_date 
1 'Structure model' 1 0 2003-11-11 
2 'Structure model' 1 1 2008-04-27 
3 'Structure model' 1 2 2011-07-13 
4 'Structure model' 1 3 2024-02-07 
# 
_pdbx_audit_revision_details.ordinal             1 
_pdbx_audit_revision_details.revision_ordinal    1 
_pdbx_audit_revision_details.data_content_type   'Structure model' 
_pdbx_audit_revision_details.provider            repository 
_pdbx_audit_revision_details.type                'Initial release' 
_pdbx_audit_revision_details.description         ? 
_pdbx_audit_revision_details.details             ? 
# 
loop_
_pdbx_audit_revision_group.ordinal 
_pdbx_audit_revision_group.revision_ordinal 
_pdbx_audit_revision_group.data_content_type 
_pdbx_audit_revision_group.group 
1 2 'Structure model' 'Version format compliance' 
2 3 'Structure model' 'Version format compliance' 
3 4 'Structure model' 'Data collection'           
4 4 'Structure model' 'Database references'       
5 4 'Structure model' 'Derived calculations'      
# 
loop_
_pdbx_audit_revision_category.ordinal 
_pdbx_audit_revision_category.revision_ordinal 
_pdbx_audit_revision_category.data_content_type 
_pdbx_audit_revision_category.category 
1 4 'Structure model' chem_comp_atom         
2 4 'Structure model' chem_comp_bond         
3 4 'Structure model' database_2             
4 4 'Structure model' pdbx_struct_conn_angle 
5 4 'Structure model' struct_conn            
6 4 'Structure model' struct_site            
# 
loop_
_pdbx_audit_revision_item.ordinal 
_pdbx_audit_revision_item.revision_ordinal 
_pdbx_audit_revision_item.data_content_type 
_pdbx_audit_revision_item.item 
1  4 'Structure model' '_database_2.pdbx_DOI'                        
2  4 'Structure model' '_database_2.pdbx_database_accession'         
3  4 'Structure model' '_pdbx_struct_conn_angle.ptnr1_auth_asym_id'  
4  4 'Structure model' '_pdbx_struct_conn_angle.ptnr1_auth_seq_id'   
5  4 'Structure model' '_pdbx_struct_conn_angle.ptnr1_label_asym_id' 
6  4 'Structure model' '_pdbx_struct_conn_angle.ptnr3_auth_asym_id'  
7  4 'Structure model' '_pdbx_struct_conn_angle.ptnr3_auth_seq_id'   
8  4 'Structure model' '_pdbx_struct_conn_angle.ptnr3_label_asym_id' 
9  4 'Structure model' '_pdbx_struct_conn_angle.value'               
10 4 'Structure model' '_struct_conn.pdbx_dist_value'                
11 4 'Structure model' '_struct_conn.pdbx_leaving_atom_flag'         
12 4 'Structure model' '_struct_conn.ptnr2_auth_asym_id'             
13 4 'Structure model' '_struct_conn.ptnr2_auth_seq_id'              
14 4 'Structure model' '_struct_conn.ptnr2_label_asym_id'            
15 4 'Structure model' '_struct_site.pdbx_auth_asym_id'              
16 4 'Structure model' '_struct_site.pdbx_auth_comp_id'              
17 4 'Structure model' '_struct_site.pdbx_auth_seq_id'               
# 
_pdbx_database_status.status_code                     REL 
_pdbx_database_status.entry_id                        1JZV 
_pdbx_database_status.recvd_initial_deposition_date   2001-09-17 
_pdbx_database_status.deposit_site                    RCSB 
_pdbx_database_status.process_site                    RCSB 
_pdbx_database_status.status_code_sf                  REL 
_pdbx_database_status.SG_entry                        . 
_pdbx_database_status.pdb_format_compatible           Y 
_pdbx_database_status.status_code_mr                  ? 
_pdbx_database_status.status_code_cs                  ? 
_pdbx_database_status.status_code_nmr_data            ? 
_pdbx_database_status.methods_development_category    ? 
# 
loop_
_audit_author.name 
_audit_author.pdbx_ordinal 
'Xiong, Y.'          1 
'Sudarsanakumar, C.' 2 
'Deng, J.'           3 
'Pan, B.'            4 
'Sundaralingam, M.'  5 
# 
_citation.id                        primary 
_citation.title                     'Crystal Structure of a Bulged RNA from the SL2 Stem-loop of the HIV-1 psi-RNA' 
_citation.journal_abbrev            'To be Published' 
_citation.journal_volume            ? 
_citation.page_first                ? 
_citation.page_last                 ? 
_citation.year                      ? 
_citation.journal_id_ASTM           ? 
_citation.country                   ? 
_citation.journal_id_ISSN           ? 
_citation.journal_id_CSD            0353 
_citation.book_publisher            ? 
_citation.pdbx_database_id_PubMed   ? 
_citation.pdbx_database_id_DOI      ? 
# 
loop_
_citation_author.citation_id 
_citation_author.name 
_citation_author.ordinal 
_citation_author.identifier_ORCID 
primary 'Xiong, Y.'          1 ? 
primary 'Sudarsanakumar, C.' 2 ? 
primary 'Deng, J.'           3 ? 
primary 'Pan, M.'            4 ? 
primary 'Sundaralingam, M.'  5 ? 
# 
loop_
_entity.id 
_entity.type 
_entity.src_method 
_entity.pdbx_description 
_entity.formula_weight 
_entity.pdbx_number_of_molecules 
_entity.pdbx_ec 
_entity.pdbx_mutation 
_entity.pdbx_fragment 
_entity.details 
1 polymer     syn "5'-R(*GP*GP*CP*GP*AP*CP*(5BU)P*G)-3'"    2660.497 2  ? ? ? 'SL2 STEM-LOOP OF THE HIV-1 PSI-RNA' 
2 polymer     syn "5'-R(*CP*AP*GP*UP*AP*CP*GP*(5IC)P*C)-3'" 2956.655 2  ? ? ? ?                                    
3 non-polymer syn 'MAGNESIUM ION'                           24.305   1  ? ? ? ?                                    
4 water       nat water                                     18.015   81 ? ? ? ?                                    
# 
loop_
_entity_poly.entity_id 
_entity_poly.type 
_entity_poly.nstd_linkage 
_entity_poly.nstd_monomer 
_entity_poly.pdbx_seq_one_letter_code 
_entity_poly.pdbx_seq_one_letter_code_can 
_entity_poly.pdbx_strand_id 
_entity_poly.pdbx_target_identifier 
1 polyribonucleotide no yes 'GGCGAC(5BU)G'  GGCGACUG  A,C ? 
2 polyribonucleotide no yes 'CAGUACG(5IC)C' CAGUACGCC B,D ? 
# 
loop_
_pdbx_entity_nonpoly.entity_id 
_pdbx_entity_nonpoly.name 
_pdbx_entity_nonpoly.comp_id 
3 'MAGNESIUM ION' MG  
4 water           HOH 
# 
loop_
_entity_poly_seq.entity_id 
_entity_poly_seq.num 
_entity_poly_seq.mon_id 
_entity_poly_seq.hetero 
1 1 G   n 
1 2 G   n 
1 3 C   n 
1 4 G   n 
1 5 A   n 
1 6 C   n 
1 7 5BU n 
1 8 G   n 
2 1 C   n 
2 2 A   n 
2 3 G   n 
2 4 U   n 
2 5 A   n 
2 6 C   n 
2 7 G   n 
2 8 5IC n 
2 9 C   n 
# 
_pdbx_entity_src_syn.entity_id              1 
_pdbx_entity_src_syn.pdbx_src_id            1 
_pdbx_entity_src_syn.pdbx_alt_source_flag   sample 
_pdbx_entity_src_syn.pdbx_beg_seq_num       ? 
_pdbx_entity_src_syn.pdbx_end_seq_num       ? 
_pdbx_entity_src_syn.organism_scientific    ? 
_pdbx_entity_src_syn.organism_common_name   ? 
_pdbx_entity_src_syn.ncbi_taxonomy_id       ? 
_pdbx_entity_src_syn.details                'Solid phase phosphoramidite synthesis' 
# 
loop_
_chem_comp.id 
_chem_comp.type 
_chem_comp.mon_nstd_flag 
_chem_comp.name 
_chem_comp.pdbx_synonyms 
_chem_comp.formula 
_chem_comp.formula_weight 
5BU 'RNA linking' n "5-BROMO-URIDINE-5'-MONOPHOSPHATE" ? 'C9 H12 Br N2 O9 P' 403.077 
5IC 'RNA linking' n "5-IODO-CYTIDINE-5'-MONOPHOSPHATE" ? 'C9 H13 I N3 O8 P'  449.093 
A   'RNA linking' y "ADENOSINE-5'-MONOPHOSPHATE"       ? 'C10 H14 N5 O7 P'   347.221 
C   'RNA linking' y "CYTIDINE-5'-MONOPHOSPHATE"        ? 'C9 H14 N3 O8 P'    323.197 
G   'RNA linking' y "GUANOSINE-5'-MONOPHOSPHATE"       ? 'C10 H14 N5 O8 P'   363.221 
HOH non-polymer   . WATER                              ? 'H2 O'              18.015  
MG  non-polymer   . 'MAGNESIUM ION'                    ? 'Mg 2'              24.305  
U   'RNA linking' y "URIDINE-5'-MONOPHOSPHATE"         ? 'C9 H13 N2 O9 P'    324.181 
# 
loop_
_pdbx_poly_seq_scheme.asym_id 
_pdbx_poly_seq_scheme.entity_id 
_pdbx_poly_seq_scheme.seq_id 
_pdbx_poly_seq_scheme.mon_id 
_pdbx_poly_seq_scheme.ndb_seq_num 
_pdbx_poly_seq_scheme.pdb_seq_num 
_pdbx_poly_seq_scheme.auth_seq_num 
_pdbx_poly_seq_scheme.pdb_mon_id 
_pdbx_poly_seq_scheme.auth_mon_id 
_pdbx_poly_seq_scheme.pdb_strand_id 
_pdbx_poly_seq_scheme.pdb_ins_code 
_pdbx_poly_seq_scheme.hetero 
A 1 1 G   1 1  1  G   G   A . n 
A 1 2 G   2 2  2  G   G   A . n 
A 1 3 C   3 3  3  C   C   A . n 
A 1 4 G   4 4  4  G   G   A . n 
A 1 5 A   5 5  5  A   A   A . n 
A 1 6 C   6 6  6  C   C   A . n 
A 1 7 5BU 7 7  7  5BU 5BU A . n 
A 1 8 G   8 8  8  G   G   A . n 
B 2 1 C   1 9  9  C   C   B . n 
B 2 2 A   2 10 10 A   A   B . n 
B 2 3 G   3 11 11 G   G   B . n 
B 2 4 U   4 12 12 U   U   B . n 
B 2 5 A   5 13 13 A   A   B . n 
B 2 6 C   6 14 14 C   C   B . n 
B 2 7 G   7 15 15 G   G   B . n 
B 2 8 5IC 8 16 16 5IC 5IC B . n 
B 2 9 C   9 17 17 C   C   B . n 
C 1 1 G   1 21 21 G   G   C . n 
C 1 2 G   2 22 22 G   G   C . n 
C 1 3 C   3 23 23 C   C   C . n 
C 1 4 G   4 24 24 G   G   C . n 
C 1 5 A   5 25 25 A   A   C . n 
C 1 6 C   6 26 26 C   C   C . n 
C 1 7 5BU 7 27 27 5BU 5BU C . n 
C 1 8 G   8 28 28 G   G   C . n 
D 2 1 C   1 29 29 C   C   D . n 
D 2 2 A   2 30 30 A   A   D . n 
D 2 3 G   3 31 31 G   G   D . n 
D 2 4 U   4 32 32 U   U   D . n 
D 2 5 A   5 33 33 A   A   D . n 
D 2 6 C   6 34 34 C   C   D . n 
D 2 7 G   7 35 35 G   G   D . n 
D 2 8 5IC 8 36 36 5IC 5IC D . n 
D 2 9 C   9 37 37 C   C   D . n 
# 
loop_
_pdbx_nonpoly_scheme.asym_id 
_pdbx_nonpoly_scheme.entity_id 
_pdbx_nonpoly_scheme.mon_id 
_pdbx_nonpoly_scheme.ndb_seq_num 
_pdbx_nonpoly_scheme.pdb_seq_num 
_pdbx_nonpoly_scheme.auth_seq_num 
_pdbx_nonpoly_scheme.pdb_mon_id 
_pdbx_nonpoly_scheme.auth_mon_id 
_pdbx_nonpoly_scheme.pdb_strand_id 
_pdbx_nonpoly_scheme.pdb_ins_code 
E 3 MG  1  300 300 MG  MG  C . 
F 4 HOH 1  316 316 HOH HOH A . 
F 4 HOH 2  319 319 HOH HOH A . 
F 4 HOH 3  322 322 HOH HOH A . 
F 4 HOH 4  327 327 HOH HOH A . 
F 4 HOH 5  328 328 HOH HOH A . 
F 4 HOH 6  332 332 HOH HOH A . 
F 4 HOH 7  333 333 HOH HOH A . 
F 4 HOH 8  336 336 HOH HOH A . 
F 4 HOH 9  342 342 HOH HOH A . 
F 4 HOH 10 343 343 HOH HOH A . 
F 4 HOH 11 355 355 HOH HOH A . 
F 4 HOH 12 361 361 HOH HOH A . 
F 4 HOH 13 363 363 HOH HOH A . 
F 4 HOH 14 365 365 HOH HOH A . 
F 4 HOH 15 368 368 HOH HOH A . 
F 4 HOH 16 369 369 HOH HOH A . 
F 4 HOH 17 373 373 HOH HOH A . 
G 4 HOH 1  307 307 HOH HOH B . 
G 4 HOH 2  308 308 HOH HOH B . 
G 4 HOH 3  312 312 HOH HOH B . 
G 4 HOH 4  314 314 HOH HOH B . 
G 4 HOH 5  315 315 HOH HOH B . 
G 4 HOH 6  321 321 HOH HOH B . 
G 4 HOH 7  326 326 HOH HOH B . 
G 4 HOH 8  330 330 HOH HOH B . 
G 4 HOH 9  334 334 HOH HOH B . 
G 4 HOH 10 335 335 HOH HOH B . 
G 4 HOH 11 344 344 HOH HOH B . 
G 4 HOH 12 345 345 HOH HOH B . 
G 4 HOH 13 346 346 HOH HOH B . 
G 4 HOH 14 350 350 HOH HOH B . 
G 4 HOH 15 351 351 HOH HOH B . 
G 4 HOH 16 352 352 HOH HOH B . 
G 4 HOH 17 353 353 HOH HOH B . 
G 4 HOH 18 358 358 HOH HOH B . 
G 4 HOH 19 359 359 HOH HOH B . 
G 4 HOH 20 364 364 HOH HOH B . 
G 4 HOH 21 366 366 HOH HOH B . 
G 4 HOH 22 367 367 HOH HOH B . 
G 4 HOH 23 377 377 HOH HOH B . 
G 4 HOH 24 378 378 HOH HOH B . 
H 4 HOH 1  301 301 HOH HOH C . 
H 4 HOH 2  302 302 HOH HOH C . 
H 4 HOH 3  303 303 HOH HOH C . 
H 4 HOH 4  304 304 HOH HOH C . 
H 4 HOH 5  306 306 HOH HOH C . 
H 4 HOH 6  309 309 HOH HOH C . 
H 4 HOH 7  313 313 HOH HOH C . 
H 4 HOH 8  317 317 HOH HOH C . 
H 4 HOH 9  323 323 HOH HOH C . 
H 4 HOH 10 324 324 HOH HOH C . 
H 4 HOH 11 329 329 HOH HOH C . 
H 4 HOH 12 337 337 HOH HOH C . 
H 4 HOH 13 338 338 HOH HOH C . 
H 4 HOH 14 339 339 HOH HOH C . 
H 4 HOH 15 347 347 HOH HOH C . 
H 4 HOH 16 357 357 HOH HOH C . 
H 4 HOH 17 362 362 HOH HOH C . 
H 4 HOH 18 371 371 HOH HOH C . 
I 4 HOH 1  305 305 HOH HOH D . 
I 4 HOH 2  310 310 HOH HOH D . 
I 4 HOH 3  311 311 HOH HOH D . 
I 4 HOH 4  318 318 HOH HOH D . 
I 4 HOH 5  320 320 HOH HOH D . 
I 4 HOH 6  325 325 HOH HOH D . 
I 4 HOH 7  331 331 HOH HOH D . 
I 4 HOH 8  340 340 HOH HOH D . 
I 4 HOH 9  341 341 HOH HOH D . 
I 4 HOH 10 348 348 HOH HOH D . 
I 4 HOH 11 349 349 HOH HOH D . 
I 4 HOH 12 354 354 HOH HOH D . 
I 4 HOH 13 356 356 HOH HOH D . 
I 4 HOH 14 360 360 HOH HOH D . 
I 4 HOH 15 370 370 HOH HOH D . 
I 4 HOH 16 372 372 HOH HOH D . 
I 4 HOH 17 374 374 HOH HOH D . 
I 4 HOH 18 375 375 HOH HOH D . 
I 4 HOH 19 376 376 HOH HOH D . 
I 4 HOH 20 379 379 HOH HOH D . 
I 4 HOH 21 380 380 HOH HOH D . 
I 4 HOH 22 381 381 HOH HOH D . 
# 
loop_
_pdbx_unobs_or_zero_occ_atoms.id 
_pdbx_unobs_or_zero_occ_atoms.PDB_model_num 
_pdbx_unobs_or_zero_occ_atoms.polymer_flag 
_pdbx_unobs_or_zero_occ_atoms.occupancy_flag 
_pdbx_unobs_or_zero_occ_atoms.auth_asym_id 
_pdbx_unobs_or_zero_occ_atoms.auth_comp_id 
_pdbx_unobs_or_zero_occ_atoms.auth_seq_id 
_pdbx_unobs_or_zero_occ_atoms.PDB_ins_code 
_pdbx_unobs_or_zero_occ_atoms.auth_atom_id 
_pdbx_unobs_or_zero_occ_atoms.label_alt_id 
_pdbx_unobs_or_zero_occ_atoms.label_asym_id 
_pdbx_unobs_or_zero_occ_atoms.label_comp_id 
_pdbx_unobs_or_zero_occ_atoms.label_seq_id 
_pdbx_unobs_or_zero_occ_atoms.label_atom_id 
1 1 Y 1 B 5IC 16 ? "O2'" ? B 5IC 8 "O2'" 
2 1 Y 1 D 5IC 36 ? "O2'" ? D 5IC 8 "O2'" 
# 
loop_
_software.name 
_software.classification 
_software.version 
_software.citation_id 
_software.pdbx_ordinal 
DENZO     'data reduction' .   ? 1 
SCALEPACK 'data scaling'   .   ? 2 
SOLVE     phasing          .   ? 3 
CNS       refinement       1.0 ? 4 
# 
_cell.entry_id           1JZV 
_cell.length_a           45.800 
_cell.length_b           45.800 
_cell.length_c           89.650 
_cell.angle_alpha        90.00 
_cell.angle_beta         90.00 
_cell.angle_gamma        90.00 
_cell.Z_PDB              16 
_cell.pdbx_unique_axis   ? 
# 
_symmetry.entry_id                         1JZV 
_symmetry.space_group_name_H-M             'P 41 21 2' 
_symmetry.pdbx_full_space_group_name_H-M   ? 
_symmetry.cell_setting                     ? 
_symmetry.Int_Tables_number                92 
# 
_exptl.entry_id          1JZV 
_exptl.method            'X-RAY DIFFRACTION' 
_exptl.crystals_number   1 
# 
_exptl_crystal.id                    1 
_exptl_crystal.density_meas          ? 
_exptl_crystal.density_Matthews      2.09 
_exptl_crystal.density_percent_sol   41.22 
_exptl_crystal.description           ? 
# 
_exptl_crystal_grow.crystal_id      1 
_exptl_crystal_grow.method          'VAPOR DIFFUSION, HANGING DROP' 
_exptl_crystal_grow.temp            298 
_exptl_crystal_grow.temp_details    ? 
_exptl_crystal_grow.pH              6.0 
_exptl_crystal_grow.pdbx_details    'MPD, magnesium chloride, cacodylate, pH 6.0, VAPOR DIFFUSION, HANGING DROP, temperature 298K' 
_exptl_crystal_grow.pdbx_pH_range   . 
# 
loop_
_exptl_crystal_grow_comp.crystal_id 
_exptl_crystal_grow_comp.id 
_exptl_crystal_grow_comp.sol_id 
_exptl_crystal_grow_comp.name 
_exptl_crystal_grow_comp.volume 
_exptl_crystal_grow_comp.conc 
_exptl_crystal_grow_comp.details 
1 1 1 MPD        ? ? ? 
1 2 2 MgCl2      ? ? ? 
1 3 3 cacodylate ? ? ? 
# 
_diffrn.id                     1 
_diffrn.ambient_temp           100 
_diffrn.ambient_temp_details   ? 
_diffrn.crystal_id             1 
# 
_diffrn_detector.diffrn_id              1 
_diffrn_detector.detector               CCD 
_diffrn_detector.type                   'ADSC QUANTUM 4' 
_diffrn_detector.pdbx_collection_date   ? 
_diffrn_detector.details                ? 
# 
_diffrn_radiation.diffrn_id                        1 
_diffrn_radiation.wavelength_id                    1 
_diffrn_radiation.pdbx_monochromatic_or_laue_m_l   M 
_diffrn_radiation.monochromator                    ? 
_diffrn_radiation.pdbx_diffrn_protocol             MAD 
_diffrn_radiation.pdbx_scattering_type             x-ray 
# 
_diffrn_radiation_wavelength.id           1 
_diffrn_radiation_wavelength.wavelength   0.9195 
_diffrn_radiation_wavelength.wt           1.0 
# 
_diffrn_source.diffrn_id                   1 
_diffrn_source.source                      SYNCHROTRON 
_diffrn_source.type                        'APS BEAMLINE 14-BM-D' 
_diffrn_source.pdbx_synchrotron_site       APS 
_diffrn_source.pdbx_synchrotron_beamline   14-BM-D 
_diffrn_source.pdbx_wavelength             ? 
_diffrn_source.pdbx_wavelength_list        0.9195 
# 
_reflns.entry_id                     1JZV 
_reflns.observed_criterion_sigma_I   -3 
_reflns.observed_criterion_sigma_F   ? 
_reflns.d_resolution_low             20 
_reflns.d_resolution_high            1.7 
_reflns.number_obs                   19682 
_reflns.number_all                   ? 
_reflns.percent_possible_obs         98.0 
_reflns.pdbx_Rmerge_I_obs            0.063 
_reflns.pdbx_Rsym_value              ? 
_reflns.pdbx_netI_over_sigmaI        ? 
_reflns.B_iso_Wilson_estimate        ? 
_reflns.pdbx_redundancy              ? 
_reflns.R_free_details               ? 
_reflns.pdbx_diffrn_id               1 
_reflns.pdbx_ordinal                 1 
# 
_refine.entry_id                                 1JZV 
_refine.ls_number_reflns_obs                     19558 
_refine.ls_number_reflns_all                     20028 
_refine.pdbx_ls_sigma_I                          ? 
_refine.pdbx_ls_sigma_F                          2 
_refine.pdbx_data_cutoff_high_absF               ? 
_refine.pdbx_data_cutoff_low_absF                ? 
_refine.ls_d_res_low                             20 
_refine.ls_d_res_high                            1.7 
_refine.ls_percent_reflns_obs                    ? 
_refine.ls_R_factor_obs                          ? 
_refine.ls_R_factor_all                          ? 
_refine.ls_R_factor_R_work                       0.203 
_refine.ls_R_factor_R_free                       0.233 
_refine.ls_R_factor_R_free_error                 ? 
_refine.ls_R_factor_R_free_error_details         ? 
_refine.ls_percent_reflns_R_free                 9.4 
_refine.ls_number_reflns_R_free                  1847 
_refine.ls_number_parameters                     ? 
_refine.ls_number_restraints                     ? 
_refine.occupancy_min                            ? 
_refine.occupancy_max                            ? 
_refine.B_iso_mean                               ? 
_refine.aniso_B[1][1]                            ? 
_refine.aniso_B[2][2]                            ? 
_refine.aniso_B[3][3]                            ? 
_refine.aniso_B[1][2]                            ? 
_refine.aniso_B[1][3]                            ? 
_refine.aniso_B[2][3]                            ? 
_refine.solvent_model_details                    ? 
_refine.solvent_model_param_ksol                 ? 
_refine.solvent_model_param_bsol                 ? 
_refine.pdbx_ls_cross_valid_method               ? 
_refine.details                                  ? 
_refine.pdbx_starting_model                      ? 
_refine.pdbx_method_to_determine_struct          MAD 
_refine.pdbx_isotropic_thermal_model             ? 
_refine.pdbx_stereochemistry_target_values       ? 
_refine.pdbx_stereochem_target_val_spec_case     ? 
_refine.pdbx_R_Free_selection_details            Random 
_refine.pdbx_overall_ESU_R_Free                  ? 
_refine.overall_SU_B                             ? 
_refine.ls_redundancy_reflns_obs                 ? 
_refine.correlation_coeff_Fo_to_Fc               ? 
_refine.correlation_coeff_Fo_to_Fc_free          ? 
_refine.overall_SU_R_Cruickshank_DPI             ? 
_refine.overall_SU_R_free                        ? 
_refine.overall_SU_ML                            ? 
_refine.pdbx_overall_ESU_R                       ? 
_refine.pdbx_data_cutoff_high_rms_absF           ? 
_refine.pdbx_solvent_vdw_probe_radii             ? 
_refine.pdbx_solvent_ion_probe_radii             ? 
_refine.pdbx_solvent_shrinkage_radii             ? 
_refine.pdbx_refine_id                           'X-RAY DIFFRACTION' 
_refine.pdbx_diffrn_id                           1 
_refine.pdbx_TLS_residual_ADP_flag               ? 
_refine.pdbx_overall_phase_error                 ? 
_refine.pdbx_overall_SU_R_free_Cruickshank_DPI   ? 
_refine.pdbx_overall_SU_R_Blow_DPI               ? 
_refine.pdbx_overall_SU_R_free_Blow_DPI          ? 
# 
_refine_hist.pdbx_refine_id                   'X-RAY DIFFRACTION' 
_refine_hist.cycle_id                         LAST 
_refine_hist.pdbx_number_atoms_protein        0 
_refine_hist.pdbx_number_atoms_nucleic_acid   718 
_refine_hist.pdbx_number_atoms_ligand         1 
_refine_hist.number_atoms_solvent             81 
_refine_hist.number_atoms_total               800 
_refine_hist.d_res_high                       1.7 
_refine_hist.d_res_low                        20 
# 
loop_
_refine_ls_restr.type 
_refine_ls_restr.dev_ideal 
_refine_ls_restr.dev_ideal_target 
_refine_ls_restr.weight 
_refine_ls_restr.number 
_refine_ls_restr.pdbx_refine_id 
_refine_ls_restr.pdbx_restraint_function 
c_bond_d    0.014 ? ? ? 'X-RAY DIFFRACTION' ? 
c_angle_deg 1.38  ? ? ? 'X-RAY DIFFRACTION' ? 
# 
_struct.entry_id                  1JZV 
_struct.title                     'Crystal structure of a bulged RNA from the SL2 stem-loop of the HIV-1 psi-RNA' 
_struct.pdbx_model_details        ? 
_struct.pdbx_CASP_flag            ? 
_struct.pdbx_model_type_details   ? 
# 
_struct_keywords.entry_id        1JZV 
_struct_keywords.pdbx_keywords   RNA 
_struct_keywords.text            'A-bulge, A-RNA, HIV-1 SL2, RNA' 
# 
loop_
_struct_asym.id 
_struct_asym.pdbx_blank_PDB_chainid_flag 
_struct_asym.pdbx_modified 
_struct_asym.entity_id 
_struct_asym.details 
A N N 1 ? 
B N N 2 ? 
C N N 1 ? 
D N N 2 ? 
E N N 3 ? 
F N N 4 ? 
G N N 4 ? 
H N N 4 ? 
I N N 4 ? 
# 
loop_
_struct_ref.id 
_struct_ref.entity_id 
_struct_ref.db_name 
_struct_ref.db_code 
_struct_ref.pdbx_db_accession 
_struct_ref.pdbx_db_isoform 
_struct_ref.pdbx_seq_one_letter_code 
_struct_ref.pdbx_align_begin 
1 1 PDB 1JZV 1JZV ? ? ? 
2 2 PDB 1JZV 1JZV ? ? ? 
# 
loop_
_struct_ref_seq.align_id 
_struct_ref_seq.ref_id 
_struct_ref_seq.pdbx_PDB_id_code 
_struct_ref_seq.pdbx_strand_id 
_struct_ref_seq.seq_align_beg 
_struct_ref_seq.pdbx_seq_align_beg_ins_code 
_struct_ref_seq.seq_align_end 
_struct_ref_seq.pdbx_seq_align_end_ins_code 
_struct_ref_seq.pdbx_db_accession 
_struct_ref_seq.db_align_beg 
_struct_ref_seq.pdbx_db_align_beg_ins_code 
_struct_ref_seq.db_align_end 
_struct_ref_seq.pdbx_db_align_end_ins_code 
_struct_ref_seq.pdbx_auth_seq_align_beg 
_struct_ref_seq.pdbx_auth_seq_align_end 
1 1 1JZV A 1 ? 8 ? 1JZV 1  ? 8  ? 1  8  
2 2 1JZV B 1 ? 9 ? 1JZV 9  ? 17 ? 9  17 
3 1 1JZV C 1 ? 8 ? 1JZV 21 ? 28 ? 21 28 
4 2 1JZV D 1 ? 9 ? 1JZV 29 ? 37 ? 29 37 
# 
loop_
_pdbx_struct_assembly.id 
_pdbx_struct_assembly.details 
_pdbx_struct_assembly.method_details 
_pdbx_struct_assembly.oligomeric_details 
_pdbx_struct_assembly.oligomeric_count 
1 author_defined_assembly ? dimeric 2 
2 author_defined_assembly ? dimeric 2 
# 
loop_
_pdbx_struct_assembly_gen.assembly_id 
_pdbx_struct_assembly_gen.oper_expression 
_pdbx_struct_assembly_gen.asym_id_list 
1 1 A,B,F,G   
2 1 C,D,E,H,I 
# 
_pdbx_struct_oper_list.id                   1 
_pdbx_struct_oper_list.type                 'identity operation' 
_pdbx_struct_oper_list.name                 1_555 
_pdbx_struct_oper_list.symmetry_operation   x,y,z 
_pdbx_struct_oper_list.matrix[1][1]         1.0000000000 
_pdbx_struct_oper_list.matrix[1][2]         0.0000000000 
_pdbx_struct_oper_list.matrix[1][3]         0.0000000000 
_pdbx_struct_oper_list.vector[1]            0.0000000000 
_pdbx_struct_oper_list.matrix[2][1]         0.0000000000 
_pdbx_struct_oper_list.matrix[2][2]         1.0000000000 
_pdbx_struct_oper_list.matrix[2][3]         0.0000000000 
_pdbx_struct_oper_list.vector[2]            0.0000000000 
_pdbx_struct_oper_list.matrix[3][1]         0.0000000000 
_pdbx_struct_oper_list.matrix[3][2]         0.0000000000 
_pdbx_struct_oper_list.matrix[3][3]         1.0000000000 
_pdbx_struct_oper_list.vector[3]            0.0000000000 
# 
loop_
_struct_biol.id 
_struct_biol.pdbx_parent_biol_id 
_struct_biol.details 
1 ? ? 
2 ? ? 
# 
loop_
_struct_conn.id 
_struct_conn.conn_type_id 
_struct_conn.pdbx_leaving_atom_flag 
_struct_conn.pdbx_PDB_id 
_struct_conn.ptnr1_label_asym_id 
_struct_conn.ptnr1_label_comp_id 
_struct_conn.ptnr1_label_seq_id 
_struct_conn.ptnr1_label_atom_id 
_struct_conn.pdbx_ptnr1_label_alt_id 
_struct_conn.pdbx_ptnr1_PDB_ins_code 
_struct_conn.pdbx_ptnr1_standard_comp_id 
_struct_conn.ptnr1_symmetry 
_struct_conn.ptnr2_label_asym_id 
_struct_conn.ptnr2_label_comp_id 
_struct_conn.ptnr2_label_seq_id 
_struct_conn.ptnr2_label_atom_id 
_struct_conn.pdbx_ptnr2_label_alt_id 
_struct_conn.pdbx_ptnr2_PDB_ins_code 
_struct_conn.ptnr1_auth_asym_id 
_struct_conn.ptnr1_auth_comp_id 
_struct_conn.ptnr1_auth_seq_id 
_struct_conn.ptnr2_auth_asym_id 
_struct_conn.ptnr2_auth_comp_id 
_struct_conn.ptnr2_auth_seq_id 
_struct_conn.ptnr2_symmetry 
_struct_conn.pdbx_ptnr3_label_atom_id 
_struct_conn.pdbx_ptnr3_label_seq_id 
_struct_conn.pdbx_ptnr3_label_comp_id 
_struct_conn.pdbx_ptnr3_label_asym_id 
_struct_conn.pdbx_ptnr3_label_alt_id 
_struct_conn.pdbx_ptnr3_PDB_ins_code 
_struct_conn.details 
_struct_conn.pdbx_dist_value 
_struct_conn.pdbx_value_order 
_struct_conn.pdbx_role 
covale1  covale both ? A C   6 "O3'" ? ? ? 1_555 A 5BU 7 P  ? ? A C   6   A 5BU 7   1_555 ? ? ? ? ? ? ?             1.601 ? ? 
covale2  covale both ? A 5BU 7 "O3'" ? ? ? 1_555 A G   8 P  ? ? A 5BU 7   A G   8   1_555 ? ? ? ? ? ? ?             1.608 ? ? 
covale3  covale both ? B G   7 "O3'" ? ? ? 1_555 B 5IC 8 P  ? ? B G   15  B 5IC 16  1_555 ? ? ? ? ? ? ?             1.616 ? ? 
covale4  covale both ? B 5IC 8 "O3'" ? ? ? 1_555 B C   9 P  ? ? B 5IC 16  B C   17  1_555 ? ? ? ? ? ? ?             1.602 ? ? 
covale5  covale both ? C C   6 "O3'" ? ? ? 1_555 C 5BU 7 P  ? ? C C   26  C 5BU 27  1_555 ? ? ? ? ? ? ?             1.621 ? ? 
covale6  covale both ? C 5BU 7 "O3'" ? ? ? 1_555 C G   8 P  ? ? C 5BU 27  C G   28  1_555 ? ? ? ? ? ? ?             1.605 ? ? 
covale7  covale both ? D G   7 "O3'" ? ? ? 1_555 D 5IC 8 P  ? ? D G   35  D 5IC 36  1_555 ? ? ? ? ? ? ?             1.591 ? ? 
covale8  covale both ? D 5IC 8 "O3'" ? ? ? 1_555 D C   9 P  ? ? D 5IC 36  D C   37  1_555 ? ? ? ? ? ? ?             1.602 ? ? 
metalc1  metalc ?    ? E MG  . MG    ? ? ? 1_555 H HOH . O  ? ? C MG  300 C HOH 301 1_555 ? ? ? ? ? ? ?             2.202 ? ? 
metalc2  metalc ?    ? E MG  . MG    ? ? ? 1_555 H HOH . O  ? ? C MG  300 C HOH 302 1_555 ? ? ? ? ? ? ?             2.059 ? ? 
metalc3  metalc ?    ? E MG  . MG    ? ? ? 1_555 H HOH . O  ? ? C MG  300 C HOH 303 1_555 ? ? ? ? ? ? ?             2.026 ? ? 
metalc4  metalc ?    ? E MG  . MG    ? ? ? 1_555 H HOH . O  ? ? C MG  300 C HOH 304 1_555 ? ? ? ? ? ? ?             2.263 ? ? 
metalc5  metalc ?    ? E MG  . MG    ? ? ? 1_555 H HOH . O  ? ? C MG  300 C HOH 306 1_555 ? ? ? ? ? ? ?             2.283 ? ? 
metalc6  metalc ?    ? E MG  . MG    ? ? ? 1_555 I HOH . O  ? ? C MG  300 D HOH 305 1_555 ? ? ? ? ? ? ?             2.192 ? ? 
hydrog1  hydrog ?    ? A G   1 N1    ? ? ? 1_555 B C   9 N3 ? ? A G   1   B C   17  1_555 ? ? ? ? ? ? WATSON-CRICK  ?     ? ? 
hydrog2  hydrog ?    ? A G   1 N2    ? ? ? 1_555 B C   9 O2 ? ? A G   1   B C   17  1_555 ? ? ? ? ? ? WATSON-CRICK  ?     ? ? 
hydrog3  hydrog ?    ? A G   1 O6    ? ? ? 1_555 B C   9 N4 ? ? A G   1   B C   17  1_555 ? ? ? ? ? ? WATSON-CRICK  ?     ? ? 
hydrog4  hydrog ?    ? A G   2 N1    ? ? ? 1_555 B 5IC 8 N3 ? ? A G   2   B 5IC 16  1_555 ? ? ? ? ? ? WATSON-CRICK  ?     ? ? 
hydrog5  hydrog ?    ? A G   2 N2    ? ? ? 1_555 B 5IC 8 O2 ? ? A G   2   B 5IC 16  1_555 ? ? ? ? ? ? WATSON-CRICK  ?     ? ? 
hydrog6  hydrog ?    ? A G   2 O6    ? ? ? 1_555 B 5IC 8 N4 ? ? A G   2   B 5IC 16  1_555 ? ? ? ? ? ? WATSON-CRICK  ?     ? ? 
hydrog7  hydrog ?    ? A C   3 N3    ? ? ? 1_555 B G   7 N1 ? ? A C   3   B G   15  1_555 ? ? ? ? ? ? WATSON-CRICK  ?     ? ? 
hydrog8  hydrog ?    ? A C   3 N4    ? ? ? 1_555 B G   7 O6 ? ? A C   3   B G   15  1_555 ? ? ? ? ? ? WATSON-CRICK  ?     ? ? 
hydrog9  hydrog ?    ? A C   3 O2    ? ? ? 1_555 B G   7 N2 ? ? A C   3   B G   15  1_555 ? ? ? ? ? ? WATSON-CRICK  ?     ? ? 
hydrog10 hydrog ?    ? A G   4 N1    ? ? ? 1_555 B C   6 N3 ? ? A G   4   B C   14  1_555 ? ? ? ? ? ? WATSON-CRICK  ?     ? ? 
hydrog11 hydrog ?    ? A G   4 N2    ? ? ? 1_555 B C   6 O2 ? ? A G   4   B C   14  1_555 ? ? ? ? ? ? WATSON-CRICK  ?     ? ? 
hydrog12 hydrog ?    ? A G   4 O6    ? ? ? 1_555 B C   6 N4 ? ? A G   4   B C   14  1_555 ? ? ? ? ? ? WATSON-CRICK  ?     ? ? 
hydrog13 hydrog ?    ? A A   5 N1    ? ? ? 1_555 B U   4 N3 ? ? A A   5   B U   12  1_555 ? ? ? ? ? ? WATSON-CRICK  ?     ? ? 
hydrog14 hydrog ?    ? A A   5 N6    ? ? ? 1_555 B U   4 O4 ? ? A A   5   B U   12  1_555 ? ? ? ? ? ? WATSON-CRICK  ?     ? ? 
hydrog15 hydrog ?    ? A C   6 N3    ? ? ? 1_555 B G   3 N1 ? ? A C   6   B G   11  1_555 ? ? ? ? ? ? WATSON-CRICK  ?     ? ? 
hydrog16 hydrog ?    ? A C   6 N4    ? ? ? 1_555 B G   3 O6 ? ? A C   6   B G   11  1_555 ? ? ? ? ? ? WATSON-CRICK  ?     ? ? 
hydrog17 hydrog ?    ? A C   6 O2    ? ? ? 1_555 B G   3 N2 ? ? A C   6   B G   11  1_555 ? ? ? ? ? ? WATSON-CRICK  ?     ? ? 
hydrog18 hydrog ?    ? A 5BU 7 N3    ? ? ? 1_555 B A   2 N1 ? ? A 5BU 7   B A   10  1_555 ? ? ? ? ? ? WATSON-CRICK  ?     ? ? 
hydrog19 hydrog ?    ? A 5BU 7 O4    ? ? ? 1_555 B A   2 N6 ? ? A 5BU 7   B A   10  1_555 ? ? ? ? ? ? WATSON-CRICK  ?     ? ? 
hydrog20 hydrog ?    ? A G   8 N1    ? ? ? 1_555 B C   1 N3 ? ? A G   8   B C   9   1_555 ? ? ? ? ? ? WATSON-CRICK  ?     ? ? 
hydrog21 hydrog ?    ? A G   8 N2    ? ? ? 1_555 B C   1 O2 ? ? A G   8   B C   9   1_555 ? ? ? ? ? ? WATSON-CRICK  ?     ? ? 
hydrog22 hydrog ?    ? A G   8 O6    ? ? ? 1_555 B C   1 N4 ? ? A G   8   B C   9   1_555 ? ? ? ? ? ? WATSON-CRICK  ?     ? ? 
hydrog23 hydrog ?    ? B G   3 N2    ? ? ? 1_555 D A   5 N3 ? ? B G   11  D A   33  1_555 ? ? ? ? ? ? 'G-A MISPAIR' ?     ? ? 
hydrog24 hydrog ?    ? B A   5 N3    ? ? ? 1_555 D G   3 N2 ? ? B A   13  D G   31  1_555 ? ? ? ? ? ? 'A-G MISPAIR' ?     ? ? 
hydrog25 hydrog ?    ? C G   1 N1    ? ? ? 1_555 D C   9 N3 ? ? C G   21  D C   37  1_555 ? ? ? ? ? ? WATSON-CRICK  ?     ? ? 
hydrog26 hydrog ?    ? C G   1 N2    ? ? ? 1_555 D C   9 O2 ? ? C G   21  D C   37  1_555 ? ? ? ? ? ? WATSON-CRICK  ?     ? ? 
hydrog27 hydrog ?    ? C G   1 O6    ? ? ? 1_555 D C   9 N4 ? ? C G   21  D C   37  1_555 ? ? ? ? ? ? WATSON-CRICK  ?     ? ? 
hydrog28 hydrog ?    ? C G   2 N1    ? ? ? 1_555 D 5IC 8 N3 ? ? C G   22  D 5IC 36  1_555 ? ? ? ? ? ? WATSON-CRICK  ?     ? ? 
hydrog29 hydrog ?    ? C G   2 N2    ? ? ? 1_555 D 5IC 8 O2 ? ? C G   22  D 5IC 36  1_555 ? ? ? ? ? ? WATSON-CRICK  ?     ? ? 
hydrog30 hydrog ?    ? C G   2 O6    ? ? ? 1_555 D 5IC 8 N4 ? ? C G   22  D 5IC 36  1_555 ? ? ? ? ? ? WATSON-CRICK  ?     ? ? 
hydrog31 hydrog ?    ? C C   3 N3    ? ? ? 1_555 D G   7 N1 ? ? C C   23  D G   35  1_555 ? ? ? ? ? ? WATSON-CRICK  ?     ? ? 
hydrog32 hydrog ?    ? C C   3 N4    ? ? ? 1_555 D G   7 O6 ? ? C C   23  D G   35  1_555 ? ? ? ? ? ? WATSON-CRICK  ?     ? ? 
hydrog33 hydrog ?    ? C C   3 O2    ? ? ? 1_555 D G   7 N2 ? ? C C   23  D G   35  1_555 ? ? ? ? ? ? WATSON-CRICK  ?     ? ? 
hydrog34 hydrog ?    ? C G   4 N1    ? ? ? 1_555 D C   6 N3 ? ? C G   24  D C   34  1_555 ? ? ? ? ? ? WATSON-CRICK  ?     ? ? 
hydrog35 hydrog ?    ? C G   4 N2    ? ? ? 1_555 D C   6 O2 ? ? C G   24  D C   34  1_555 ? ? ? ? ? ? WATSON-CRICK  ?     ? ? 
hydrog36 hydrog ?    ? C G   4 O6    ? ? ? 1_555 D C   6 N4 ? ? C G   24  D C   34  1_555 ? ? ? ? ? ? WATSON-CRICK  ?     ? ? 
hydrog37 hydrog ?    ? C A   5 N1    ? ? ? 1_555 D U   4 N3 ? ? C A   25  D U   32  1_555 ? ? ? ? ? ? WATSON-CRICK  ?     ? ? 
hydrog38 hydrog ?    ? C A   5 N6    ? ? ? 1_555 D U   4 O4 ? ? C A   25  D U   32  1_555 ? ? ? ? ? ? WATSON-CRICK  ?     ? ? 
hydrog39 hydrog ?    ? C C   6 N3    ? ? ? 1_555 D G   3 N1 ? ? C C   26  D G   31  1_555 ? ? ? ? ? ? WATSON-CRICK  ?     ? ? 
hydrog40 hydrog ?    ? C C   6 N4    ? ? ? 1_555 D G   3 O6 ? ? C C   26  D G   31  1_555 ? ? ? ? ? ? WATSON-CRICK  ?     ? ? 
hydrog41 hydrog ?    ? C C   6 O2    ? ? ? 1_555 D G   3 N2 ? ? C C   26  D G   31  1_555 ? ? ? ? ? ? WATSON-CRICK  ?     ? ? 
hydrog42 hydrog ?    ? C 5BU 7 N3    ? ? ? 1_555 D A   2 N1 ? ? C 5BU 27  D A   30  1_555 ? ? ? ? ? ? WATSON-CRICK  ?     ? ? 
hydrog43 hydrog ?    ? C 5BU 7 O4    ? ? ? 1_555 D A   2 N6 ? ? C 5BU 27  D A   30  1_555 ? ? ? ? ? ? WATSON-CRICK  ?     ? ? 
hydrog44 hydrog ?    ? C G   8 N1    ? ? ? 1_555 D C   1 N3 ? ? C G   28  D C   29  1_555 ? ? ? ? ? ? WATSON-CRICK  ?     ? ? 
hydrog45 hydrog ?    ? C G   8 N2    ? ? ? 1_555 D C   1 O2 ? ? C G   28  D C   29  1_555 ? ? ? ? ? ? WATSON-CRICK  ?     ? ? 
hydrog46 hydrog ?    ? C G   8 O6    ? ? ? 1_555 D C   1 N4 ? ? C G   28  D C   29  1_555 ? ? ? ? ? ? WATSON-CRICK  ?     ? ? 
# 
loop_
_struct_conn_type.id 
_struct_conn_type.criteria 
_struct_conn_type.reference 
covale ? ? 
metalc ? ? 
hydrog ? ? 
# 
loop_
_pdbx_struct_conn_angle.id 
_pdbx_struct_conn_angle.ptnr1_label_atom_id 
_pdbx_struct_conn_angle.ptnr1_label_alt_id 
_pdbx_struct_conn_angle.ptnr1_label_asym_id 
_pdbx_struct_conn_angle.ptnr1_label_comp_id 
_pdbx_struct_conn_angle.ptnr1_label_seq_id 
_pdbx_struct_conn_angle.ptnr1_auth_atom_id 
_pdbx_struct_conn_angle.ptnr1_auth_asym_id 
_pdbx_struct_conn_angle.ptnr1_auth_comp_id 
_pdbx_struct_conn_angle.ptnr1_auth_seq_id 
_pdbx_struct_conn_angle.ptnr1_PDB_ins_code 
_pdbx_struct_conn_angle.ptnr1_symmetry 
_pdbx_struct_conn_angle.ptnr2_label_atom_id 
_pdbx_struct_conn_angle.ptnr2_label_alt_id 
_pdbx_struct_conn_angle.ptnr2_label_asym_id 
_pdbx_struct_conn_angle.ptnr2_label_comp_id 
_pdbx_struct_conn_angle.ptnr2_label_seq_id 
_pdbx_struct_conn_angle.ptnr2_auth_atom_id 
_pdbx_struct_conn_angle.ptnr2_auth_asym_id 
_pdbx_struct_conn_angle.ptnr2_auth_comp_id 
_pdbx_struct_conn_angle.ptnr2_auth_seq_id 
_pdbx_struct_conn_angle.ptnr2_PDB_ins_code 
_pdbx_struct_conn_angle.ptnr2_symmetry 
_pdbx_struct_conn_angle.ptnr3_label_atom_id 
_pdbx_struct_conn_angle.ptnr3_label_alt_id 
_pdbx_struct_conn_angle.ptnr3_label_asym_id 
_pdbx_struct_conn_angle.ptnr3_label_comp_id 
_pdbx_struct_conn_angle.ptnr3_label_seq_id 
_pdbx_struct_conn_angle.ptnr3_auth_atom_id 
_pdbx_struct_conn_angle.ptnr3_auth_asym_id 
_pdbx_struct_conn_angle.ptnr3_auth_comp_id 
_pdbx_struct_conn_angle.ptnr3_auth_seq_id 
_pdbx_struct_conn_angle.ptnr3_PDB_ins_code 
_pdbx_struct_conn_angle.ptnr3_symmetry 
_pdbx_struct_conn_angle.value 
_pdbx_struct_conn_angle.value_esd 
1  O ? H HOH . ? C HOH 301 ? 1_555 MG ? E MG . ? C MG 300 ? 1_555 O ? H HOH . ? C HOH 302 ? 1_555 90.4  ? 
2  O ? H HOH . ? C HOH 301 ? 1_555 MG ? E MG . ? C MG 300 ? 1_555 O ? H HOH . ? C HOH 303 ? 1_555 94.2  ? 
3  O ? H HOH . ? C HOH 302 ? 1_555 MG ? E MG . ? C MG 300 ? 1_555 O ? H HOH . ? C HOH 303 ? 1_555 90.5  ? 
4  O ? H HOH . ? C HOH 301 ? 1_555 MG ? E MG . ? C MG 300 ? 1_555 O ? H HOH . ? C HOH 304 ? 1_555 168.3 ? 
5  O ? H HOH . ? C HOH 302 ? 1_555 MG ? E MG . ? C MG 300 ? 1_555 O ? H HOH . ? C HOH 304 ? 1_555 78.8  ? 
6  O ? H HOH . ? C HOH 303 ? 1_555 MG ? E MG . ? C MG 300 ? 1_555 O ? H HOH . ? C HOH 304 ? 1_555 81.5  ? 
7  O ? H HOH . ? C HOH 301 ? 1_555 MG ? E MG . ? C MG 300 ? 1_555 O ? H HOH . ? C HOH 306 ? 1_555 100.9 ? 
8  O ? H HOH . ? C HOH 302 ? 1_555 MG ? E MG . ? C MG 300 ? 1_555 O ? H HOH . ? C HOH 306 ? 1_555 167.3 ? 
9  O ? H HOH . ? C HOH 303 ? 1_555 MG ? E MG . ? C MG 300 ? 1_555 O ? H HOH . ? C HOH 306 ? 1_555 83.0  ? 
10 O ? H HOH . ? C HOH 304 ? 1_555 MG ? E MG . ? C MG 300 ? 1_555 O ? H HOH . ? C HOH 306 ? 1_555 89.4  ? 
11 O ? H HOH . ? C HOH 301 ? 1_555 MG ? E MG . ? C MG 300 ? 1_555 O ? I HOH . ? D HOH 305 ? 1_555 93.4  ? 
12 O ? H HOH . ? C HOH 302 ? 1_555 MG ? E MG . ? C MG 300 ? 1_555 O ? I HOH . ? D HOH 305 ? 1_555 90.5  ? 
13 O ? H HOH . ? C HOH 303 ? 1_555 MG ? E MG . ? C MG 300 ? 1_555 O ? I HOH . ? D HOH 305 ? 1_555 172.3 ? 
14 O ? H HOH . ? C HOH 304 ? 1_555 MG ? E MG . ? C MG 300 ? 1_555 O ? I HOH . ? D HOH 305 ? 1_555 91.2  ? 
15 O ? H HOH . ? C HOH 306 ? 1_555 MG ? E MG . ? C MG 300 ? 1_555 O ? I HOH . ? D HOH 305 ? 1_555 94.5  ? 
# 
_struct_site.id                   AC1 
_struct_site.pdbx_evidence_code   Software 
_struct_site.pdbx_auth_asym_id    C 
_struct_site.pdbx_auth_comp_id    MG 
_struct_site.pdbx_auth_seq_id     300 
_struct_site.pdbx_auth_ins_code   ? 
_struct_site.pdbx_num_residues    6 
_struct_site.details              'BINDING SITE FOR RESIDUE MG C 300' 
# 
loop_
_struct_site_gen.id 
_struct_site_gen.site_id 
_struct_site_gen.pdbx_num_res 
_struct_site_gen.label_comp_id 
_struct_site_gen.label_asym_id 
_struct_site_gen.label_seq_id 
_struct_site_gen.pdbx_auth_ins_code 
_struct_site_gen.auth_comp_id 
_struct_site_gen.auth_asym_id 
_struct_site_gen.auth_seq_id 
_struct_site_gen.label_atom_id 
_struct_site_gen.label_alt_id 
_struct_site_gen.symmetry 
_struct_site_gen.details 
1 AC1 6 HOH H . ? HOH C 301 . ? 1_555 ? 
2 AC1 6 HOH H . ? HOH C 302 . ? 1_555 ? 
3 AC1 6 HOH H . ? HOH C 303 . ? 1_555 ? 
4 AC1 6 HOH H . ? HOH C 304 . ? 1_555 ? 
5 AC1 6 HOH H . ? HOH C 306 . ? 1_555 ? 
6 AC1 6 HOH I . ? HOH D 305 . ? 1_555 ? 
# 
loop_
_pdbx_validate_planes.id 
_pdbx_validate_planes.PDB_model_num 
_pdbx_validate_planes.auth_comp_id 
_pdbx_validate_planes.auth_asym_id 
_pdbx_validate_planes.auth_seq_id 
_pdbx_validate_planes.PDB_ins_code 
_pdbx_validate_planes.label_alt_id 
_pdbx_validate_planes.rmsd 
_pdbx_validate_planes.type 
1 1 G C 24 ? ? 0.057 'SIDE CHAIN' 
2 1 C D 29 ? ? 0.072 'SIDE CHAIN' 
# 
loop_
_pdbx_struct_mod_residue.id 
_pdbx_struct_mod_residue.label_asym_id 
_pdbx_struct_mod_residue.label_comp_id 
_pdbx_struct_mod_residue.label_seq_id 
_pdbx_struct_mod_residue.auth_asym_id 
_pdbx_struct_mod_residue.auth_comp_id 
_pdbx_struct_mod_residue.auth_seq_id 
_pdbx_struct_mod_residue.PDB_ins_code 
_pdbx_struct_mod_residue.parent_comp_id 
_pdbx_struct_mod_residue.details 
1 A 5BU 7 A 5BU 7  ? U "5-BROMO-URIDINE-5'-MONOPHOSPHATE" 
2 B 5IC 8 B 5IC 16 ? C "5-IODO-CYTIDINE-5'-MONOPHOSPHATE" 
3 C 5BU 7 C 5BU 27 ? U "5-BROMO-URIDINE-5'-MONOPHOSPHATE" 
4 D 5IC 8 D 5IC 36 ? C "5-IODO-CYTIDINE-5'-MONOPHOSPHATE" 
# 
loop_
_chem_comp_atom.comp_id 
_chem_comp_atom.atom_id 
_chem_comp_atom.type_symbol 
_chem_comp_atom.pdbx_aromatic_flag 
_chem_comp_atom.pdbx_stereo_config 
_chem_comp_atom.pdbx_ordinal 
5BU P      P  N N 1   
5BU OP1    O  N N 2   
5BU OP2    O  N N 3   
5BU OP3    O  N N 4   
5BU "O5'"  O  N N 5   
5BU "C5'"  C  N N 6   
5BU "C4'"  C  N R 7   
5BU "O4'"  O  N N 8   
5BU "C3'"  C  N S 9   
5BU "O3'"  O  N N 10  
5BU "C2'"  C  N R 11  
5BU "O2'"  O  N N 12  
5BU "C1'"  C  N R 13  
5BU N1     N  N N 14  
5BU C2     C  N N 15  
5BU O2     O  N N 16  
5BU N3     N  N N 17  
5BU C4     C  N N 18  
5BU O4     O  N N 19  
5BU C5     C  N N 20  
5BU C6     C  N N 21  
5BU BR     BR N N 22  
5BU HOP2   H  N N 23  
5BU HOP3   H  N N 24  
5BU "H5'"  H  N N 25  
5BU "H5''" H  N N 26  
5BU "H4'"  H  N N 27  
5BU "H3'"  H  N N 28  
5BU "HO3'" H  N N 29  
5BU "H2'"  H  N N 30  
5BU "HO2'" H  N N 31  
5BU "H1'"  H  N N 32  
5BU H3     H  N N 33  
5BU H6     H  N N 34  
5IC "O2'"  O  N N 35  
5IC "C2'"  C  N S 36  
5IC "C3'"  C  N S 37  
5IC "O3'"  O  N N 38  
5IC "C4'"  C  N R 39  
5IC "O4'"  O  N N 40  
5IC "C1'"  C  N R 41  
5IC N1     N  N N 42  
5IC C6     C  N N 43  
5IC C5     C  N N 44  
5IC I      I  N N 45  
5IC C4     C  N N 46  
5IC N3     N  N N 47  
5IC C2     C  N N 48  
5IC O2     O  N N 49  
5IC N4     N  N N 50  
5IC "C5'"  C  N N 51  
5IC "O5'"  O  N N 52  
5IC P      P  N N 53  
5IC OP1    O  N N 54  
5IC OP3    O  N N 55  
5IC OP2    O  N N 56  
5IC "HO2'" H  N N 57  
5IC "H2'"  H  N N 58  
5IC "H3'"  H  N N 59  
5IC "HO3'" H  N N 60  
5IC "H4'"  H  N N 61  
5IC "H1'"  H  N N 62  
5IC H6     H  N N 63  
5IC H41    H  N N 64  
5IC H42    H  N N 65  
5IC "H5'"  H  N N 66  
5IC "H5''" H  N N 67  
5IC HOP3   H  N N 68  
5IC HOP2   H  N N 69  
A   OP3    O  N N 70  
A   P      P  N N 71  
A   OP1    O  N N 72  
A   OP2    O  N N 73  
A   "O5'"  O  N N 74  
A   "C5'"  C  N N 75  
A   "C4'"  C  N R 76  
A   "O4'"  O  N N 77  
A   "C3'"  C  N S 78  
A   "O3'"  O  N N 79  
A   "C2'"  C  N R 80  
A   "O2'"  O  N N 81  
A   "C1'"  C  N R 82  
A   N9     N  Y N 83  
A   C8     C  Y N 84  
A   N7     N  Y N 85  
A   C5     C  Y N 86  
A   C6     C  Y N 87  
A   N6     N  N N 88  
A   N1     N  Y N 89  
A   C2     C  Y N 90  
A   N3     N  Y N 91  
A   C4     C  Y N 92  
A   HOP3   H  N N 93  
A   HOP2   H  N N 94  
A   "H5'"  H  N N 95  
A   "H5''" H  N N 96  
A   "H4'"  H  N N 97  
A   "H3'"  H  N N 98  
A   "HO3'" H  N N 99  
A   "H2'"  H  N N 100 
A   "HO2'" H  N N 101 
A   "H1'"  H  N N 102 
A   H8     H  N N 103 
A   H61    H  N N 104 
A   H62    H  N N 105 
A   H2     H  N N 106 
C   OP3    O  N N 107 
C   P      P  N N 108 
C   OP1    O  N N 109 
C   OP2    O  N N 110 
C   "O5'"  O  N N 111 
C   "C5'"  C  N N 112 
C   "C4'"  C  N R 113 
C   "O4'"  O  N N 114 
C   "C3'"  C  N S 115 
C   "O3'"  O  N N 116 
C   "C2'"  C  N R 117 
C   "O2'"  O  N N 118 
C   "C1'"  C  N R 119 
C   N1     N  N N 120 
C   C2     C  N N 121 
C   O2     O  N N 122 
C   N3     N  N N 123 
C   C4     C  N N 124 
C   N4     N  N N 125 
C   C5     C  N N 126 
C   C6     C  N N 127 
C   HOP3   H  N N 128 
C   HOP2   H  N N 129 
C   "H5'"  H  N N 130 
C   "H5''" H  N N 131 
C   "H4'"  H  N N 132 
C   "H3'"  H  N N 133 
C   "HO3'" H  N N 134 
C   "H2'"  H  N N 135 
C   "HO2'" H  N N 136 
C   "H1'"  H  N N 137 
C   H41    H  N N 138 
C   H42    H  N N 139 
C   H5     H  N N 140 
C   H6     H  N N 141 
G   OP3    O  N N 142 
G   P      P  N N 143 
G   OP1    O  N N 144 
G   OP2    O  N N 145 
G   "O5'"  O  N N 146 
G   "C5'"  C  N N 147 
G   "C4'"  C  N R 148 
G   "O4'"  O  N N 149 
G   "C3'"  C  N S 150 
G   "O3'"  O  N N 151 
G   "C2'"  C  N R 152 
G   "O2'"  O  N N 153 
G   "C1'"  C  N R 154 
G   N9     N  Y N 155 
G   C8     C  Y N 156 
G   N7     N  Y N 157 
G   C5     C  Y N 158 
G   C6     C  N N 159 
G   O6     O  N N 160 
G   N1     N  N N 161 
G   C2     C  N N 162 
G   N2     N  N N 163 
G   N3     N  N N 164 
G   C4     C  Y N 165 
G   HOP3   H  N N 166 
G   HOP2   H  N N 167 
G   "H5'"  H  N N 168 
G   "H5''" H  N N 169 
G   "H4'"  H  N N 170 
G   "H3'"  H  N N 171 
G   "HO3'" H  N N 172 
G   "H2'"  H  N N 173 
G   "HO2'" H  N N 174 
G   "H1'"  H  N N 175 
G   H8     H  N N 176 
G   H1     H  N N 177 
G   H21    H  N N 178 
G   H22    H  N N 179 
HOH O      O  N N 180 
HOH H1     H  N N 181 
HOH H2     H  N N 182 
MG  MG     MG N N 183 
U   OP3    O  N N 184 
U   P      P  N N 185 
U   OP1    O  N N 186 
U   OP2    O  N N 187 
U   "O5'"  O  N N 188 
U   "C5'"  C  N N 189 
U   "C4'"  C  N R 190 
U   "O4'"  O  N N 191 
U   "C3'"  C  N S 192 
U   "O3'"  O  N N 193 
U   "C2'"  C  N R 194 
U   "O2'"  O  N N 195 
U   "C1'"  C  N R 196 
U   N1     N  N N 197 
U   C2     C  N N 198 
U   O2     O  N N 199 
U   N3     N  N N 200 
U   C4     C  N N 201 
U   O4     O  N N 202 
U   C5     C  N N 203 
U   C6     C  N N 204 
U   HOP3   H  N N 205 
U   HOP2   H  N N 206 
U   "H5'"  H  N N 207 
U   "H5''" H  N N 208 
U   "H4'"  H  N N 209 
U   "H3'"  H  N N 210 
U   "HO3'" H  N N 211 
U   "H2'"  H  N N 212 
U   "HO2'" H  N N 213 
U   "H1'"  H  N N 214 
U   H3     H  N N 215 
U   H5     H  N N 216 
U   H6     H  N N 217 
# 
loop_
_chem_comp_bond.comp_id 
_chem_comp_bond.atom_id_1 
_chem_comp_bond.atom_id_2 
_chem_comp_bond.value_order 
_chem_comp_bond.pdbx_aromatic_flag 
_chem_comp_bond.pdbx_stereo_config 
_chem_comp_bond.pdbx_ordinal 
5BU P     OP1    doub N N 1   
5BU P     OP2    sing N N 2   
5BU P     OP3    sing N N 3   
5BU P     "O5'"  sing N N 4   
5BU OP2   HOP2   sing N N 5   
5BU OP3   HOP3   sing N N 6   
5BU "O5'" "C5'"  sing N N 7   
5BU "C5'" "C4'"  sing N N 8   
5BU "C5'" "H5'"  sing N N 9   
5BU "C5'" "H5''" sing N N 10  
5BU "C4'" "O4'"  sing N N 11  
5BU "C4'" "C3'"  sing N N 12  
5BU "C4'" "H4'"  sing N N 13  
5BU "O4'" "C1'"  sing N N 14  
5BU "C3'" "O3'"  sing N N 15  
5BU "C3'" "C2'"  sing N N 16  
5BU "C3'" "H3'"  sing N N 17  
5BU "O3'" "HO3'" sing N N 18  
5BU "C2'" "O2'"  sing N N 19  
5BU "C2'" "C1'"  sing N N 20  
5BU "C2'" "H2'"  sing N N 21  
5BU "O2'" "HO2'" sing N N 22  
5BU "C1'" N1     sing N N 23  
5BU "C1'" "H1'"  sing N N 24  
5BU N1    C2     sing N N 25  
5BU N1    C6     sing N N 26  
5BU C2    O2     doub N N 27  
5BU C2    N3     sing N N 28  
5BU N3    C4     sing N N 29  
5BU N3    H3     sing N N 30  
5BU C4    O4     doub N N 31  
5BU C4    C5     sing N N 32  
5BU C5    C6     doub N N 33  
5BU C5    BR     sing N N 34  
5BU C6    H6     sing N N 35  
5IC "O2'" "C2'"  sing N N 36  
5IC "O2'" "HO2'" sing N N 37  
5IC "C2'" "C3'"  sing N N 38  
5IC "C2'" "C1'"  sing N N 39  
5IC "C2'" "H2'"  sing N N 40  
5IC "C3'" "O3'"  sing N N 41  
5IC "C3'" "C4'"  sing N N 42  
5IC "C3'" "H3'"  sing N N 43  
5IC "O3'" "HO3'" sing N N 44  
5IC "C4'" "O4'"  sing N N 45  
5IC "C4'" "C5'"  sing N N 46  
5IC "C4'" "H4'"  sing N N 47  
5IC "O4'" "C1'"  sing N N 48  
5IC "C1'" N1     sing N N 49  
5IC "C1'" "H1'"  sing N N 50  
5IC N1    C6     sing N N 51  
5IC N1    C2     sing N N 52  
5IC C6    C5     doub N N 53  
5IC C6    H6     sing N N 54  
5IC C5    I      sing N N 55  
5IC C5    C4     sing N N 56  
5IC C4    N3     doub N N 57  
5IC C4    N4     sing N N 58  
5IC N3    C2     sing N N 59  
5IC C2    O2     doub N N 60  
5IC N4    H41    sing N N 61  
5IC N4    H42    sing N N 62  
5IC "C5'" "O5'"  sing N N 63  
5IC "C5'" "H5'"  sing N N 64  
5IC "C5'" "H5''" sing N N 65  
5IC "O5'" P      sing N N 66  
5IC P     OP1    doub N N 67  
5IC P     OP3    sing N N 68  
5IC P     OP2    sing N N 69  
5IC OP3   HOP3   sing N N 70  
5IC OP2   HOP2   sing N N 71  
A   OP3   P      sing N N 72  
A   OP3   HOP3   sing N N 73  
A   P     OP1    doub N N 74  
A   P     OP2    sing N N 75  
A   P     "O5'"  sing N N 76  
A   OP2   HOP2   sing N N 77  
A   "O5'" "C5'"  sing N N 78  
A   "C5'" "C4'"  sing N N 79  
A   "C5'" "H5'"  sing N N 80  
A   "C5'" "H5''" sing N N 81  
A   "C4'" "O4'"  sing N N 82  
A   "C4'" "C3'"  sing N N 83  
A   "C4'" "H4'"  sing N N 84  
A   "O4'" "C1'"  sing N N 85  
A   "C3'" "O3'"  sing N N 86  
A   "C3'" "C2'"  sing N N 87  
A   "C3'" "H3'"  sing N N 88  
A   "O3'" "HO3'" sing N N 89  
A   "C2'" "O2'"  sing N N 90  
A   "C2'" "C1'"  sing N N 91  
A   "C2'" "H2'"  sing N N 92  
A   "O2'" "HO2'" sing N N 93  
A   "C1'" N9     sing N N 94  
A   "C1'" "H1'"  sing N N 95  
A   N9    C8     sing Y N 96  
A   N9    C4     sing Y N 97  
A   C8    N7     doub Y N 98  
A   C8    H8     sing N N 99  
A   N7    C5     sing Y N 100 
A   C5    C6     sing Y N 101 
A   C5    C4     doub Y N 102 
A   C6    N6     sing N N 103 
A   C6    N1     doub Y N 104 
A   N6    H61    sing N N 105 
A   N6    H62    sing N N 106 
A   N1    C2     sing Y N 107 
A   C2    N3     doub Y N 108 
A   C2    H2     sing N N 109 
A   N3    C4     sing Y N 110 
C   OP3   P      sing N N 111 
C   OP3   HOP3   sing N N 112 
C   P     OP1    doub N N 113 
C   P     OP2    sing N N 114 
C   P     "O5'"  sing N N 115 
C   OP2   HOP2   sing N N 116 
C   "O5'" "C5'"  sing N N 117 
C   "C5'" "C4'"  sing N N 118 
C   "C5'" "H5'"  sing N N 119 
C   "C5'" "H5''" sing N N 120 
C   "C4'" "O4'"  sing N N 121 
C   "C4'" "C3'"  sing N N 122 
C   "C4'" "H4'"  sing N N 123 
C   "O4'" "C1'"  sing N N 124 
C   "C3'" "O3'"  sing N N 125 
C   "C3'" "C2'"  sing N N 126 
C   "C3'" "H3'"  sing N N 127 
C   "O3'" "HO3'" sing N N 128 
C   "C2'" "O2'"  sing N N 129 
C   "C2'" "C1'"  sing N N 130 
C   "C2'" "H2'"  sing N N 131 
C   "O2'" "HO2'" sing N N 132 
C   "C1'" N1     sing N N 133 
C   "C1'" "H1'"  sing N N 134 
C   N1    C2     sing N N 135 
C   N1    C6     sing N N 136 
C   C2    O2     doub N N 137 
C   C2    N3     sing N N 138 
C   N3    C4     doub N N 139 
C   C4    N4     sing N N 140 
C   C4    C5     sing N N 141 
C   N4    H41    sing N N 142 
C   N4    H42    sing N N 143 
C   C5    C6     doub N N 144 
C   C5    H5     sing N N 145 
C   C6    H6     sing N N 146 
G   OP3   P      sing N N 147 
G   OP3   HOP3   sing N N 148 
G   P     OP1    doub N N 149 
G   P     OP2    sing N N 150 
G   P     "O5'"  sing N N 151 
G   OP2   HOP2   sing N N 152 
G   "O5'" "C5'"  sing N N 153 
G   "C5'" "C4'"  sing N N 154 
G   "C5'" "H5'"  sing N N 155 
G   "C5'" "H5''" sing N N 156 
G   "C4'" "O4'"  sing N N 157 
G   "C4'" "C3'"  sing N N 158 
G   "C4'" "H4'"  sing N N 159 
G   "O4'" "C1'"  sing N N 160 
G   "C3'" "O3'"  sing N N 161 
G   "C3'" "C2'"  sing N N 162 
G   "C3'" "H3'"  sing N N 163 
G   "O3'" "HO3'" sing N N 164 
G   "C2'" "O2'"  sing N N 165 
G   "C2'" "C1'"  sing N N 166 
G   "C2'" "H2'"  sing N N 167 
G   "O2'" "HO2'" sing N N 168 
G   "C1'" N9     sing N N 169 
G   "C1'" "H1'"  sing N N 170 
G   N9    C8     sing Y N 171 
G   N9    C4     sing Y N 172 
G   C8    N7     doub Y N 173 
G   C8    H8     sing N N 174 
G   N7    C5     sing Y N 175 
G   C5    C6     sing N N 176 
G   C5    C4     doub Y N 177 
G   C6    O6     doub N N 178 
G   C6    N1     sing N N 179 
G   N1    C2     sing N N 180 
G   N1    H1     sing N N 181 
G   C2    N2     sing N N 182 
G   C2    N3     doub N N 183 
G   N2    H21    sing N N 184 
G   N2    H22    sing N N 185 
G   N3    C4     sing N N 186 
HOH O     H1     sing N N 187 
HOH O     H2     sing N N 188 
U   OP3   P      sing N N 189 
U   OP3   HOP3   sing N N 190 
U   P     OP1    doub N N 191 
U   P     OP2    sing N N 192 
U   P     "O5'"  sing N N 193 
U   OP2   HOP2   sing N N 194 
U   "O5'" "C5'"  sing N N 195 
U   "C5'" "C4'"  sing N N 196 
U   "C5'" "H5'"  sing N N 197 
U   "C5'" "H5''" sing N N 198 
U   "C4'" "O4'"  sing N N 199 
U   "C4'" "C3'"  sing N N 200 
U   "C4'" "H4'"  sing N N 201 
U   "O4'" "C1'"  sing N N 202 
U   "C3'" "O3'"  sing N N 203 
U   "C3'" "C2'"  sing N N 204 
U   "C3'" "H3'"  sing N N 205 
U   "O3'" "HO3'" sing N N 206 
U   "C2'" "O2'"  sing N N 207 
U   "C2'" "C1'"  sing N N 208 
U   "C2'" "H2'"  sing N N 209 
U   "O2'" "HO2'" sing N N 210 
U   "C1'" N1     sing N N 211 
U   "C1'" "H1'"  sing N N 212 
U   N1    C2     sing N N 213 
U   N1    C6     sing N N 214 
U   C2    O2     doub N N 215 
U   C2    N3     sing N N 216 
U   N3    C4     sing N N 217 
U   N3    H3     sing N N 218 
U   C4    O4     doub N N 219 
U   C4    C5     sing N N 220 
U   C5    C6     doub N N 221 
U   C5    H5     sing N N 222 
U   C6    H6     sing N N 223 
# 
loop_
_ndb_struct_conf_na.entry_id 
_ndb_struct_conf_na.feature 
1JZV 'double helix'        
1JZV 'a-form double helix' 
1JZV 'bulge loop'          
# 
loop_
_ndb_struct_na_base_pair.model_number 
_ndb_struct_na_base_pair.i_label_asym_id 
_ndb_struct_na_base_pair.i_label_comp_id 
_ndb_struct_na_base_pair.i_label_seq_id 
_ndb_struct_na_base_pair.i_symmetry 
_ndb_struct_na_base_pair.j_label_asym_id 
_ndb_struct_na_base_pair.j_label_comp_id 
_ndb_struct_na_base_pair.j_label_seq_id 
_ndb_struct_na_base_pair.j_symmetry 
_ndb_struct_na_base_pair.shear 
_ndb_struct_na_base_pair.stretch 
_ndb_struct_na_base_pair.stagger 
_ndb_struct_na_base_pair.buckle 
_ndb_struct_na_base_pair.propeller 
_ndb_struct_na_base_pair.opening 
_ndb_struct_na_base_pair.pair_number 
_ndb_struct_na_base_pair.pair_name 
_ndb_struct_na_base_pair.i_auth_asym_id 
_ndb_struct_na_base_pair.i_auth_seq_id 
_ndb_struct_na_base_pair.i_PDB_ins_code 
_ndb_struct_na_base_pair.j_auth_asym_id 
_ndb_struct_na_base_pair.j_auth_seq_id 
_ndb_struct_na_base_pair.j_PDB_ins_code 
_ndb_struct_na_base_pair.hbond_type_28 
_ndb_struct_na_base_pair.hbond_type_12 
1 A G   1 1_555 B C   9 1_555 -0.221 -0.223 0.035  -4.792  -8.832  -3.201 1  A_G1:C17_B    A 1  ? B 17 ? 19 1 
1 A G   2 1_555 B 5IC 8 1_555 -0.522 -0.104 0.076  -4.921  -12.594 1.326  2  A_G2:5IC16_B  A 2  ? B 16 ? 19 1 
1 A C   3 1_555 B G   7 1_555 0.194  -0.185 0.204  -0.620  -6.523  1.263  3  A_C3:G15_B    A 3  ? B 15 ? 19 1 
1 A G   4 1_555 B C   6 1_555 -0.197 -0.162 0.305  8.927   0.354   2.316  4  A_G4:C14_B    A 4  ? B 14 ? 19 1 
1 A A   5 1_555 B U   4 1_555 0.090  0.027  0.077  10.080  -14.818 -7.134 5  A_A5:U12_B    A 5  ? B 12 ? 20 1 
1 A C   6 1_555 B G   3 1_555 0.335  -0.093 0.023  8.752   -18.467 4.043  6  A_C6:G11_B    A 6  ? B 11 ? 19 1 
1 A 5BU 7 1_555 B A   2 1_555 -0.124 -0.116 -0.138 5.821   -12.291 2.835  7  A_5BU7:A10_B  A 7  ? B 10 ? 20 1 
1 A G   8 1_555 B C   1 1_555 -0.114 -0.144 0.141  5.538   -7.456  -0.291 8  A_G8:C9_B     A 8  ? B 9  ? 19 1 
1 C G   1 1_555 D C   9 1_555 -0.343 -0.234 -0.017 -3.107  -14.951 0.654  9  C_G21:C37_D   C 21 ? D 37 ? 19 1 
1 C G   2 1_555 D 5IC 8 1_555 -0.620 0.003  -0.180 -10.612 -12.778 3.748  10 C_G22:5IC36_D C 22 ? D 36 ? 19 1 
1 C C   3 1_555 D G   7 1_555 0.121  -0.074 -0.078 -4.713  -9.240  -0.584 11 C_C23:G35_D   C 23 ? D 35 ? 19 1 
1 C G   4 1_555 D C   6 1_555 -0.152 -0.081 0.294  8.079   0.694   2.467  12 C_G24:C34_D   C 24 ? D 34 ? 19 1 
1 C A   5 1_555 D U   4 1_555 0.099  -0.073 0.057  9.865   -15.159 -3.846 13 C_A25:U32_D   C 25 ? D 32 ? 20 1 
1 C C   6 1_555 D G   3 1_555 0.405  -0.201 0.142  7.505   -18.315 2.380  14 C_C26:G31_D   C 26 ? D 31 ? 19 1 
1 C 5BU 7 1_555 D A   2 1_555 -0.258 -0.125 -0.112 -3.322  -14.393 1.938  15 C_5BU27:A30_D C 27 ? D 30 ? 20 1 
1 C G   8 1_555 D C   1 1_555 -0.231 -0.120 0.196  -0.903  -2.730  1.274  16 C_G28:C29_D   C 28 ? D 29 ? 19 1 
# 
loop_
_ndb_struct_na_base_pair_step.model_number 
_ndb_struct_na_base_pair_step.i_label_asym_id_1 
_ndb_struct_na_base_pair_step.i_label_comp_id_1 
_ndb_struct_na_base_pair_step.i_label_seq_id_1 
_ndb_struct_na_base_pair_step.i_symmetry_1 
_ndb_struct_na_base_pair_step.j_label_asym_id_1 
_ndb_struct_na_base_pair_step.j_label_comp_id_1 
_ndb_struct_na_base_pair_step.j_label_seq_id_1 
_ndb_struct_na_base_pair_step.j_symmetry_1 
_ndb_struct_na_base_pair_step.i_label_asym_id_2 
_ndb_struct_na_base_pair_step.i_label_comp_id_2 
_ndb_struct_na_base_pair_step.i_label_seq_id_2 
_ndb_struct_na_base_pair_step.i_symmetry_2 
_ndb_struct_na_base_pair_step.j_label_asym_id_2 
_ndb_struct_na_base_pair_step.j_label_comp_id_2 
_ndb_struct_na_base_pair_step.j_label_seq_id_2 
_ndb_struct_na_base_pair_step.j_symmetry_2 
_ndb_struct_na_base_pair_step.shift 
_ndb_struct_na_base_pair_step.slide 
_ndb_struct_na_base_pair_step.rise 
_ndb_struct_na_base_pair_step.tilt 
_ndb_struct_na_base_pair_step.roll 
_ndb_struct_na_base_pair_step.twist 
_ndb_struct_na_base_pair_step.x_displacement 
_ndb_struct_na_base_pair_step.y_displacement 
_ndb_struct_na_base_pair_step.helical_rise 
_ndb_struct_na_base_pair_step.inclination 
_ndb_struct_na_base_pair_step.tip 
_ndb_struct_na_base_pair_step.helical_twist 
_ndb_struct_na_base_pair_step.step_number 
_ndb_struct_na_base_pair_step.step_name 
_ndb_struct_na_base_pair_step.i_auth_asym_id_1 
_ndb_struct_na_base_pair_step.i_auth_seq_id_1 
_ndb_struct_na_base_pair_step.i_PDB_ins_code_1 
_ndb_struct_na_base_pair_step.j_auth_asym_id_1 
_ndb_struct_na_base_pair_step.j_auth_seq_id_1 
_ndb_struct_na_base_pair_step.j_PDB_ins_code_1 
_ndb_struct_na_base_pair_step.i_auth_asym_id_2 
_ndb_struct_na_base_pair_step.i_auth_seq_id_2 
_ndb_struct_na_base_pair_step.i_PDB_ins_code_2 
_ndb_struct_na_base_pair_step.j_auth_asym_id_2 
_ndb_struct_na_base_pair_step.j_auth_seq_id_2 
_ndb_struct_na_base_pair_step.j_PDB_ins_code_2 
1 A G   1 1_555 B C   9 1_555 A G   2 1_555 B 5IC 8 1_555 0.160  -1.647 3.166 0.297  6.355  32.060 -3.941 -0.237 2.798 11.367 
-0.531 32.669 1  AA_G1G2:5IC16C17_BB   A 1  ? B 17 ? A 2  ? B 16 ? 
1 A G   2 1_555 B 5IC 8 1_555 A C   3 1_555 B G   7 1_555 0.619  -1.687 3.180 0.870  0.538  33.440 -3.017 -0.936 3.168 0.934  
-1.512 33.455 2  AA_G2C3:G155IC16_BB   A 2  ? B 16 ? A 3  ? B 15 ? 
1 A C   3 1_555 B G   7 1_555 A G   4 1_555 B C   6 1_555 0.528  -2.104 2.922 -2.181 0.987  24.718 -5.153 -1.803 2.781 2.298  
5.079  24.831 3  AA_C3G4:C14G15_BB     A 3  ? B 15 ? A 4  ? B 14 ? 
1 A G   4 1_555 B C   6 1_555 A A   5 1_555 B U   4 1_555 0.832  -2.398 3.181 -2.292 6.329  45.461 -3.575 -1.248 2.798 8.136  
2.947  45.931 4  AA_G4A5:U12C14_BB     A 4  ? B 14 ? A 5  ? B 12 ? 
1 A A   5 1_555 B U   4 1_555 A C   6 1_555 B G   3 1_555 0.940  -1.715 3.168 -0.685 4.519  36.335 -3.311 -1.584 2.923 7.212  
1.093  36.611 5  AA_A5C6:G11U12_BB     A 5  ? B 12 ? A 6  ? B 11 ? 
1 A C   6 1_555 B G   3 1_555 A 5BU 7 1_555 B A   2 1_555 -0.740 -2.313 3.318 -0.457 8.792  28.155 -6.257 1.365  2.508 17.538 
0.911  29.473 6  AA_C65BU7:A10G11_BB   A 6  ? B 11 ? A 7  ? B 10 ? 
1 A 5BU 7 1_555 B A   2 1_555 A G   8 1_555 B C   1 1_555 -0.040 -1.608 3.190 -2.419 12.605 30.376 -4.738 -0.294 2.351 22.818 
4.379  32.918 7  AA_5BU7G8:C9A10_BB    A 7  ? B 10 ? A 8  ? B 9  ? 
1 C G   1 1_555 D C   9 1_555 C G   2 1_555 D 5IC 8 1_555 0.081  -2.200 3.342 -1.167 10.307 30.181 -5.722 -0.342 2.471 19.098 
2.162  31.874 8  CC_G21G22:5IC36C37_DD C 21 ? D 37 ? C 22 ? D 36 ? 
1 C G   2 1_555 D 5IC 8 1_555 C C   3 1_555 D G   7 1_555 -0.824 -1.053 3.101 -1.667 6.519  33.542 -2.742 1.158  2.887 11.157 
2.852  34.191 9  CC_G22C23:G355IC36_DD C 22 ? D 36 ? C 23 ? D 35 ? 
1 C C   3 1_555 D G   7 1_555 C G   4 1_555 D C   6 1_555 1.089  -2.064 2.882 -3.554 6.811  24.964 -6.012 -3.164 2.082 15.301 
7.983  26.102 10 CC_C23G24:C34G35_DD   C 23 ? D 35 ? C 24 ? D 34 ? 
1 C G   4 1_555 D C   6 1_555 C A   5 1_555 D U   4 1_555 0.998  -2.511 3.130 -1.400 11.662 41.164 -4.442 -1.489 2.333 16.193 
1.944  42.737 11 CC_G24A25:U32C34_DD   C 24 ? D 34 ? C 25 ? D 32 ? 
1 C A   5 1_555 D U   4 1_555 C C   6 1_555 D G   3 1_555 0.697  -1.655 3.183 -0.804 4.567  36.538 -3.204 -1.206 2.946 7.248  
1.276  36.821 12 CC_A25C26:G31U32_DD   C 25 ? D 32 ? C 26 ? D 31 ? 
1 C C   6 1_555 D G   3 1_555 C 5BU 7 1_555 D A   2 1_555 -0.962 -2.285 3.497 1.916  10.124 27.541 -6.551 2.284  2.449 20.384 
-3.858 29.370 13 CC_C265BU27:A30G31_DD C 26 ? D 31 ? C 27 ? D 30 ? 
1 C 5BU 7 1_555 D A   2 1_555 C G   8 1_555 D C   1 1_555 0.657  -1.377 3.077 -1.321 10.331 31.946 -3.867 -1.328 2.495 18.176 
2.324  33.559 14 CC_5BU27G28:C29A30_DD C 27 ? D 30 ? C 28 ? D 29 ? 
# 
_atom_sites.entry_id                    1JZV 
_atom_sites.fract_transf_matrix[1][1]   -0.01541789 
_atom_sites.fract_transf_matrix[1][2]   -0.00447613 
_atom_sites.fract_transf_matrix[1][3]   -0.01479786 
_atom_sites.fract_transf_matrix[2][1]   -0.00247673 
_atom_sites.fract_transf_matrix[2][2]   0.02134404 
_atom_sites.fract_transf_matrix[2][3]   -0.00387574 
_atom_sites.fract_transf_matrix[3][1]   0.00779582 
_atom_sites.fract_transf_matrix[3][2]   -0.00054061 
_atom_sites.fract_transf_matrix[3][3]   -0.00795894 
_atom_sites.fract_transf_vector[1]      0.183367 
_atom_sites.fract_transf_vector[2]      0.492064 
_atom_sites.fract_transf_vector[3]      0.857599 
# 
loop_
_atom_type.symbol 
BR 
C  
I  
MG 
N  
O  
P  
# 
loop_
_atom_site.group_PDB 
_atom_site.id 
_atom_site.type_symbol 
_atom_site.label_atom_id 
_atom_site.label_alt_id 
_atom_site.label_comp_id 
_atom_site.label_asym_id 
_atom_site.label_entity_id 
_atom_site.label_seq_id 
_atom_site.pdbx_PDB_ins_code 
_atom_site.Cartn_x 
_atom_site.Cartn_y 
_atom_site.Cartn_z 
_atom_site.occupancy 
_atom_site.B_iso_or_equiv 
_atom_site.pdbx_formal_charge 
_atom_site.auth_seq_id 
_atom_site.auth_comp_id 
_atom_site.auth_asym_id 
_atom_site.auth_atom_id 
_atom_site.pdbx_PDB_model_num 
ATOM   1   O  "O5'" . G   A 1 1 ? 3.671   14.755  -12.668 1.00 27.24 ? 1   G   A "O5'" 1 
ATOM   2   C  "C5'" . G   A 1 1 ? 3.359   15.807  -13.593 1.00 25.72 ? 1   G   A "C5'" 1 
ATOM   3   C  "C4'" . G   A 1 1 ? 2.376   15.319  -14.632 1.00 26.87 ? 1   G   A "C4'" 1 
ATOM   4   O  "O4'" . G   A 1 1 ? 2.983   14.214  -15.362 1.00 25.21 ? 1   G   A "O4'" 1 
ATOM   5   C  "C3'" . G   A 1 1 ? 1.080   14.728  -14.092 1.00 23.79 ? 1   G   A "C3'" 1 
ATOM   6   O  "O3'" . G   A 1 1 ? 0.126   15.744  -13.802 1.00 27.86 ? 1   G   A "O3'" 1 
ATOM   7   C  "C2'" . G   A 1 1 ? 0.625   13.857  -15.257 1.00 23.53 ? 1   G   A "C2'" 1 
ATOM   8   O  "O2'" . G   A 1 1 ? 0.034   14.581  -16.331 1.00 23.32 ? 1   G   A "O2'" 1 
ATOM   9   C  "C1'" . G   A 1 1 ? 1.967   13.260  -15.695 1.00 24.46 ? 1   G   A "C1'" 1 
ATOM   10  N  N9    . G   A 1 1 ? 2.231   12.030  -14.959 1.00 22.82 ? 1   G   A N9    1 
ATOM   11  C  C8    . G   A 1 1 ? 3.159   11.840  -13.954 1.00 20.07 ? 1   G   A C8    1 
ATOM   12  N  N7    . G   A 1 1 ? 3.166   10.624  -13.488 1.00 21.03 ? 1   G   A N7    1 
ATOM   13  C  C5    . G   A 1 1 ? 2.191   9.968   -14.231 1.00 21.04 ? 1   G   A C5    1 
ATOM   14  C  C6    . G   A 1 1 ? 1.772   8.615   -14.190 1.00 22.17 ? 1   G   A C6    1 
ATOM   15  O  O6    . G   A 1 1 ? 2.191   7.701   -13.462 1.00 21.82 ? 1   G   A O6    1 
ATOM   16  N  N1    . G   A 1 1 ? 0.767   8.367   -15.111 1.00 21.87 ? 1   G   A N1    1 
ATOM   17  C  C2    . G   A 1 1 ? 0.231   9.297   -15.971 1.00 20.17 ? 1   G   A C2    1 
ATOM   18  N  N2    . G   A 1 1 ? -0.722  8.855   -16.810 1.00 23.61 ? 1   G   A N2    1 
ATOM   19  N  N3    . G   A 1 1 ? 0.608   10.570  -16.018 1.00 21.87 ? 1   G   A N3    1 
ATOM   20  C  C4    . G   A 1 1 ? 1.594   10.828  -15.130 1.00 19.91 ? 1   G   A C4    1 
ATOM   21  P  P     . G   A 1 2 ? -0.982  15.503  -12.667 1.00 29.22 ? 2   G   A P     1 
ATOM   22  O  OP1   . G   A 1 2 ? -1.672  16.816  -12.503 1.00 32.32 ? 2   G   A OP1   1 
ATOM   23  O  OP2   . G   A 1 2 ? -0.378  14.841  -11.475 1.00 27.35 ? 2   G   A OP2   1 
ATOM   24  O  "O5'" . G   A 1 2 ? -2.001  14.457  -13.301 1.00 24.90 ? 2   G   A "O5'" 1 
ATOM   25  C  "C5'" . G   A 1 2 ? -2.832  14.807  -14.403 1.00 24.20 ? 2   G   A "C5'" 1 
ATOM   26  C  "C4'" . G   A 1 2 ? -3.617  13.600  -14.854 1.00 26.32 ? 2   G   A "C4'" 1 
ATOM   27  O  "O4'" . G   A 1 2 ? -2.700  12.564  -15.323 1.00 23.00 ? 2   G   A "O4'" 1 
ATOM   28  C  "C3'" . G   A 1 2 ? -4.402  12.889  -13.762 1.00 25.53 ? 2   G   A "C3'" 1 
ATOM   29  O  "O3'" . G   A 1 2 ? -5.631  13.538  -13.455 1.00 27.03 ? 2   G   A "O3'" 1 
ATOM   30  C  "C2'" . G   A 1 2 ? -4.610  11.519  -14.383 1.00 23.69 ? 2   G   A "C2'" 1 
ATOM   31  O  "O2'" . G   A 1 2 ? -5.595  11.524  -15.399 1.00 22.79 ? 2   G   A "O2'" 1 
ATOM   32  C  "C1'" . G   A 1 2 ? -3.234  11.281  -14.998 1.00 22.53 ? 2   G   A "C1'" 1 
ATOM   33  N  N9    . G   A 1 2 ? -2.348  10.632  -14.030 1.00 21.37 ? 2   G   A N9    1 
ATOM   34  C  C8    . G   A 1 2 ? -1.364  11.216  -13.280 1.00 19.49 ? 2   G   A C8    1 
ATOM   35  N  N7    . G   A 1 2 ? -0.753  10.369  -12.492 1.00 20.27 ? 2   G   A N7    1 
ATOM   36  C  C5    . G   A 1 2 ? -1.366  9.152   -12.752 1.00 19.78 ? 2   G   A C5    1 
ATOM   37  C  C6    . G   A 1 2 ? -1.107  7.859   -12.220 1.00 20.52 ? 2   G   A C6    1 
ATOM   38  O  O6    . G   A 1 2 ? -0.250  7.536   -11.401 1.00 19.11 ? 2   G   A O6    1 
ATOM   39  N  N1    . G   A 1 2 ? -1.968  6.901   -12.750 1.00 21.95 ? 2   G   A N1    1 
ATOM   40  C  C2    . G   A 1 2 ? -2.948  7.160   -13.682 1.00 20.73 ? 2   G   A C2    1 
ATOM   41  N  N2    . G   A 1 2 ? -3.732  6.109   -14.078 1.00 21.73 ? 2   G   A N2    1 
ATOM   42  N  N3    . G   A 1 2 ? -3.171  8.361   -14.198 1.00 20.74 ? 2   G   A N3    1 
ATOM   43  C  C4    . G   A 1 2 ? -2.355  9.295   -13.692 1.00 19.53 ? 2   G   A C4    1 
ATOM   44  P  P     . C   A 1 3 ? -6.189  13.497  -11.951 1.00 27.65 ? 3   C   A P     1 
ATOM   45  O  OP1   . C   A 1 3 ? -7.441  14.322  -11.959 1.00 31.05 ? 3   C   A OP1   1 
ATOM   46  O  OP2   . C   A 1 3 ? -5.063  13.870  -11.036 1.00 24.60 ? 3   C   A OP2   1 
ATOM   47  O  "O5'" . C   A 1 3 ? -6.596  11.980  -11.728 1.00 26.10 ? 3   C   A "O5'" 1 
ATOM   48  C  "C5'" . C   A 1 3 ? -7.573  11.380  -12.554 1.00 24.36 ? 3   C   A "C5'" 1 
ATOM   49  C  "C4'" . C   A 1 3 ? -7.677  9.908   -12.262 1.00 25.23 ? 3   C   A "C4'" 1 
ATOM   50  O  "O4'" . C   A 1 3 ? -6.427  9.270   -12.633 1.00 24.54 ? 3   C   A "O4'" 1 
ATOM   51  C  "C3'" . C   A 1 3 ? -7.826  9.483   -10.807 1.00 25.90 ? 3   C   A "C3'" 1 
ATOM   52  O  "O3'" . C   A 1 3 ? -9.137  9.667   -10.301 1.00 25.62 ? 3   C   A "O3'" 1 
ATOM   53  C  "C2'" . C   A 1 3 ? -7.468  8.011   -10.920 1.00 21.97 ? 3   C   A "C2'" 1 
ATOM   54  O  "O2'" . C   A 1 3 ? -8.474  7.223   -11.525 1.00 21.92 ? 3   C   A "O2'" 1 
ATOM   55  C  "C1'" . C   A 1 3 ? -6.258  8.093   -11.852 1.00 25.24 ? 3   C   A "C1'" 1 
ATOM   56  N  N1    . C   A 1 3 ? -5.037  8.224   -11.050 1.00 21.55 ? 3   C   A N1    1 
ATOM   57  C  C2    . C   A 1 3 ? -4.504  7.064   -10.502 1.00 21.09 ? 3   C   A C2    1 
ATOM   58  O  O2    . C   A 1 3 ? -5.052  5.974   -10.765 1.00 20.77 ? 3   C   A O2    1 
ATOM   59  N  N3    . C   A 1 3 ? -3.429  7.151   -9.697  1.00 19.74 ? 3   C   A N3    1 
ATOM   60  C  C4    . C   A 1 3 ? -2.887  8.342   -9.426  1.00 22.71 ? 3   C   A C4    1 
ATOM   61  N  N4    . C   A 1 3 ? -1.839  8.376   -8.588  1.00 22.95 ? 3   C   A N4    1 
ATOM   62  C  C5    . C   A 1 3 ? -3.394  9.546   -9.998  1.00 22.11 ? 3   C   A C5    1 
ATOM   63  C  C6    . C   A 1 3 ? -4.459  9.436   -10.809 1.00 21.98 ? 3   C   A C6    1 
ATOM   64  P  P     . G   A 1 4 ? -9.362  9.899   -8.719  1.00 26.56 ? 4   G   A P     1 
ATOM   65  O  OP1   . G   A 1 4 ? -10.769 10.362  -8.645  1.00 28.13 ? 4   G   A OP1   1 
ATOM   66  O  OP2   . G   A 1 4 ? -8.284  10.728  -8.177  1.00 26.78 ? 4   G   A OP2   1 
ATOM   67  O  "O5'" . G   A 1 4 ? -9.272  8.458   -8.053  1.00 24.44 ? 4   G   A "O5'" 1 
ATOM   68  C  "C5'" . G   A 1 4 ? -10.094 7.411   -8.508  1.00 22.39 ? 4   G   A "C5'" 1 
ATOM   69  C  "C4'" . G   A 1 4 ? -9.501  6.085   -8.106  1.00 23.15 ? 4   G   A "C4'" 1 
ATOM   70  O  "O4'" . G   A 1 4 ? -8.178  5.973   -8.683  1.00 23.96 ? 4   G   A "O4'" 1 
ATOM   71  C  "C3'" . G   A 1 4 ? -9.233  5.878   -6.624  1.00 22.75 ? 4   G   A "C3'" 1 
ATOM   72  O  "O3'" . G   A 1 4 ? -10.427 5.543   -5.939  1.00 22.44 ? 4   G   A "O3'" 1 
ATOM   73  C  "C2'" . G   A 1 4 ? -8.268  4.701   -6.686  1.00 20.33 ? 4   G   A "C2'" 1 
ATOM   74  O  "O2'" . G   A 1 4 ? -8.907  3.475   -7.020  1.00 23.88 ? 4   G   A "O2'" 1 
ATOM   75  C  "C1'" . G   A 1 4 ? -7.386  5.123   -7.860  1.00 22.40 ? 4   G   A "C1'" 1 
ATOM   76  N  N9    . G   A 1 4 ? -6.248  5.881   -7.359  1.00 21.11 ? 4   G   A N9    1 
ATOM   77  C  C8    . G   A 1 4 ? -5.999  7.230   -7.455  1.00 21.03 ? 4   G   A C8    1 
ATOM   78  N  N7    . G   A 1 4 ? -4.894  7.586   -6.853  1.00 21.46 ? 4   G   A N7    1 
ATOM   79  C  C5    . G   A 1 4 ? -4.392  6.394   -6.331  1.00 20.66 ? 4   G   A C5    1 
ATOM   80  C  C6    . G   A 1 4 ? -3.227  6.137   -5.541  1.00 18.99 ? 4   G   A C6    1 
ATOM   81  O  O6    . G   A 1 4 ? -2.387  6.937   -5.112  1.00 17.95 ? 4   G   A O6    1 
ATOM   82  N  N1    . G   A 1 4 ? -3.105  4.782   -5.238  1.00 21.09 ? 4   G   A N1    1 
ATOM   83  C  C2    . G   A 1 4 ? -3.996  3.803   -5.623  1.00 17.45 ? 4   G   A C2    1 
ATOM   84  N  N2    . G   A 1 4 ? -3.707  2.556   -5.234  1.00 20.46 ? 4   G   A N2    1 
ATOM   85  N  N3    . G   A 1 4 ? -5.086  4.031   -6.333  1.00 20.93 ? 4   G   A N3    1 
ATOM   86  C  C4    . G   A 1 4 ? -5.215  5.339   -6.652  1.00 20.11 ? 4   G   A C4    1 
ATOM   87  P  P     . A   A 1 5 ? -10.583 5.848   -4.367  1.00 23.00 ? 5   A   A P     1 
ATOM   88  O  OP1   . A   A 1 5 ? -11.961 5.430   -4.012  1.00 23.73 ? 5   A   A OP1   1 
ATOM   89  O  OP2   . A   A 1 5 ? -10.119 7.241   -4.053  1.00 21.88 ? 5   A   A OP2   1 
ATOM   90  O  "O5'" . A   A 1 5 ? -9.591  4.826   -3.648  1.00 22.13 ? 5   A   A "O5'" 1 
ATOM   91  C  "C5'" . A   A 1 5 ? -9.804  3.433   -3.743  1.00 18.40 ? 5   A   A "C5'" 1 
ATOM   92  C  "C4'" . A   A 1 5 ? -8.655  2.687   -3.099  1.00 17.13 ? 5   A   A "C4'" 1 
ATOM   93  O  "O4'" . A   A 1 5 ? -7.432  3.033   -3.778  1.00 18.35 ? 5   A   A "O4'" 1 
ATOM   94  C  "C3'" . A   A 1 5 ? -8.355  3.064   -1.661  1.00 19.22 ? 5   A   A "C3'" 1 
ATOM   95  O  "O3'" . A   A 1 5 ? -9.225  2.426   -0.763  1.00 20.96 ? 5   A   A "O3'" 1 
ATOM   96  C  "C2'" . A   A 1 5 ? -6.927  2.578   -1.507  1.00 15.86 ? 5   A   A "C2'" 1 
ATOM   97  O  "O2'" . A   A 1 5 ? -6.843  1.166   -1.401  1.00 19.41 ? 5   A   A "O2'" 1 
ATOM   98  C  "C1'" . A   A 1 5 ? -6.349  3.018   -2.850  1.00 17.05 ? 5   A   A "C1'" 1 
ATOM   99  N  N9    . A   A 1 5 ? -5.797  4.364   -2.810  1.00 15.57 ? 5   A   A N9    1 
ATOM   100 C  C8    . A   A 1 5 ? -6.325  5.515   -3.348  1.00 17.76 ? 5   A   A C8    1 
ATOM   101 N  N7    . A   A 1 5 ? -5.571  6.572   -3.173  1.00 18.47 ? 5   A   A N7    1 
ATOM   102 C  C5    . A   A 1 5 ? -4.479  6.094   -2.460  1.00 17.37 ? 5   A   A C5    1 
ATOM   103 C  C6    . A   A 1 5 ? -3.336  6.739   -1.938  1.00 18.66 ? 5   A   A C6    1 
ATOM   104 N  N6    . A   A 1 5 ? -3.053  8.051   -2.141  1.00 17.18 ? 5   A   A N6    1 
ATOM   105 N  N1    . A   A 1 5 ? -2.473  5.992   -1.206  1.00 16.78 ? 5   A   A N1    1 
ATOM   106 C  C2    . A   A 1 5 ? -2.738  4.677   -1.049  1.00 20.63 ? 5   A   A C2    1 
ATOM   107 N  N3    . A   A 1 5 ? -3.773  3.950   -1.522  1.00 17.63 ? 5   A   A N3    1 
ATOM   108 C  C4    . A   A 1 5 ? -4.612  4.736   -2.218  1.00 16.86 ? 5   A   A C4    1 
ATOM   109 P  P     . C   A 1 6 ? -9.808  3.244   0.484   1.00 20.57 ? 6   C   A P     1 
ATOM   110 O  OP1   . C   A 1 6 ? -10.791 2.369   1.166   1.00 21.07 ? 6   C   A OP1   1 
ATOM   111 O  OP2   . C   A 1 6 ? -10.173 4.620   0.108   1.00 21.20 ? 6   C   A OP2   1 
ATOM   112 O  "O5'" . C   A 1 6 ? -8.541  3.368   1.451   1.00 20.75 ? 6   C   A "O5'" 1 
ATOM   113 C  "C5'" . C   A 1 6 ? -7.952  2.205   2.000   1.00 16.43 ? 6   C   A "C5'" 1 
ATOM   114 C  "C4'" . C   A 1 6 ? -6.629  2.548   2.660   1.00 15.85 ? 6   C   A "C4'" 1 
ATOM   115 O  "O4'" . C   A 1 6 ? -5.712  3.004   1.657   1.00 15.88 ? 6   C   A "O4'" 1 
ATOM   116 C  "C3'" . C   A 1 6 ? -6.651  3.678   3.682   1.00 16.89 ? 6   C   A "C3'" 1 
ATOM   117 O  "O3'" . C   A 1 6 ? -7.107  3.188   4.929   1.00 16.97 ? 6   C   A "O3'" 1 
ATOM   118 C  "C2'" . C   A 1 6 ? -5.182  4.068   3.703   1.00 14.31 ? 6   C   A "C2'" 1 
ATOM   119 O  "O2'" . C   A 1 6 ? -4.424  3.095   4.364   1.00 16.49 ? 6   C   A "O2'" 1 
ATOM   120 C  "C1'" . C   A 1 6 ? -4.839  3.984   2.217   1.00 16.73 ? 6   C   A "C1'" 1 
ATOM   121 N  N1    . C   A 1 6 ? -5.073  5.273   1.539   1.00 16.97 ? 6   C   A N1    1 
ATOM   122 C  C2    . C   A 1 6 ? -4.119  6.270   1.711   1.00 18.28 ? 6   C   A C2    1 
ATOM   123 O  O2    . C   A 1 6 ? -3.105  6.015   2.379   1.00 17.44 ? 6   C   A O2    1 
ATOM   124 N  N3    . C   A 1 6 ? -4.305  7.471   1.148   1.00 15.44 ? 6   C   A N3    1 
ATOM   125 C  C4    . C   A 1 6 ? -5.389  7.706   0.409   1.00 17.59 ? 6   C   A C4    1 
ATOM   126 N  N4    . C   A 1 6 ? -5.514  8.922   -0.133  1.00 19.08 ? 6   C   A N4    1 
ATOM   127 C  C5    . C   A 1 6 ? -6.386  6.708   0.194   1.00 16.19 ? 6   C   A C5    1 
ATOM   128 C  C6    . C   A 1 6 ? -6.188  5.508   0.780   1.00 17.22 ? 6   C   A C6    1 
HETATM 129 P  P     . 5BU A 1 7 ? -7.722  4.197   6.009   1.00 19.25 ? 7   5BU A P     1 
HETATM 130 O  OP1   . 5BU A 1 7 ? -8.249  3.406   7.138   1.00 21.78 ? 7   5BU A OP1   1 
HETATM 131 O  OP2   . 5BU A 1 7 ? -8.631  5.126   5.257   1.00 19.78 ? 7   5BU A OP2   1 
HETATM 132 O  "O5'" . 5BU A 1 7 ? -6.471  5.064   6.448   1.00 17.63 ? 7   5BU A "O5'" 1 
HETATM 133 C  "C5'" . 5BU A 1 7 ? -5.390  4.471   7.163   1.00 20.17 ? 7   5BU A "C5'" 1 
HETATM 134 C  "C4'" . 5BU A 1 7 ? -4.465  5.547   7.708   1.00 18.80 ? 7   5BU A "C4'" 1 
HETATM 135 O  "O4'" . 5BU A 1 7 ? -3.731  6.191   6.628   1.00 18.62 ? 7   5BU A "O4'" 1 
HETATM 136 C  "C3'" . 5BU A 1 7 ? -5.144  6.710   8.416   1.00 21.27 ? 7   5BU A "C3'" 1 
HETATM 137 O  "O3'" . 5BU A 1 7 ? -5.476  6.422   9.765   1.00 23.09 ? 7   5BU A "O3'" 1 
HETATM 138 C  "C2'" . 5BU A 1 7 ? -4.081  7.785   8.342   1.00 18.72 ? 7   5BU A "C2'" 1 
HETATM 139 O  "O2'" . 5BU A 1 7 ? -3.044  7.562   9.272   1.00 23.67 ? 7   5BU A "O2'" 1 
HETATM 140 C  "C1'" . 5BU A 1 7 ? -3.534  7.558   6.935   1.00 19.37 ? 7   5BU A "C1'" 1 
HETATM 141 N  N1    . 5BU A 1 7 ? -4.197  8.377   5.913   1.00 17.63 ? 7   5BU A N1    1 
HETATM 142 C  C2    . 5BU A 1 7 ? -3.669  9.623   5.682   1.00 18.03 ? 7   5BU A C2    1 
HETATM 143 O  O2    . 5BU A 1 7 ? -2.758  10.079  6.357   1.00 22.88 ? 7   5BU A O2    1 
HETATM 144 N  N3    . 5BU A 1 7 ? -4.247  10.322  4.659   1.00 22.00 ? 7   5BU A N3    1 
HETATM 145 C  C4    . 5BU A 1 7 ? -5.315  9.903   3.879   1.00 19.50 ? 7   5BU A C4    1 
HETATM 146 O  O4    . 5BU A 1 7 ? -5.697  10.604  2.928   1.00 20.14 ? 7   5BU A O4    1 
HETATM 147 C  C5    . 5BU A 1 7 ? -5.835  8.619   4.230   1.00 18.74 ? 7   5BU A C5    1 
HETATM 148 C  C6    . 5BU A 1 7 ? -5.282  7.913   5.196   1.00 18.41 ? 7   5BU A C6    1 
HETATM 149 BR BR    . 5BU A 1 7 ? -7.323  7.933   3.309   1.00 19.30 ? 7   5BU A BR    1 
ATOM   150 P  P     . G   A 1 8 ? -6.666  7.240   10.472  1.00 27.92 ? 8   G   A P     1 
ATOM   151 O  OP1   . G   A 1 8 ? -6.696  6.640   11.844  1.00 32.42 ? 8   G   A OP1   1 
ATOM   152 O  OP2   . G   A 1 8 ? -7.861  7.196   9.630   1.00 25.87 ? 8   G   A OP2   1 
ATOM   153 O  "O5'" . G   A 1 8 ? -6.165  8.741   10.567  1.00 26.52 ? 8   G   A "O5'" 1 
ATOM   154 C  "C5'" . G   A 1 8 ? -5.242  9.146   11.569  1.00 25.80 ? 8   G   A "C5'" 1 
ATOM   155 C  "C4'" . G   A 1 8 ? -4.930  10.619  11.434  1.00 28.17 ? 8   G   A "C4'" 1 
ATOM   156 O  "O4'" . G   A 1 8 ? -4.413  10.871  10.099  1.00 26.50 ? 8   G   A "O4'" 1 
ATOM   157 C  "C3'" . G   A 1 8 ? -6.118  11.570  11.508  1.00 27.24 ? 8   G   A "C3'" 1 
ATOM   158 O  "O3'" . G   A 1 8 ? -6.559  11.888  12.827  1.00 28.62 ? 8   G   A "O3'" 1 
ATOM   159 C  "C2'" . G   A 1 8 ? -5.575  12.819  10.829  1.00 25.89 ? 8   G   A "C2'" 1 
ATOM   160 O  "O2'" . G   A 1 8 ? -4.769  13.594  11.700  1.00 31.82 ? 8   G   A "O2'" 1 
ATOM   161 C  "C1'" . G   A 1 8 ? -4.710  12.201  9.731   1.00 27.06 ? 8   G   A "C1'" 1 
ATOM   162 N  N9    . G   A 1 8 ? -5.413  12.189  8.460   1.00 23.14 ? 8   G   A N9    1 
ATOM   163 C  C8    . G   A 1 8 ? -6.166  11.182  7.892   1.00 23.27 ? 8   G   A C8    1 
ATOM   164 N  N7    . G   A 1 8 ? -6.661  11.516  6.732   1.00 24.80 ? 8   G   A N7    1 
ATOM   165 C  C5    . G   A 1 8 ? -6.204  12.817  6.532   1.00 24.36 ? 8   G   A C5    1 
ATOM   166 C  C6    . G   A 1 8 ? -6.415  13.725  5.454   1.00 24.56 ? 8   G   A C6    1 
ATOM   167 O  O6    . G   A 1 8 ? -7.046  13.550  4.423   1.00 24.19 ? 8   G   A O6    1 
ATOM   168 N  N1    . G   A 1 8 ? -5.798  14.949  5.686   1.00 24.44 ? 8   G   A N1    1 
ATOM   169 C  C2    . G   A 1 8 ? -5.057  15.261  6.798   1.00 24.87 ? 8   G   A C2    1 
ATOM   170 N  N2    . G   A 1 8 ? -4.564  16.500  6.861   1.00 24.54 ? 8   G   A N2    1 
ATOM   171 N  N3    . G   A 1 8 ? -4.831  14.426  7.785   1.00 25.53 ? 8   G   A N3    1 
ATOM   172 C  C4    . G   A 1 8 ? -5.440  13.235  7.594   1.00 25.35 ? 8   G   A C4    1 
ATOM   173 O  "O5'" . C   B 2 1 ? -6.293  21.441  -0.519  1.00 36.61 ? 9   C   B "O5'" 1 
ATOM   174 C  "C5'" . C   B 2 1 ? -5.654  22.505  0.228   1.00 33.69 ? 9   C   B "C5'" 1 
ATOM   175 C  "C4'" . C   B 2 1 ? -5.075  22.144  1.589   1.00 32.18 ? 9   C   B "C4'" 1 
ATOM   176 O  "O4'" . C   B 2 1 ? -6.096  21.535  2.431   1.00 31.10 ? 9   C   B "O4'" 1 
ATOM   177 C  "C3'" . C   B 2 1 ? -3.963  21.111  1.618   1.00 32.78 ? 9   C   B "C3'" 1 
ATOM   178 O  "O3'" . C   B 2 1 ? -2.704  21.650  1.235   1.00 33.75 ? 9   C   B "O3'" 1 
ATOM   179 C  "C2'" . C   B 2 1 ? -3.983  20.682  3.078   1.00 30.75 ? 9   C   B "C2'" 1 
ATOM   180 O  "O2'" . C   B 2 1 ? -3.370  21.606  3.957   1.00 33.70 ? 9   C   B "O2'" 1 
ATOM   181 C  "C1'" . C   B 2 1 ? -5.487  20.617  3.338   1.00 28.93 ? 9   C   B "C1'" 1 
ATOM   182 N  N1    . C   B 2 1 ? -5.976  19.263  3.037   1.00 27.84 ? 9   C   B N1    1 
ATOM   183 C  C2    . C   B 2 1 ? -5.753  18.241  3.972   1.00 25.50 ? 9   C   B C2    1 
ATOM   184 O  O2    . C   B 2 1 ? -5.149  18.508  5.026   1.00 27.23 ? 9   C   B O2    1 
ATOM   185 N  N3    . C   B 2 1 ? -6.186  16.989  3.695   1.00 25.59 ? 9   C   B N3    1 
ATOM   186 C  C4    . C   B 2 1 ? -6.788  16.730  2.533   1.00 22.79 ? 9   C   B C4    1 
ATOM   187 N  N4    . C   B 2 1 ? -7.176  15.473  2.290   1.00 24.06 ? 9   C   B N4    1 
ATOM   188 C  C5    . C   B 2 1 ? -7.025  17.753  1.565   1.00 24.54 ? 9   C   B C5    1 
ATOM   189 C  C6    . C   B 2 1 ? -6.614  18.992  1.862   1.00 24.67 ? 9   C   B C6    1 
ATOM   190 P  P     . A   B 2 2 ? -1.581  20.675  0.613   1.00 36.32 ? 10  A   B P     1 
ATOM   191 O  OP1   . A   B 2 2 ? -0.445  21.534  0.167   1.00 37.07 ? 10  A   B OP1   1 
ATOM   192 O  OP2   . A   B 2 2 ? -2.256  19.780  -0.367  1.00 33.60 ? 10  A   B OP2   1 
ATOM   193 O  "O5'" . A   B 2 2 ? -1.113  19.786  1.838   1.00 34.59 ? 10  A   B "O5'" 1 
ATOM   194 C  "C5'" . A   B 2 2 ? -0.286  20.325  2.853   1.00 29.43 ? 10  A   B "C5'" 1 
ATOM   195 C  "C4'" . A   B 2 2 ? 0.028   19.271  3.877   1.00 29.29 ? 10  A   B "C4'" 1 
ATOM   196 O  "O4'" . A   B 2 2 ? -1.196  18.850  4.546   1.00 31.46 ? 10  A   B "O4'" 1 
ATOM   197 C  "C3'" . A   B 2 2 ? 0.586   17.953  3.360   1.00 30.81 ? 10  A   B "C3'" 1 
ATOM   198 O  "O3'" . A   B 2 2 ? 1.970   18.002  3.074   1.00 32.45 ? 10  A   B "O3'" 1 
ATOM   199 C  "C2'" . A   B 2 2 ? 0.329   17.051  4.551   1.00 30.38 ? 10  A   B "C2'" 1 
ATOM   200 O  "O2'" . A   B 2 2 ? 1.185   17.343  5.632   1.00 32.70 ? 10  A   B "O2'" 1 
ATOM   201 C  "C1'" . A   B 2 2 ? -1.096  17.471  4.899   1.00 28.34 ? 10  A   B "C1'" 1 
ATOM   202 N  N9    . A   B 2 2 ? -2.019  16.709  4.060   1.00 26.21 ? 10  A   B N9    1 
ATOM   203 C  C8    . A   B 2 2 ? -2.635  17.089  2.893   1.00 26.85 ? 10  A   B C8    1 
ATOM   204 N  N7    . A   B 2 2 ? -3.372  16.140  2.349   1.00 23.56 ? 10  A   B N7    1 
ATOM   205 C  C5    . A   B 2 2 ? -3.232  15.074  3.227   1.00 24.20 ? 10  A   B C5    1 
ATOM   206 C  C6    . A   B 2 2 ? -3.756  13.762  3.224   1.00 22.63 ? 10  A   B C6    1 
ATOM   207 N  N6    . A   B 2 2 ? -4.546  13.274  2.262   1.00 22.92 ? 10  A   B N6    1 
ATOM   208 N  N1    . A   B 2 2 ? -3.434  12.961  4.254   1.00 23.56 ? 10  A   B N1    1 
ATOM   209 C  C2    . A   B 2 2 ? -2.620  13.432  5.215   1.00 24.01 ? 10  A   B C2    1 
ATOM   210 N  N3    . A   B 2 2 ? -2.061  14.630  5.325   1.00 23.98 ? 10  A   B N3    1 
ATOM   211 C  C4    . A   B 2 2 ? -2.414  15.415  4.289   1.00 24.58 ? 10  A   B C4    1 
ATOM   212 P  P     . G   B 2 3 ? 2.581   17.013  1.960   1.00 31.07 ? 11  G   B P     1 
ATOM   213 O  OP1   . G   B 2 3 ? 3.999   17.388  1.755   1.00 32.73 ? 11  G   B OP1   1 
ATOM   214 O  OP2   . G   B 2 3 ? 1.656   16.999  0.787   1.00 33.46 ? 11  G   B OP2   1 
ATOM   215 O  "O5'" . G   B 2 3 ? 2.455   15.547  2.595   1.00 29.63 ? 11  G   B "O5'" 1 
ATOM   216 C  "C5'" . G   B 2 3 ? 3.329   15.113  3.622   1.00 26.34 ? 11  G   B "C5'" 1 
ATOM   217 C  "C4'" . G   B 2 3 ? 2.888   13.774  4.180   1.00 23.98 ? 11  G   B "C4'" 1 
ATOM   218 O  "O4'" . G   B 2 3 ? 1.459   13.796  4.408   1.00 22.69 ? 11  G   B "O4'" 1 
ATOM   219 C  "C3'" . G   B 2 3 ? 3.086   12.505  3.363   1.00 21.02 ? 11  G   B "C3'" 1 
ATOM   220 O  "O3'" . G   B 2 3 ? 4.470   12.096  3.397   1.00 24.58 ? 11  G   B "O3'" 1 
ATOM   221 C  "C2'" . G   B 2 3 ? 2.157   11.554  4.124   1.00 20.40 ? 11  G   B "C2'" 1 
ATOM   222 O  "O2'" . G   B 2 3 ? 2.628   11.186  5.418   1.00 20.95 ? 11  G   B "O2'" 1 
ATOM   223 C  "C1'" . G   B 2 3 ? 0.953   12.464  4.342   1.00 21.04 ? 11  G   B "C1'" 1 
ATOM   224 N  N9    . G   B 2 3 ? 0.008   12.370  3.236   1.00 19.11 ? 11  G   B N9    1 
ATOM   225 C  C8    . G   B 2 3 ? -0.279  13.318  2.295   1.00 19.83 ? 11  G   B C8    1 
ATOM   226 N  N7    . G   B 2 3 ? -1.142  12.907  1.401   1.00 20.18 ? 11  G   B N7    1 
ATOM   227 C  C5    . G   B 2 3 ? -1.462  11.612  1.799   1.00 20.44 ? 11  G   B C5    1 
ATOM   228 C  C6    . G   B 2 3 ? -2.368  10.669  1.228   1.00 18.86 ? 11  G   B C6    1 
ATOM   229 O  O6    . G   B 2 3 ? -3.118  10.814  0.232   1.00 19.67 ? 11  G   B O6    1 
ATOM   230 N  N1    . G   B 2 3 ? -2.373  9.476   1.940   1.00 17.29 ? 11  G   B N1    1 
ATOM   231 C  C2    . G   B 2 3 ? -1.615  9.221   3.065   1.00 18.27 ? 11  G   B C2    1 
ATOM   232 N  N2    . G   B 2 3 ? -1.742  8.018   3.609   1.00 17.83 ? 11  G   B N2    1 
ATOM   233 N  N3    . G   B 2 3 ? -0.783  10.108  3.615   1.00 19.01 ? 11  G   B N3    1 
ATOM   234 C  C4    . G   B 2 3 ? -0.763  11.266  2.932   1.00 18.05 ? 11  G   B C4    1 
ATOM   235 P  P     . U   B 2 4 ? 5.046   11.104  2.257   1.00 27.57 ? 12  U   B P     1 
ATOM   236 O  OP1   . U   B 2 4 ? 6.508   10.988  2.486   1.00 30.03 ? 12  U   B OP1   1 
ATOM   237 O  OP2   . U   B 2 4 ? 4.543   11.569  0.944   1.00 23.63 ? 12  U   B OP2   1 
ATOM   238 O  "O5'" . U   B 2 4 ? 4.405   9.695   2.624   1.00 25.78 ? 12  U   B "O5'" 1 
ATOM   239 C  "C5'" . U   B 2 4 ? 4.779   9.007   3.813   1.00 21.09 ? 12  U   B "C5'" 1 
ATOM   240 C  "C4'" . U   B 2 4 ? 4.082   7.676   3.874   1.00 25.39 ? 12  U   B "C4'" 1 
ATOM   241 O  "O4'" . U   B 2 4 ? 2.651   7.890   3.803   1.00 23.44 ? 12  U   B "O4'" 1 
ATOM   242 C  "C3'" . U   B 2 4 ? 4.395   6.727   2.730   1.00 23.83 ? 12  U   B "C3'" 1 
ATOM   243 O  "O3'" . U   B 2 4 ? 5.525   5.964   3.127   1.00 31.86 ? 12  U   B "O3'" 1 
ATOM   244 C  "C2'" . U   B 2 4 ? 3.147   5.852   2.689   1.00 25.99 ? 12  U   B "C2'" 1 
ATOM   245 O  "O2'" . U   B 2 4 ? 3.112   4.866   3.705   1.00 29.11 ? 12  U   B "O2'" 1 
ATOM   246 C  "C1'" . U   B 2 4 ? 2.058   6.868   3.026   1.00 23.98 ? 12  U   B "C1'" 1 
ATOM   247 N  N1    . U   B 2 4 ? 1.400   7.484   1.870   1.00 21.72 ? 12  U   B N1    1 
ATOM   248 C  C2    . U   B 2 4 ? 0.418   6.751   1.246   1.00 22.38 ? 12  U   B C2    1 
ATOM   249 O  O2    . U   B 2 4 ? 0.149   5.603   1.579   1.00 23.64 ? 12  U   B O2    1 
ATOM   250 N  N3    . U   B 2 4 ? -0.223  7.397   0.231   1.00 21.16 ? 12  U   B N3    1 
ATOM   251 C  C4    . U   B 2 4 ? 0.041   8.681   -0.222  1.00 21.70 ? 12  U   B C4    1 
ATOM   252 O  O4    . U   B 2 4 ? -0.561  9.124   -1.183  1.00 22.53 ? 12  U   B O4    1 
ATOM   253 C  C5    . U   B 2 4 ? 1.097   9.351   0.466   1.00 20.23 ? 12  U   B C5    1 
ATOM   254 C  C6    . U   B 2 4 ? 1.725   8.743   1.453   1.00 21.23 ? 12  U   B C6    1 
ATOM   255 P  P     . A   B 2 5 ? 6.872   6.004   2.258   1.00 32.95 ? 13  A   B P     1 
ATOM   256 O  OP1   . A   B 2 5 ? 8.000   5.701   3.170   1.00 36.03 ? 13  A   B OP1   1 
ATOM   257 O  OP2   . A   B 2 5 ? 6.915   7.225   1.422   1.00 30.14 ? 13  A   B OP2   1 
ATOM   258 O  "O5'" . A   B 2 5 ? 6.676   4.787   1.252   1.00 34.18 ? 13  A   B "O5'" 1 
ATOM   259 C  "C5'" . A   B 2 5 ? 7.756   3.990   0.804   1.00 25.22 ? 13  A   B "C5'" 1 
ATOM   260 C  "C4'" . A   B 2 5 ? 7.464   2.568   1.153   1.00 25.92 ? 13  A   B "C4'" 1 
ATOM   261 O  "O4'" . A   B 2 5 ? 7.853   2.323   2.521   1.00 25.47 ? 13  A   B "O4'" 1 
ATOM   262 C  "C3'" . A   B 2 5 ? 5.978   2.263   1.122   1.00 25.57 ? 13  A   B "C3'" 1 
ATOM   263 O  "O3'" . A   B 2 5 ? 5.629   1.832   -0.187  1.00 27.12 ? 13  A   B "O3'" 1 
ATOM   264 C  "C2'" . A   B 2 5 ? 5.829   1.110   2.118   1.00 26.70 ? 13  A   B "C2'" 1 
ATOM   265 O  "O2'" . A   B 2 5 ? 5.987   -0.147  1.484   1.00 27.17 ? 13  A   B "O2'" 1 
ATOM   266 C  "C1'" . A   B 2 5 ? 7.008   1.346   3.075   1.00 26.08 ? 13  A   B "C1'" 1 
ATOM   267 N  N9    . A   B 2 5 ? 6.705   1.744   4.448   1.00 27.87 ? 13  A   B N9    1 
ATOM   268 C  C8    . A   B 2 5 ? 6.112   2.896   4.916   1.00 28.30 ? 13  A   B C8    1 
ATOM   269 N  N7    . A   B 2 5 ? 6.059   2.968   6.227   1.00 28.24 ? 13  A   B N7    1 
ATOM   270 C  C5    . A   B 2 5 ? 6.649   1.780   6.650   1.00 28.18 ? 13  A   B C5    1 
ATOM   271 C  C6    . A   B 2 5 ? 6.911   1.253   7.928   1.00 27.35 ? 13  A   B C6    1 
ATOM   272 N  N6    . A   B 2 5 ? 6.635   1.894   9.061   1.00 27.98 ? 13  A   B N6    1 
ATOM   273 N  N1    . A   B 2 5 ? 7.479   0.027   7.997   1.00 25.03 ? 13  A   B N1    1 
ATOM   274 C  C2    . A   B 2 5 ? 7.767   -0.612  6.866   1.00 25.58 ? 13  A   B C2    1 
ATOM   275 N  N3    . A   B 2 5 ? 7.586   -0.211  5.597   1.00 25.54 ? 13  A   B N3    1 
ATOM   276 C  C4    . A   B 2 5 ? 7.022   1.005   5.565   1.00 26.75 ? 13  A   B C4    1 
ATOM   277 P  P     . C   B 2 6 ? 4.620   2.707   -1.090  1.00 32.27 ? 14  C   B P     1 
ATOM   278 O  OP1   . C   B 2 6 ? 5.452   3.445   -2.104  1.00 29.85 ? 14  C   B OP1   1 
ATOM   279 O  OP2   . C   B 2 6 ? 3.662   3.445   -0.244  1.00 28.09 ? 14  C   B OP2   1 
ATOM   280 O  "O5'" . C   B 2 6 ? 3.800   1.568   -1.816  1.00 25.44 ? 14  C   B "O5'" 1 
ATOM   281 C  "C5'" . C   B 2 6 ? 3.553   0.344   -1.138  1.00 24.09 ? 14  C   B "C5'" 1 
ATOM   282 C  "C4'" . C   B 2 6 ? 2.222   -0.198  -1.574  1.00 21.72 ? 14  C   B "C4'" 1 
ATOM   283 O  "O4'" . C   B 2 6 ? 1.184   0.662   -1.045  1.00 22.07 ? 14  C   B "O4'" 1 
ATOM   284 C  "C3'" . C   B 2 6 ? 2.031   -0.141  -3.078  1.00 22.80 ? 14  C   B "C3'" 1 
ATOM   285 O  "O3'" . C   B 2 6 ? 2.643   -1.254  -3.730  1.00 21.19 ? 14  C   B "O3'" 1 
ATOM   286 C  "C2'" . C   B 2 6 ? 0.512   -0.075  -3.197  1.00 21.04 ? 14  C   B "C2'" 1 
ATOM   287 O  "O2'" . C   B 2 6 ? -0.123  -1.329  -3.057  1.00 21.09 ? 14  C   B "O2'" 1 
ATOM   288 C  "C1'" . C   B 2 6 ? 0.159   0.833   -2.012  1.00 22.00 ? 14  C   B "C1'" 1 
ATOM   289 N  N1    . C   B 2 6 ? 0.114   2.274   -2.378  1.00 21.16 ? 14  C   B N1    1 
ATOM   290 C  C2    . C   B 2 6 ? -0.859  2.707   -3.292  1.00 18.94 ? 14  C   B C2    1 
ATOM   291 O  O2    . C   B 2 6 ? -1.692  1.886   -3.726  1.00 18.81 ? 14  C   B O2    1 
ATOM   292 N  N3    . C   B 2 6 ? -0.879  3.996   -3.674  1.00 19.03 ? 14  C   B N3    1 
ATOM   293 C  C4    . C   B 2 6 ? 0.014   4.858   -3.181  1.00 19.40 ? 14  C   B C4    1 
ATOM   294 N  N4    . C   B 2 6 ? -0.038  6.122   -3.624  1.00 19.51 ? 14  C   B N4    1 
ATOM   295 C  C5    . C   B 2 6 ? 0.999   4.461   -2.223  1.00 21.30 ? 14  C   B C5    1 
ATOM   296 C  C6    . C   B 2 6 ? 1.012   3.167   -1.853  1.00 22.86 ? 14  C   B C6    1 
ATOM   297 P  P     . G   B 2 7 ? 3.195   -1.090  -5.243  1.00 22.59 ? 15  G   B P     1 
ATOM   298 O  OP1   . G   B 2 7 ? 4.007   -2.303  -5.554  1.00 21.64 ? 15  G   B OP1   1 
ATOM   299 O  OP2   . G   B 2 7 ? 3.808   0.245   -5.386  1.00 20.94 ? 15  G   B OP2   1 
ATOM   300 O  "O5'" . G   B 2 7 ? 1.860   -1.107  -6.109  1.00 21.67 ? 15  G   B "O5'" 1 
ATOM   301 C  "C5'" . G   B 2 7 ? 0.991   -2.236  -6.061  1.00 20.75 ? 15  G   B "C5'" 1 
ATOM   302 C  "C4'" . G   B 2 7 ? -0.314  -1.911  -6.733  1.00 19.55 ? 15  G   B "C4'" 1 
ATOM   303 O  "O4'" . G   B 2 7 ? -0.892  -0.750  -6.081  1.00 21.18 ? 15  G   B "O4'" 1 
ATOM   304 C  "C3'" . G   B 2 7 ? -0.236  -1.504  -8.202  1.00 21.15 ? 15  G   B "C3'" 1 
ATOM   305 O  "O3'" . G   B 2 7 ? -0.211  -2.665  -9.028  1.00 19.29 ? 15  G   B "O3'" 1 
ATOM   306 C  "C2'" . G   B 2 7 ? -1.542  -0.742  -8.364  1.00 18.53 ? 15  G   B "C2'" 1 
ATOM   307 O  "O2'" . G   B 2 7 ? -2.640  -1.626  -8.402  1.00 23.31 ? 15  G   B "O2'" 1 
ATOM   308 C  "C1'" . G   B 2 7 ? -1.613  0.006   -7.036  1.00 18.93 ? 15  G   B "C1'" 1 
ATOM   309 N  N9    . G   B 2 7 ? -1.042  1.346   -7.113  1.00 17.79 ? 15  G   B N9    1 
ATOM   310 C  C8    . G   B 2 7 ? 0.110   1.825   -6.541  1.00 19.18 ? 15  G   B C8    1 
ATOM   311 N  N7    . G   B 2 7 ? 0.273   3.105   -6.729  1.00 20.43 ? 15  G   B N7    1 
ATOM   312 C  C5    . G   B 2 7 ? -0.830  3.485   -7.487  1.00 18.56 ? 15  G   B C5    1 
ATOM   313 C  C6    . G   B 2 7 ? -1.219  4.771   -7.962  1.00 18.46 ? 15  G   B C6    1 
ATOM   314 O  O6    . G   B 2 7 ? -0.653  5.849   -7.790  1.00 19.89 ? 15  G   B O6    1 
ATOM   315 N  N1    . G   B 2 7 ? -2.408  4.710   -8.695  1.00 19.09 ? 15  G   B N1    1 
ATOM   316 C  C2    . G   B 2 7 ? -3.124  3.567   -8.930  1.00 15.02 ? 15  G   B C2    1 
ATOM   317 N  N2    . G   B 2 7 ? -4.246  3.700   -9.679  1.00 16.85 ? 15  G   B N2    1 
ATOM   318 N  N3    . G   B 2 7 ? -2.779  2.363   -8.471  1.00 18.47 ? 15  G   B N3    1 
ATOM   319 C  C4    . G   B 2 7 ? -1.626  2.409   -7.762  1.00 17.55 ? 15  G   B C4    1 
HETATM 320 C  "C2'" . 5IC B 2 8 ? -3.074  0.568   -13.703 1.00 20.68 ? 16  5IC B "C2'" 1 
HETATM 321 C  "C3'" . 5IC B 2 8 ? -2.325  -0.732  -13.541 1.00 23.11 ? 16  5IC B "C3'" 1 
HETATM 322 O  "O3'" . 5IC B 2 8 ? -2.602  -1.567  -14.655 1.00 22.95 ? 16  5IC B "O3'" 1 
HETATM 323 C  "C4'" . 5IC B 2 8 ? -2.923  -1.288  -12.255 1.00 19.89 ? 16  5IC B "C4'" 1 
HETATM 324 O  "O4'" . 5IC B 2 8 ? -3.127  -0.119  -11.432 1.00 22.16 ? 16  5IC B "O4'" 1 
HETATM 325 C  "C1'" . 5IC B 2 8 ? -3.161  1.040   -12.258 1.00 21.08 ? 16  5IC B "C1'" 1 
HETATM 326 N  N1    . 5IC B 2 8 ? -2.063  1.942   -11.869 1.00 21.48 ? 16  5IC B N1    1 
HETATM 327 C  C6    . 5IC B 2 8 ? -0.925  1.511   -11.208 1.00 20.92 ? 16  5IC B C6    1 
HETATM 328 C  C5    . 5IC B 2 8 ? 0.039   2.387   -10.797 1.00 21.09 ? 16  5IC B C5    1 
HETATM 329 I  I     . 5IC B 2 8 ? 1.512   1.830   -9.928  1.00 21.74 ? 16  5IC B I     1 
HETATM 330 C  C4    . 5IC B 2 8 ? -0.203  3.778   -11.102 1.00 21.04 ? 16  5IC B C4    1 
HETATM 331 N  N3    . 5IC B 2 8 ? -1.297  4.177   -11.784 1.00 20.88 ? 16  5IC B N3    1 
HETATM 332 C  C2    . 5IC B 2 8 ? -2.228  3.278   -12.181 1.00 21.30 ? 16  5IC B C2    1 
HETATM 333 O  O2    . 5IC B 2 8 ? -3.250  3.614   -12.835 1.00 22.30 ? 16  5IC B O2    1 
HETATM 334 N  N4    . 5IC B 2 8 ? 0.639   4.740   -10.714 1.00 21.09 ? 16  5IC B N4    1 
HETATM 335 C  "C5'" . 5IC B 2 8 ? -2.060  -2.299  -11.526 1.00 21.65 ? 16  5IC B "C5'" 1 
HETATM 336 O  "O5'" . 5IC B 2 8 ? -0.741  -1.795  -11.369 1.00 22.11 ? 16  5IC B "O5'" 1 
HETATM 337 P  P     . 5IC B 2 8 ? 0.369   -2.584  -10.534 1.00 22.23 ? 16  5IC B P     1 
HETATM 338 O  OP1   . 5IC B 2 8 ? 0.349   -4.011  -11.033 1.00 22.86 ? 16  5IC B OP1   1 
HETATM 339 O  OP2   . 5IC B 2 8 ? 1.599   -1.754  -10.679 1.00 23.07 ? 16  5IC B OP2   1 
ATOM   340 P  P     . C   B 2 9 ? -1.621  -1.538  -15.923 1.00 25.33 ? 17  C   B P     1 
ATOM   341 O  OP1   . C   B 2 9 ? -2.059  -2.666  -16.808 1.00 26.86 ? 17  C   B OP1   1 
ATOM   342 O  OP2   . C   B 2 9 ? -0.223  -1.464  -15.465 1.00 23.70 ? 17  C   B OP2   1 
ATOM   343 O  "O5'" . C   B 2 9 ? -1.920  -0.148  -16.652 1.00 19.15 ? 17  C   B "O5'" 1 
ATOM   344 C  "C5'" . C   B 2 9 ? -3.176  0.104   -17.274 1.00 19.80 ? 17  C   B "C5'" 1 
ATOM   345 C  "C4'" . C   B 2 9 ? -3.255  1.551   -17.723 1.00 22.10 ? 17  C   B "C4'" 1 
ATOM   346 O  "O4'" . C   B 2 9 ? -3.209  2.439   -16.571 1.00 21.07 ? 17  C   B "O4'" 1 
ATOM   347 C  "C3'" . C   B 2 9 ? -2.082  2.040   -18.552 1.00 21.91 ? 17  C   B "C3'" 1 
ATOM   348 O  "O3'" . C   B 2 9 ? -2.110  1.583   -19.903 1.00 25.19 ? 17  C   B "O3'" 1 
ATOM   349 C  "C2'" . C   B 2 9 ? -2.241  3.551   -18.435 1.00 22.96 ? 17  C   B "C2'" 1 
ATOM   350 O  "O2'" . C   B 2 9 ? -3.299  4.012   -19.235 1.00 26.21 ? 17  C   B "O2'" 1 
ATOM   351 C  "C1'" . C   B 2 9 ? -2.632  3.688   -16.964 1.00 20.32 ? 17  C   B "C1'" 1 
ATOM   352 N  N1    . C   B 2 9 ? -1.467  3.985   -16.112 1.00 20.77 ? 17  C   B N1    1 
ATOM   353 C  C2    . C   B 2 9 ? -1.066  5.310   -16.002 1.00 21.30 ? 17  C   B C2    1 
ATOM   354 O  O2    . C   B 2 9 ? -1.677  6.170   -16.668 1.00 21.55 ? 17  C   B O2    1 
ATOM   355 N  N3    . C   B 2 9 ? -0.028  5.628   -15.197 1.00 19.99 ? 17  C   B N3    1 
ATOM   356 C  C4    . C   B 2 9 ? 0.619   4.669   -14.527 1.00 21.01 ? 17  C   B C4    1 
ATOM   357 N  N4    . C   B 2 9 ? 1.612   5.033   -13.709 1.00 20.55 ? 17  C   B N4    1 
ATOM   358 C  C5    . C   B 2 9 ? 0.269   3.303   -14.655 1.00 20.15 ? 17  C   B C5    1 
ATOM   359 C  C6    . C   B 2 9 ? -0.786  3.003   -15.448 1.00 19.85 ? 17  C   B C6    1 
ATOM   360 O  "O5'" . G   C 1 1 ? -1.129  -15.636 10.823  1.00 28.49 ? 21  G   C "O5'" 1 
ATOM   361 C  "C5'" . G   C 1 1 ? -1.039  -17.052 11.093  1.00 26.61 ? 21  G   C "C5'" 1 
ATOM   362 C  "C4'" . G   C 1 1 ? -1.934  -17.905 10.220  1.00 26.72 ? 21  G   C "C4'" 1 
ATOM   363 O  "O4'" . G   C 1 1 ? -3.324  -17.508 10.399  1.00 28.25 ? 21  G   C "O4'" 1 
ATOM   364 C  "C3'" . G   C 1 1 ? -1.698  -17.742 8.730   1.00 24.09 ? 21  G   C "C3'" 1 
ATOM   365 O  "O3'" . G   C 1 1 ? -0.641  -18.567 8.300   1.00 24.89 ? 21  G   C "O3'" 1 
ATOM   366 C  "C2'" . G   C 1 1 ? -3.025  -18.200 8.147   1.00 22.42 ? 21  G   C "C2'" 1 
ATOM   367 O  "O2'" . G   C 1 1 ? -3.171  -19.603 8.099   1.00 25.71 ? 21  G   C "O2'" 1 
ATOM   368 C  "C1'" . G   C 1 1 ? -3.999  -17.563 9.138   1.00 23.83 ? 21  G   C "C1'" 1 
ATOM   369 N  N9    . G   C 1 1 ? -4.274  -16.193 8.714   1.00 22.22 ? 21  G   C N9    1 
ATOM   370 C  C8    . G   C 1 1 ? -3.844  -15.037 9.311   1.00 21.34 ? 21  G   C C8    1 
ATOM   371 N  N7    . G   C 1 1 ? -4.265  -13.959 8.703   1.00 23.19 ? 21  G   C N7    1 
ATOM   372 C  C5    . G   C 1 1 ? -5.016  -14.434 7.629   1.00 20.47 ? 21  G   C C5    1 
ATOM   373 C  C6    . G   C 1 1 ? -5.722  -13.724 6.602   1.00 20.22 ? 21  G   C C6    1 
ATOM   374 O  O6    . G   C 1 1 ? -5.857  -12.489 6.460   1.00 21.34 ? 21  G   C O6    1 
ATOM   375 N  N1    . G   C 1 1 ? -6.314  -14.598 5.693   1.00 20.21 ? 21  G   C N1    1 
ATOM   376 C  C2    . G   C 1 1 ? -6.237  -15.968 5.762   1.00 21.52 ? 21  G   C C2    1 
ATOM   377 N  N2    . G   C 1 1 ? -6.836  -16.657 4.762   1.00 21.18 ? 21  G   C N2    1 
ATOM   378 N  N3    . G   C 1 1 ? -5.608  -16.633 6.733   1.00 21.58 ? 21  G   C N3    1 
ATOM   379 C  C4    . G   C 1 1 ? -5.028  -15.807 7.617   1.00 22.06 ? 21  G   C C4    1 
ATOM   380 P  P     . G   C 1 2 ? 0.265   -18.112 7.053   1.00 27.36 ? 22  G   C P     1 
ATOM   381 O  OP1   . G   C 1 2 ? 1.306   -19.176 6.946   1.00 23.55 ? 22  G   C OP1   1 
ATOM   382 O  OP2   . G   C 1 2 ? 0.656   -16.698 7.153   1.00 21.72 ? 22  G   C OP2   1 
ATOM   383 O  "O5'" . G   C 1 2 ? -0.699  -18.195 5.798   1.00 21.13 ? 22  G   C "O5'" 1 
ATOM   384 C  "C5'" . G   C 1 2 ? -1.248  -19.424 5.407   1.00 20.94 ? 22  G   C "C5'" 1 
ATOM   385 C  "C4'" . G   C 1 2 ? -2.064  -19.224 4.173   1.00 22.19 ? 22  G   C "C4'" 1 
ATOM   386 O  "O4'" . G   C 1 2 ? -3.188  -18.384 4.498   1.00 21.36 ? 22  G   C "O4'" 1 
ATOM   387 C  "C3'" . G   C 1 2 ? -1.356  -18.431 3.098   1.00 21.64 ? 22  G   C "C3'" 1 
ATOM   388 O  "O3'" . G   C 1 2 ? -0.463  -19.271 2.386   1.00 22.45 ? 22  G   C "O3'" 1 
ATOM   389 C  "C2'" . G   C 1 2 ? -2.540  -17.979 2.261   1.00 20.85 ? 22  G   C "C2'" 1 
ATOM   390 O  "O2'" . G   C 1 2 ? -3.093  -19.070 1.559   1.00 22.23 ? 22  G   C "O2'" 1 
ATOM   391 C  "C1'" . G   C 1 2 ? -3.528  -17.610 3.366   1.00 20.38 ? 22  G   C "C1'" 1 
ATOM   392 N  N9    . G   C 1 2 ? -3.470  -16.204 3.735   1.00 19.21 ? 22  G   C N9    1 
ATOM   393 C  C8    . G   C 1 2 ? -2.911  -15.641 4.856   1.00 19.10 ? 22  G   C C8    1 
ATOM   394 N  N7    . G   C 1 2 ? -3.063  -14.347 4.906   1.00 16.67 ? 22  G   C N7    1 
ATOM   395 C  C5    . G   C 1 2 ? -3.776  -14.040 3.751   1.00 17.89 ? 22  G   C C5    1 
ATOM   396 C  C6    . G   C 1 2 ? -4.255  -12.793 3.266   1.00 19.32 ? 22  G   C C6    1 
ATOM   397 O  O6    . G   C 1 2 ? -4.178  -11.669 3.803   1.00 15.70 ? 22  G   C O6    1 
ATOM   398 N  N1    . G   C 1 2 ? -4.879  -12.936 2.014   1.00 18.75 ? 22  G   C N1    1 
ATOM   399 C  C2    . G   C 1 2 ? -5.028  -14.126 1.336   1.00 17.81 ? 22  G   C C2    1 
ATOM   400 N  N2    . G   C 1 2 ? -5.632  -14.057 0.126   1.00 17.80 ? 22  G   C N2    1 
ATOM   401 N  N3    . G   C 1 2 ? -4.615  -15.294 1.798   1.00 19.02 ? 22  G   C N3    1 
ATOM   402 C  C4    . G   C 1 2 ? -4.003  -15.174 3.003   1.00 20.50 ? 22  G   C C4    1 
ATOM   403 P  P     . C   C 1 3 ? 0.812   -18.645 1.677   1.00 26.10 ? 23  C   C P     1 
ATOM   404 O  OP1   . C   C 1 3 ? 1.663   -19.766 1.232   1.00 27.67 ? 23  C   C OP1   1 
ATOM   405 O  OP2   . C   C 1 3 ? 1.378   -17.602 2.580   1.00 25.49 ? 23  C   C OP2   1 
ATOM   406 O  "O5'" . C   C 1 3 ? 0.228   -17.941 0.369   1.00 24.61 ? 23  C   C "O5'" 1 
ATOM   407 C  "C5'" . C   C 1 3 ? -0.318  -18.719 -0.692  1.00 25.72 ? 23  C   C "C5'" 1 
ATOM   408 C  "C4'" . C   C 1 3 ? -0.900  -17.817 -1.760  1.00 25.63 ? 23  C   C "C4'" 1 
ATOM   409 O  "O4'" . C   C 1 3 ? -2.081  -17.127 -1.250  1.00 25.90 ? 23  C   C "O4'" 1 
ATOM   410 C  "C3'" . C   C 1 3 ? -0.011  -16.675 -2.207  1.00 26.80 ? 23  C   C "C3'" 1 
ATOM   411 O  "O3'" . C   C 1 3 ? 0.987   -17.081 -3.115  1.00 32.20 ? 23  C   C "O3'" 1 
ATOM   412 C  "C2'" . C   C 1 3 ? -1.024  -15.747 -2.858  1.00 24.43 ? 23  C   C "C2'" 1 
ATOM   413 O  "O2'" . C   C 1 3 ? -1.459  -16.205 -4.126  1.00 28.29 ? 23  C   C "O2'" 1 
ATOM   414 C  "C1'" . C   C 1 3 ? -2.148  -15.823 -1.829  1.00 23.71 ? 23  C   C "C1'" 1 
ATOM   415 N  N1    . C   C 1 3 ? -1.932  -14.822 -0.768  1.00 22.12 ? 23  C   C N1    1 
ATOM   416 C  C2    . C   C 1 3 ? -2.394  -13.528 -1.002  1.00 19.69 ? 23  C   C C2    1 
ATOM   417 O  O2    . C   C 1 3 ? -2.935  -13.294 -2.076  1.00 20.37 ? 23  C   C O2    1 
ATOM   418 N  N3    . C   C 1 3 ? -2.238  -12.581 -0.061  1.00 18.94 ? 23  C   C N3    1 
ATOM   419 C  C4    . C   C 1 3 ? -1.627  -12.875 1.087   1.00 20.32 ? 23  C   C C4    1 
ATOM   420 N  N4    . C   C 1 3 ? -1.509  -11.899 1.995   1.00 18.10 ? 23  C   C N4    1 
ATOM   421 C  C5    . C   C 1 3 ? -1.115  -14.191 1.355   1.00 19.67 ? 23  C   C C5    1 
ATOM   422 C  C6    . C   C 1 3 ? -1.300  -15.129 0.409   1.00 22.96 ? 23  C   C C6    1 
ATOM   423 P  P     . G   C 1 4 ? 2.426   -16.390 -3.042  1.00 33.03 ? 24  G   C P     1 
ATOM   424 O  OP1   . G   C 1 4 ? 3.238   -17.112 -4.042  1.00 35.70 ? 24  G   C OP1   1 
ATOM   425 O  OP2   . G   C 1 4 ? 2.923   -16.228 -1.653  1.00 31.44 ? 24  G   C OP2   1 
ATOM   426 O  "O5'" . G   C 1 4 ? 2.177   -14.884 -3.504  1.00 33.59 ? 24  G   C "O5'" 1 
ATOM   427 C  "C5'" . G   C 1 4 ? 1.919   -14.568 -4.850  1.00 30.62 ? 24  G   C "C5'" 1 
ATOM   428 C  "C4'" . G   C 1 4 ? 1.570   -13.101 -4.983  1.00 28.96 ? 24  G   C "C4'" 1 
ATOM   429 O  "O4'" . G   C 1 4 ? 0.421   -12.831 -4.122  1.00 25.95 ? 24  G   C "O4'" 1 
ATOM   430 C  "C3'" . G   C 1 4 ? 2.559   -12.029 -4.523  1.00 27.11 ? 24  G   C "C3'" 1 
ATOM   431 O  "O3'" . G   C 1 4 ? 3.679   -11.790 -5.389  1.00 24.25 ? 24  G   C "O3'" 1 
ATOM   432 C  "C2'" . G   C 1 4 ? 1.625   -10.833 -4.511  1.00 25.55 ? 24  G   C "C2'" 1 
ATOM   433 O  "O2'" . G   C 1 4 ? 1.308   -10.436 -5.835  1.00 29.08 ? 24  G   C "O2'" 1 
ATOM   434 C  "C1'" . G   C 1 4 ? 0.392   -11.436 -3.832  1.00 24.28 ? 24  G   C "C1'" 1 
ATOM   435 N  N9    . G   C 1 4 ? 0.446   -11.197 -2.385  1.00 21.42 ? 24  G   C N9    1 
ATOM   436 C  C8    . G   C 1 4 ? 0.862   -12.031 -1.366  1.00 19.60 ? 24  G   C C8    1 
ATOM   437 N  N7    . G   C 1 4 ? 0.921   -11.427 -0.204  1.00 18.56 ? 24  G   C N7    1 
ATOM   438 C  C5    . G   C 1 4 ? 0.470   -10.133 -0.471  1.00 18.57 ? 24  G   C C5    1 
ATOM   439 C  C6    . G   C 1 4 ? 0.323   -9.010  0.382   1.00 19.12 ? 24  G   C C6    1 
ATOM   440 O  O6    . G   C 1 4 ? 0.555   -8.918  1.586   1.00 18.18 ? 24  G   C O6    1 
ATOM   441 N  N1    . G   C 1 4 ? -0.163  -7.899  -0.310  1.00 20.67 ? 24  G   C N1    1 
ATOM   442 C  C2    . G   C 1 4 ? -0.498  -7.885  -1.636  1.00 20.21 ? 24  G   C C2    1 
ATOM   443 N  N2    . G   C 1 4 ? -1.042  -6.746  -2.117  1.00 22.01 ? 24  G   C N2    1 
ATOM   444 N  N3    . G   C 1 4 ? -0.339  -8.915  -2.444  1.00 21.79 ? 24  G   C N3    1 
ATOM   445 C  C4    . G   C 1 4 ? 0.146   -9.995  -1.799  1.00 20.07 ? 24  G   C C4    1 
ATOM   446 P  P     . A   C 1 5 ? 5.002   -11.041 -4.825  1.00 26.96 ? 25  A   C P     1 
ATOM   447 O  OP1   . A   C 1 5 ? 6.010   -11.024 -5.931  1.00 24.77 ? 25  A   C OP1   1 
ATOM   448 O  OP2   . A   C 1 5 ? 5.399   -11.539 -3.481  1.00 25.16 ? 25  A   C OP2   1 
ATOM   449 O  "O5'" . A   C 1 5 ? 4.559   -9.526  -4.608  1.00 24.66 ? 25  A   C "O5'" 1 
ATOM   450 C  "C5'" . A   C 1 5 ? 4.012   -8.782  -5.679  1.00 21.87 ? 25  A   C "C5'" 1 
ATOM   451 C  "C4'" . A   C 1 5 ? 3.562   -7.432  -5.191  1.00 19.95 ? 25  A   C "C4'" 1 
ATOM   452 O  "O4'" . A   C 1 5 ? 2.529   -7.606  -4.185  1.00 19.49 ? 25  A   C "O4'" 1 
ATOM   453 C  "C3'" . A   C 1 5 ? 4.590   -6.595  -4.468  1.00 22.80 ? 25  A   C "C3'" 1 
ATOM   454 O  "O3'" . A   C 1 5 ? 5.464   -5.987  -5.392  1.00 23.22 ? 25  A   C "O3'" 1 
ATOM   455 C  "C2'" . A   C 1 5 ? 3.689   -5.593  -3.763  1.00 21.44 ? 25  A   C "C2'" 1 
ATOM   456 O  "O2'" . A   C 1 5 ? 3.110   -4.692  -4.703  1.00 21.57 ? 25  A   C "O2'" 1 
ATOM   457 C  "C1'" . A   C 1 5 ? 2.600   -6.531  -3.254  1.00 20.38 ? 25  A   C "C1'" 1 
ATOM   458 N  N9    . A   C 1 5 ? 2.940   -7.091  -1.943  1.00 18.58 ? 25  A   C N9    1 
ATOM   459 C  C8    . A   C 1 5 ? 3.314   -8.376  -1.646  1.00 20.26 ? 25  A   C C8    1 
ATOM   460 N  N7    . A   C 1 5 ? 3.491   -8.591  -0.364  1.00 19.17 ? 25  A   C N7    1 
ATOM   461 C  C5    . A   C 1 5 ? 3.221   -7.360  0.220   1.00 19.52 ? 25  A   C C5    1 
ATOM   462 C  C6    . A   C 1 5 ? 3.211   -6.936  1.555   1.00 19.92 ? 25  A   C C6    1 
ATOM   463 N  N6    . A   C 1 5 ? 3.439   -7.757  2.592   1.00 18.58 ? 25  A   C N6    1 
ATOM   464 N  N1    . A   C 1 5 ? 2.933   -5.640  1.799   1.00 19.77 ? 25  A   C N1    1 
ATOM   465 C  C2    . A   C 1 5 ? 2.655   -4.833  0.761   1.00 20.94 ? 25  A   C C2    1 
ATOM   466 N  N3    . A   C 1 5 ? 2.617   -5.122  -0.545  1.00 19.15 ? 25  A   C N3    1 
ATOM   467 C  C4    . A   C 1 5 ? 2.907   -6.419  -0.745  1.00 18.76 ? 25  A   C C4    1 
ATOM   468 P  P     . C   C 1 6 ? 7.030   -5.936  -5.084  1.00 26.06 ? 26  C   C P     1 
ATOM   469 O  OP1   . C   C 1 6 ? 7.679   -5.474  -6.338  1.00 27.95 ? 26  C   C OP1   1 
ATOM   470 O  OP2   . C   C 1 6 ? 7.462   -7.228  -4.461  1.00 24.69 ? 26  C   C OP2   1 
ATOM   471 O  "O5'" . C   C 1 6 ? 7.203   -4.788  -4.001  1.00 24.65 ? 26  C   C "O5'" 1 
ATOM   472 C  "C5'" . C   C 1 6 ? 6.815   -3.458  -4.311  1.00 22.08 ? 26  C   C "C5'" 1 
ATOM   473 C  "C4'" . C   C 1 6 ? 6.687   -2.654  -3.052  1.00 20.61 ? 26  C   C "C4'" 1 
ATOM   474 O  "O4'" . C   C 1 6 ? 5.665   -3.283  -2.247  1.00 23.61 ? 26  C   C "O4'" 1 
ATOM   475 C  "C3'" . C   C 1 6 ? 7.902   -2.630  -2.135  1.00 20.73 ? 26  C   C "C3'" 1 
ATOM   476 O  "O3'" . C   C 1 6 ? 8.827   -1.623  -2.544  1.00 24.72 ? 26  C   C "O3'" 1 
ATOM   477 C  "C2'" . C   C 1 6 ? 7.254   -2.270  -0.804  1.00 18.86 ? 26  C   C "C2'" 1 
ATOM   478 O  "O2'" . C   C 1 6 ? 6.933   -0.890  -0.687  1.00 23.84 ? 26  C   C "O2'" 1 
ATOM   479 C  "C1'" . C   C 1 6 ? 5.966   -3.087  -0.878  1.00 21.62 ? 26  C   C "C1'" 1 
ATOM   480 N  N1    . C   C 1 6 ? 6.129   -4.389  -0.234  1.00 20.46 ? 26  C   C N1    1 
ATOM   481 C  C2    . C   C 1 6 ? 6.135   -4.428  1.157   1.00 20.32 ? 26  C   C C2    1 
ATOM   482 O  O2    . C   C 1 6 ? 5.954   -3.353  1.795   1.00 19.55 ? 26  C   C O2    1 
ATOM   483 N  N3    . C   C 1 6 ? 6.330   -5.608  1.782   1.00 20.22 ? 26  C   C N3    1 
ATOM   484 C  C4    . C   C 1 6 ? 6.495   -6.727  1.074   1.00 20.57 ? 26  C   C C4    1 
ATOM   485 N  N4    . C   C 1 6 ? 6.693   -7.873  1.751   1.00 22.02 ? 26  C   C N4    1 
ATOM   486 C  C5    . C   C 1 6 ? 6.473   -6.728  -0.356  1.00 22.97 ? 26  C   C C5    1 
ATOM   487 C  C6    . C   C 1 6 ? 6.289   -5.538  -0.964  1.00 21.96 ? 26  C   C C6    1 
HETATM 488 P  P     . 5BU C 1 7 ? 10.387  -1.724  -2.113  1.00 24.99 ? 27  5BU C P     1 
HETATM 489 O  OP1   . 5BU C 1 7 ? 11.061  -0.626  -2.861  1.00 27.10 ? 27  5BU C OP1   1 
HETATM 490 O  OP2   . 5BU C 1 7 ? 10.830  -3.136  -2.286  1.00 24.69 ? 27  5BU C OP2   1 
HETATM 491 O  "O5'" . 5BU C 1 7 ? 10.410  -1.387  -0.556  1.00 23.24 ? 27  5BU C "O5'" 1 
HETATM 492 C  "C5'" . 5BU C 1 7 ? 10.172  -0.068  -0.108  1.00 21.88 ? 27  5BU C "C5'" 1 
HETATM 493 C  "C4'" . 5BU C 1 7 ? 10.429  0.052   1.372   1.00 24.54 ? 27  5BU C "C4'" 1 
HETATM 494 O  "O4'" . 5BU C 1 7 ? 9.464   -0.729  2.105   1.00 22.86 ? 27  5BU C "O4'" 1 
HETATM 495 C  "C3'" . 5BU C 1 7 ? 11.763  -0.471  1.883   1.00 23.06 ? 27  5BU C "C3'" 1 
HETATM 496 O  "O3'" . 5BU C 1 7 ? 12.797  0.473   1.651   1.00 24.99 ? 27  5BU C "O3'" 1 
HETATM 497 C  "C2'" . 5BU C 1 7 ? 11.468  -0.623  3.364   1.00 21.37 ? 27  5BU C "C2'" 1 
HETATM 498 O  "O2'" . 5BU C 1 7 ? 11.413  0.612   4.059   1.00 22.53 ? 27  5BU C "O2'" 1 
HETATM 499 C  "C1'" . 5BU C 1 7 ? 10.054  -1.190  3.307   1.00 23.58 ? 27  5BU C "C1'" 1 
HETATM 500 N  N1    . 5BU C 1 7 ? 10.059  -2.649  3.266   1.00 23.32 ? 27  5BU C N1    1 
HETATM 501 C  C2    . 5BU C 1 7 ? 10.154  -3.301  4.479   1.00 21.60 ? 27  5BU C C2    1 
HETATM 502 O  O2    . 5BU C 1 7 ? 10.309  -2.699  5.517   1.00 24.21 ? 27  5BU C O2    1 
HETATM 503 N  N3    . 5BU C 1 7 ? 10.061  -4.663  4.408   1.00 23.78 ? 27  5BU C N3    1 
HETATM 504 C  C4    . 5BU C 1 7 ? 9.905   -5.417  3.257   1.00 22.46 ? 27  5BU C C4    1 
HETATM 505 O  O4    . 5BU C 1 7 ? 9.644   -6.618  3.339   1.00 23.32 ? 27  5BU C O4    1 
HETATM 506 C  C5    . 5BU C 1 7 ? 9.878   -4.654  2.048   1.00 24.06 ? 27  5BU C C5    1 
HETATM 507 C  C6    . 5BU C 1 7 ? 9.948   -3.335  2.096   1.00 21.13 ? 27  5BU C C6    1 
HETATM 508 BR BR    . 5BU C 1 7 ? 9.751   -5.543  0.403   1.00 27.72 ? 27  5BU C BR    1 
ATOM   509 P  P     . G   C 1 8 ? 14.292  -0.054  1.400   1.00 28.79 ? 28  G   C P     1 
ATOM   510 O  OP1   . G   C 1 8 ? 15.131  1.137   1.153   1.00 29.41 ? 28  G   C OP1   1 
ATOM   511 O  OP2   . G   C 1 8 ? 14.294  -1.162  0.442   1.00 19.97 ? 28  G   C OP2   1 
ATOM   512 O  "O5'" . G   C 1 8 ? 14.690  -0.703  2.795   1.00 24.54 ? 28  G   C "O5'" 1 
ATOM   513 C  "C5'" . G   C 1 8 ? 14.869  0.098   3.961   1.00 23.32 ? 28  G   C "C5'" 1 
ATOM   514 C  "C4'" . G   C 1 8 ? 15.160  -0.786  5.144   1.00 22.40 ? 28  G   C "C4'" 1 
ATOM   515 O  "O4'" . G   C 1 8 ? 14.026  -1.653  5.357   1.00 21.73 ? 28  G   C "O4'" 1 
ATOM   516 C  "C3'" . G   C 1 8 ? 16.314  -1.762  4.964   1.00 24.93 ? 28  G   C "C3'" 1 
ATOM   517 O  "O3'" . G   C 1 8 ? 17.617  -1.152  5.041   1.00 25.14 ? 28  G   C "O3'" 1 
ATOM   518 C  "C2'" . G   C 1 8 ? 16.009  -2.815  6.020   1.00 22.14 ? 28  G   C "C2'" 1 
ATOM   519 O  "O2'" . G   C 1 8 ? 16.414  -2.434  7.323   1.00 23.95 ? 28  G   C "O2'" 1 
ATOM   520 C  "C1'" . G   C 1 8 ? 14.477  -2.854  5.967   1.00 22.28 ? 28  G   C "C1'" 1 
ATOM   521 N  N9    . G   C 1 8 ? 13.971  -3.996  5.217   1.00 21.68 ? 28  G   C N9    1 
ATOM   522 C  C8    . G   C 1 8 ? 13.588  -4.060  3.902   1.00 21.79 ? 28  G   C C8    1 
ATOM   523 N  N7    . G   C 1 8 ? 13.167  -5.247  3.552   1.00 22.58 ? 28  G   C N7    1 
ATOM   524 C  C5    . G   C 1 8 ? 13.288  -6.015  4.705   1.00 20.91 ? 28  G   C C5    1 
ATOM   525 C  C6    . G   C 1 8 ? 13.005  -7.396  4.940   1.00 19.88 ? 28  G   C C6    1 
ATOM   526 O  O6    . G   C 1 8 ? 12.605  -8.261  4.139   1.00 22.27 ? 28  G   C O6    1 
ATOM   527 N  N1    . G   C 1 8 ? 13.256  -7.749  6.257   1.00 19.93 ? 28  G   C N1    1 
ATOM   528 C  C2    . G   C 1 8 ? 13.739  -6.903  7.231   1.00 20.58 ? 28  G   C C2    1 
ATOM   529 N  N2    . G   C 1 8 ? 13.879  -7.413  8.455   1.00 20.40 ? 28  G   C N2    1 
ATOM   530 N  N3    . G   C 1 8 ? 14.050  -5.628  7.013   1.00 20.99 ? 28  G   C N3    1 
ATOM   531 C  C4    . G   C 1 8 ? 13.789  -5.259  5.740   1.00 20.89 ? 28  G   C C4    1 
ATOM   532 O  "O5'" . C   D 2 1 ? 10.331  -15.206 9.625   1.00 29.80 ? 29  C   D "O5'" 1 
ATOM   533 C  "C5'" . C   D 2 1 ? 11.180  -15.522 10.719  1.00 29.04 ? 29  C   D "C5'" 1 
ATOM   534 C  "C4'" . C   D 2 1 ? 11.950  -14.300 11.154  1.00 27.74 ? 29  C   D "C4'" 1 
ATOM   535 O  "O4'" . C   D 2 1 ? 12.926  -13.958 10.138  1.00 27.93 ? 29  C   D "O4'" 1 
ATOM   536 C  "C3'" . C   D 2 1 ? 11.107  -13.048 11.274  1.00 27.21 ? 29  C   D "C3'" 1 
ATOM   537 O  "O3'" . C   D 2 1 ? 10.448  -13.002 12.520  1.00 30.65 ? 29  C   D "O3'" 1 
ATOM   538 C  "C2'" . C   D 2 1 ? 12.157  -11.955 11.151  1.00 28.22 ? 29  C   D "C2'" 1 
ATOM   539 O  "O2'" . C   D 2 1 ? 12.915  -11.754 12.326  1.00 27.33 ? 29  C   D "O2'" 1 
ATOM   540 C  "C1'" . C   D 2 1 ? 13.037  -12.541 10.048  1.00 27.38 ? 29  C   D "C1'" 1 
ATOM   541 N  N1    . C   D 2 1 ? 12.583  -12.126 8.708   1.00 24.17 ? 29  C   D N1    1 
ATOM   542 C  C2    . C   D 2 1 ? 12.801  -10.799 8.303   1.00 22.90 ? 29  C   D C2    1 
ATOM   543 O  O2    . C   D 2 1 ? 13.222  -9.989  9.143   1.00 19.69 ? 29  C   D O2    1 
ATOM   544 N  N3    . C   D 2 1 ? 12.517  -10.441 7.019   1.00 22.26 ? 29  C   D N3    1 
ATOM   545 C  C4    . C   D 2 1 ? 12.001  -11.347 6.178   1.00 25.06 ? 29  C   D C4    1 
ATOM   546 N  N4    . C   D 2 1 ? 11.808  -10.998 4.908   1.00 22.52 ? 29  C   D N4    1 
ATOM   547 C  C5    . C   D 2 1 ? 11.683  -12.680 6.601   1.00 23.24 ? 29  C   D C5    1 
ATOM   548 C  C6    . C   D 2 1 ? 11.994  -13.019 7.858   1.00 23.18 ? 29  C   D C6    1 
ATOM   549 P  P     . A   D 2 2 ? 9.030   -12.276 12.623  1.00 31.52 ? 30  A   D P     1 
ATOM   550 O  OP1   . A   D 2 2 ? 8.456   -12.712 13.915  1.00 33.26 ? 30  A   D OP1   1 
ATOM   551 O  OP2   . A   D 2 2 ? 8.359   -12.641 11.338  1.00 30.41 ? 30  A   D OP2   1 
ATOM   552 O  "O5'" . A   D 2 2 ? 9.389   -10.719 12.665  1.00 28.45 ? 30  A   D "O5'" 1 
ATOM   553 C  "C5'" . A   D 2 2 ? 10.090  -10.154 13.770  1.00 26.91 ? 30  A   D "C5'" 1 
ATOM   554 C  "C4'" . A   D 2 2 ? 10.340  -8.676  13.532  1.00 29.37 ? 30  A   D "C4'" 1 
ATOM   555 O  "O4'" . A   D 2 2 ? 11.317  -8.526  12.464  1.00 26.81 ? 30  A   D "O4'" 1 
ATOM   556 C  "C3'" . A   D 2 2 ? 9.127   -7.908  13.009  1.00 26.48 ? 30  A   D "C3'" 1 
ATOM   557 O  "O3'" . A   D 2 2 ? 8.214   -7.498  14.015  1.00 33.00 ? 30  A   D "O3'" 1 
ATOM   558 C  "C2'" . A   D 2 2 ? 9.778   -6.726  12.316  1.00 24.67 ? 30  A   D "C2'" 1 
ATOM   559 O  "O2'" . A   D 2 2 ? 10.238  -5.733  13.213  1.00 27.40 ? 30  A   D "O2'" 1 
ATOM   560 C  "C1'" . A   D 2 2 ? 10.947  -7.424  11.637  1.00 25.56 ? 30  A   D "C1'" 1 
ATOM   561 N  N9    . A   D 2 2 ? 10.531  -7.935  10.338  1.00 25.12 ? 30  A   D N9    1 
ATOM   562 C  C8    . A   D 2 2 ? 10.077  -9.177  9.992   1.00 24.37 ? 30  A   D C8    1 
ATOM   563 N  N7    . A   D 2 2 ? 9.803   -9.300  8.712   1.00 25.50 ? 30  A   D N7    1 
ATOM   564 C  C5    . A   D 2 2 ? 10.097  -8.051  8.184   1.00 24.87 ? 30  A   D C5    1 
ATOM   565 C  C6    . A   D 2 2 ? 10.016  -7.527  6.869   1.00 25.58 ? 30  A   D C6    1 
ATOM   566 N  N6    . A   D 2 2 ? 9.605   -8.229  5.802   1.00 25.66 ? 30  A   D N6    1 
ATOM   567 N  N1    . A   D 2 2 ? 10.377  -6.241  6.693   1.00 26.03 ? 30  A   D N1    1 
ATOM   568 C  C2    . A   D 2 2 ? 10.792  -5.528  7.761   1.00 24.06 ? 30  A   D C2    1 
ATOM   569 N  N3    . A   D 2 2 ? 10.909  -5.912  9.040   1.00 27.69 ? 30  A   D N3    1 
ATOM   570 C  C4    . A   D 2 2 ? 10.536  -7.197  9.174   1.00 24.28 ? 30  A   D C4    1 
ATOM   571 P  P     . G   D 2 3 ? 6.657   -7.322  13.625  1.00 33.45 ? 31  G   D P     1 
ATOM   572 O  OP1   . G   D 2 3 ? 5.936   -6.878  14.842  1.00 37.37 ? 31  G   D OP1   1 
ATOM   573 O  OP2   . G   D 2 3 ? 6.193   -8.501  12.860  1.00 35.35 ? 31  G   D OP2   1 
ATOM   574 O  "O5'" . G   D 2 3 ? 6.630   -6.156  12.534  1.00 34.41 ? 31  G   D "O5'" 1 
ATOM   575 C  "C5'" . G   D 2 3 ? 6.962   -4.828  12.894  1.00 32.69 ? 31  G   D "C5'" 1 
ATOM   576 C  "C4'" . G   D 2 3 ? 7.168   -3.967  11.660  1.00 27.34 ? 31  G   D "C4'" 1 
ATOM   577 O  "O4'" . G   D 2 3 ? 7.945   -4.700  10.676  1.00 25.95 ? 31  G   D "O4'" 1 
ATOM   578 C  "C3'" . G   D 2 3 ? 5.951   -3.559  10.843  1.00 26.31 ? 31  G   D "C3'" 1 
ATOM   579 O  "O3'" . G   D 2 3 ? 5.250   -2.496  11.485  1.00 25.75 ? 31  G   D "O3'" 1 
ATOM   580 C  "C2'" . G   D 2 3 ? 6.636   -3.069  9.578   1.00 22.10 ? 31  G   D "C2'" 1 
ATOM   581 O  "O2'" . G   D 2 3 ? 7.311   -1.851  9.829   1.00 27.87 ? 31  G   D "O2'" 1 
ATOM   582 C  "C1'" . G   D 2 3 ? 7.692   -4.145  9.389   1.00 23.16 ? 31  G   D "C1'" 1 
ATOM   583 N  N9    . G   D 2 3 ? 7.289   -5.210  8.479   1.00 22.59 ? 31  G   D N9    1 
ATOM   584 C  C8    . G   D 2 3 ? 7.114   -6.538  8.761   1.00 21.60 ? 31  G   D C8    1 
ATOM   585 N  N7    . G   D 2 3 ? 6.808   -7.252  7.710   1.00 22.20 ? 31  G   D N7    1 
ATOM   586 C  C5    . G   D 2 3 ? 6.766   -6.336  6.671   1.00 20.82 ? 31  G   D C5    1 
ATOM   587 C  C6    . G   D 2 3 ? 6.492   -6.530  5.301   1.00 21.58 ? 31  G   D C6    1 
ATOM   588 O  O6    . G   D 2 3 ? 6.246   -7.588  4.708   1.00 21.48 ? 31  G   D O6    1 
ATOM   589 N  N1    . G   D 2 3 ? 6.529   -5.331  4.597   1.00 20.46 ? 31  G   D N1    1 
ATOM   590 C  C2    . G   D 2 3 ? 6.816   -4.094  5.141   1.00 22.99 ? 31  G   D C2    1 
ATOM   591 N  N2    . G   D 2 3 ? 6.828   -3.030  4.277   1.00 22.08 ? 31  G   D N2    1 
ATOM   592 N  N3    . G   D 2 3 ? 7.083   -3.901  6.435   1.00 22.00 ? 31  G   D N3    1 
ATOM   593 C  C4    . G   D 2 3 ? 7.038   -5.064  7.130   1.00 21.36 ? 31  G   D C4    1 
ATOM   594 P  P     . U   D 2 4 ? 3.676   -2.320  11.238  1.00 28.56 ? 32  U   D P     1 
ATOM   595 O  OP1   . U   D 2 4 ? 3.200   -1.267  12.162  1.00 28.77 ? 32  U   D OP1   1 
ATOM   596 O  OP2   . U   D 2 4 ? 3.025   -3.665  11.225  1.00 23.40 ? 32  U   D OP2   1 
ATOM   597 O  "O5'" . U   D 2 4 ? 3.571   -1.727  9.760   1.00 24.51 ? 32  U   D "O5'" 1 
ATOM   598 C  "C5'" . U   D 2 4 ? 3.963   -0.393  9.485   1.00 23.89 ? 32  U   D "C5'" 1 
ATOM   599 C  "C4'" . U   D 2 4 ? 3.685   -0.072  8.035   1.00 23.15 ? 32  U   D "C4'" 1 
ATOM   600 O  "O4'" . U   D 2 4 ? 4.458   -0.973  7.225   1.00 21.79 ? 32  U   D "O4'" 1 
ATOM   601 C  "C3'" . U   D 2 4 ? 2.251   -0.309  7.595   1.00 21.95 ? 32  U   D "C3'" 1 
ATOM   602 O  "O3'" . U   D 2 4 ? 1.537   0.892   7.766   1.00 25.00 ? 32  U   D "O3'" 1 
ATOM   603 C  "C2'" . U   D 2 4 ? 2.399   -0.533  6.100   1.00 21.11 ? 32  U   D "C2'" 1 
ATOM   604 O  "O2'" . U   D 2 4 ? 2.455   0.704   5.420   1.00 22.14 ? 32  U   D "O2'" 1 
ATOM   605 C  "C1'" . U   D 2 4 ? 3.748   -1.249  6.024   1.00 20.67 ? 32  U   D "C1'" 1 
ATOM   606 N  N1    . U   D 2 4 ? 3.616   -2.704  5.862   1.00 20.14 ? 32  U   D N1    1 
ATOM   607 C  C2    . U   D 2 4 ? 3.429   -3.159  4.580   1.00 19.91 ? 32  U   D C2    1 
ATOM   608 O  O2    . U   D 2 4 ? 3.348   -2.393  3.630   1.00 21.66 ? 32  U   D O2    1 
ATOM   609 N  N3    . U   D 2 4 ? 3.325   -4.525  4.449   1.00 18.97 ? 32  U   D N3    1 
ATOM   610 C  C4    . U   D 2 4 ? 3.363   -5.463  5.486   1.00 21.70 ? 32  U   D C4    1 
ATOM   611 O  O4    . U   D 2 4 ? 3.165   -6.653  5.249   1.00 20.87 ? 32  U   D O4    1 
ATOM   612 C  C5    . U   D 2 4 ? 3.542   -4.897  6.782   1.00 20.63 ? 32  U   D C5    1 
ATOM   613 C  C6    . U   D 2 4 ? 3.666   -3.568  6.920   1.00 21.17 ? 32  U   D C6    1 
ATOM   614 P  P     . A   D 2 5 ? 0.876   1.224   9.175   1.00 28.44 ? 33  A   D P     1 
ATOM   615 O  OP1   . A   D 2 5 ? 1.955   1.816   10.012  1.00 31.57 ? 33  A   D OP1   1 
ATOM   616 O  OP2   . A   D 2 5 ? 0.146   0.026   9.641   1.00 26.60 ? 33  A   D OP2   1 
ATOM   617 O  "O5'" . A   D 2 5 ? -0.141  2.397   8.836   1.00 27.35 ? 33  A   D "O5'" 1 
ATOM   618 C  "C5'" . A   D 2 5 ? -1.465  2.117   8.418   1.00 25.10 ? 33  A   D "C5'" 1 
ATOM   619 C  "C4'" . A   D 2 5 ? -1.735  2.820   7.124   1.00 21.48 ? 33  A   D "C4'" 1 
ATOM   620 O  "O4'" . A   D 2 5 ? -1.350  4.204   7.272   1.00 19.35 ? 33  A   D "O4'" 1 
ATOM   621 C  "C3'" . A   D 2 5 ? -0.920  2.292   5.962   1.00 19.96 ? 33  A   D "C3'" 1 
ATOM   622 O  "O3'" . A   D 2 5 ? -1.767  1.318   5.364   1.00 20.90 ? 33  A   D "O3'" 1 
ATOM   623 C  "C2'" . A   D 2 5 ? -0.763  3.513   5.061   1.00 18.86 ? 33  A   D "C2'" 1 
ATOM   624 O  "O2'" . A   D 2 5 ? -1.859  3.687   4.179   1.00 17.51 ? 33  A   D "O2'" 1 
ATOM   625 C  "C1'" . A   D 2 5 ? -0.767  4.660   6.077   1.00 20.35 ? 33  A   D "C1'" 1 
ATOM   626 N  N9    . A   D 2 5 ? 0.523   5.234   6.426   1.00 19.71 ? 33  A   D N9    1 
ATOM   627 C  C8    . A   D 2 5 ? 1.680   4.606   6.822   1.00 19.91 ? 33  A   D C8    1 
ATOM   628 N  N7    . A   D 2 5 ? 2.656   5.432   7.103   1.00 22.54 ? 33  A   D N7    1 
ATOM   629 C  C5    . A   D 2 5 ? 2.109   6.695   6.867   1.00 21.79 ? 33  A   D C5    1 
ATOM   630 C  C6    . A   D 2 5 ? 2.633   7.997   6.964   1.00 20.66 ? 33  A   D C6    1 
ATOM   631 N  N6    . A   D 2 5 ? 3.893   8.269   7.335   1.00 24.44 ? 33  A   D N6    1 
ATOM   632 N  N1    . A   D 2 5 ? 1.819   9.033   6.648   1.00 21.34 ? 33  A   D N1    1 
ATOM   633 C  C2    . A   D 2 5 ? 0.564   8.774   6.262   1.00 20.36 ? 33  A   D C2    1 
ATOM   634 N  N3    . A   D 2 5 ? -0.044  7.586   6.129   1.00 21.13 ? 33  A   D N3    1 
ATOM   635 C  C4    . A   D 2 5 ? 0.794   6.583   6.448   1.00 20.29 ? 33  A   D C4    1 
ATOM   636 P  P     . C   D 2 6 ? -1.148  -0.005  4.714   1.00 17.53 ? 34  C   D P     1 
ATOM   637 O  OP1   . C   D 2 6 ? -1.166  -1.099  5.720   1.00 21.30 ? 34  C   D OP1   1 
ATOM   638 O  OP2   . C   D 2 6 ? 0.105   0.329   4.014   1.00 19.10 ? 34  C   D OP2   1 
ATOM   639 O  "O5'" . C   D 2 6 ? -2.283  -0.375  3.652   1.00 19.93 ? 34  C   D "O5'" 1 
ATOM   640 C  "C5'" . C   D 2 6 ? -2.623  0.551   2.618   1.00 16.20 ? 34  C   D "C5'" 1 
ATOM   641 C  "C4'" . C   D 2 6 ? -2.632  -0.146  1.270   1.00 14.80 ? 34  C   D "C4'" 1 
ATOM   642 O  "O4'" . C   D 2 6 ? -1.339  -0.742  0.978   1.00 17.05 ? 34  C   D "O4'" 1 
ATOM   643 C  "C3'" . C   D 2 6 ? -3.602  -1.308  1.149   1.00 18.88 ? 34  C   D "C3'" 1 
ATOM   644 O  "O3'" . C   D 2 6 ? -4.909  -0.806  0.894   1.00 21.55 ? 34  C   D "O3'" 1 
ATOM   645 C  "C2'" . C   D 2 6 ? -3.023  -2.064  -0.039  1.00 15.61 ? 34  C   D "C2'" 1 
ATOM   646 O  "O2'" . C   D 2 6 ? -3.307  -1.434  -1.269  1.00 16.14 ? 34  C   D "O2'" 1 
ATOM   647 C  "C1'" . C   D 2 6 ? -1.525  -1.954  0.248   1.00 16.53 ? 34  C   D "C1'" 1 
ATOM   648 N  N1    . C   D 2 6 ? -1.057  -3.098  1.067   1.00 15.34 ? 34  C   D N1    1 
ATOM   649 C  C2    . C   D 2 6 ? -1.000  -4.344  0.447   1.00 17.72 ? 34  C   D C2    1 
ATOM   650 O  O2    . C   D 2 6 ? -1.304  -4.415  -0.771  1.00 17.21 ? 34  C   D O2    1 
ATOM   651 N  N3    . C   D 2 6 ? -0.612  -5.440  1.167   1.00 16.95 ? 34  C   D N3    1 
ATOM   652 C  C4    . C   D 2 6 ? -0.287  -5.310  2.460   1.00 18.99 ? 34  C   D C4    1 
ATOM   653 N  N4    . C   D 2 6 ? 0.070   -6.430  3.142   1.00 17.98 ? 34  C   D N4    1 
ATOM   654 C  C5    . C   D 2 6 ? -0.319  -4.034  3.119   1.00 18.80 ? 34  C   D C5    1 
ATOM   655 C  C6    . C   D 2 6 ? -0.710  -2.961  2.381   1.00 18.63 ? 34  C   D C6    1 
ATOM   656 P  P     . G   D 2 7 ? -6.189  -1.708  1.218   1.00 23.09 ? 35  G   D P     1 
ATOM   657 O  OP1   . G   D 2 7 ? -7.422  -0.859  1.033   1.00 24.49 ? 35  G   D OP1   1 
ATOM   658 O  OP2   . G   D 2 7 ? -5.983  -2.484  2.459   1.00 21.64 ? 35  G   D OP2   1 
ATOM   659 O  "O5'" . G   D 2 7 ? -6.189  -2.757  0.024   1.00 22.31 ? 35  G   D "O5'" 1 
ATOM   660 C  "C5'" . G   D 2 7 ? -6.367  -2.332  -1.304  1.00 21.91 ? 35  G   D "C5'" 1 
ATOM   661 C  "C4'" . G   D 2 7 ? -6.337  -3.523  -2.232  1.00 20.08 ? 35  G   D "C4'" 1 
ATOM   662 O  "O4'" . G   D 2 7 ? -5.022  -4.126  -2.182  1.00 22.63 ? 35  G   D "O4'" 1 
ATOM   663 C  "C3'" . G   D 2 7 ? -7.266  -4.683  -1.914  1.00 20.33 ? 35  G   D "C3'" 1 
ATOM   664 O  "O3'" . G   D 2 7 ? -8.576  -4.428  -2.402  1.00 21.22 ? 35  G   D "O3'" 1 
ATOM   665 C  "C2'" . G   D 2 7 ? -6.611  -5.805  -2.709  1.00 19.34 ? 35  G   D "C2'" 1 
ATOM   666 O  "O2'" . G   D 2 7 ? -6.851  -5.638  -4.098  1.00 22.23 ? 35  G   D "O2'" 1 
ATOM   667 C  "C1'" . G   D 2 7 ? -5.134  -5.520  -2.435  1.00 19.84 ? 35  G   D "C1'" 1 
ATOM   668 N  N9    . G   D 2 7 ? -4.643  -6.218  -1.258  1.00 18.53 ? 35  G   D N9    1 
ATOM   669 C  C8    . G   D 2 7 ? -4.513  -5.703  0.015   1.00 18.37 ? 35  G   D C8    1 
ATOM   670 N  N7    . G   D 2 7 ? -3.981  -6.550  0.854   1.00 16.85 ? 35  G   D N7    1 
ATOM   671 C  C5    . G   D 2 7 ? -3.736  -7.691  0.088   1.00 18.56 ? 35  G   D C5    1 
ATOM   672 C  C6    . G   D 2 7 ? -3.135  -8.941  0.443   1.00 18.42 ? 35  G   D C6    1 
ATOM   673 O  O6    . G   D 2 7 ? -2.698  -9.299  1.539   1.00 18.70 ? 35  G   D O6    1 
ATOM   674 N  N1    . G   D 2 7 ? -3.093  -9.821  -0.644  1.00 19.17 ? 35  G   D N1    1 
ATOM   675 C  C2    . G   D 2 7 ? -3.585  -9.545  -1.906  1.00 22.01 ? 35  G   D C2    1 
ATOM   676 N  N2    . G   D 2 7 ? -3.461  -10.526 -2.849  1.00 19.37 ? 35  G   D N2    1 
ATOM   677 N  N3    . G   D 2 7 ? -4.154  -8.393  -2.240  1.00 19.90 ? 35  G   D N3    1 
ATOM   678 C  C4    . G   D 2 7 ? -4.178  -7.515  -1.205  1.00 20.70 ? 35  G   D C4    1 
HETATM 679 C  "C2'" . 5IC D 2 8 ? -9.228  -10.562 -1.941  1.00 19.33 ? 36  5IC D "C2'" 1 
HETATM 680 C  "C3'" . 5IC D 2 8 ? -10.226 -9.428  -2.026  1.00 20.82 ? 36  5IC D "C3'" 1 
HETATM 681 O  "O3'" . 5IC D 2 8 ? -11.479 -9.933  -2.481  1.00 23.15 ? 36  5IC D "O3'" 1 
HETATM 682 C  "C4'" . 5IC D 2 8 ? -9.585  -8.541  -3.088  1.00 21.74 ? 36  5IC D "C4'" 1 
HETATM 683 O  "O4'" . 5IC D 2 8 ? -8.183  -8.626  -2.826  1.00 18.95 ? 36  5IC D "O4'" 1 
HETATM 684 C  "C1'" . 5IC D 2 8 ? -7.925  -9.811  -2.086  1.00 21.11 ? 36  5IC D "C1'" 1 
HETATM 685 N  N1    . 5IC D 2 8 ? -7.369  -9.471  -0.760  1.00 19.46 ? 36  5IC D N1    1 
HETATM 686 C  C6    . 5IC D 2 8 ? -7.608  -8.279  -0.071  1.00 22.11 ? 36  5IC D C6    1 
HETATM 687 C  C5    . 5IC D 2 8 ? -7.104  -8.074  1.205   1.00 21.96 ? 36  5IC D C5    1 
HETATM 688 I  I     . 5IC D 2 8 ? -7.442  -6.550  2.193   1.00 23.30 ? 36  5IC D I     1 
HETATM 689 C  C4    . 5IC D 2 8 ? -6.290  -9.156  1.738   1.00 19.94 ? 36  5IC D C4    1 
HETATM 690 N  N3    . 5IC D 2 8 ? -6.047  -10.293 1.041   1.00 20.40 ? 36  5IC D N3    1 
HETATM 691 C  C2    . 5IC D 2 8 ? -6.581  -10.470 -0.196  1.00 21.59 ? 36  5IC D C2    1 
HETATM 692 O  O2    . 5IC D 2 8 ? -6.398  -11.507 -0.857  1.00 21.89 ? 36  5IC D O2    1 
HETATM 693 N  N4    . 5IC D 2 8 ? -5.750  -9.079  2.961   1.00 20.37 ? 36  5IC D N4    1 
HETATM 694 C  "C5'" . 5IC D 2 8 ? -9.974  -7.084  -3.078  1.00 21.61 ? 36  5IC D "C5'" 1 
HETATM 695 O  "O5'" . 5IC D 2 8 ? -9.798  -6.533  -1.785  1.00 22.70 ? 36  5IC D "O5'" 1 
HETATM 696 P  P     . 5IC D 2 8 ? -9.840  -4.948  -1.587  1.00 22.52 ? 36  5IC D P     1 
HETATM 697 O  OP1   . 5IC D 2 8 ? -11.024 -4.461  -2.358  1.00 25.37 ? 36  5IC D OP1   1 
HETATM 698 O  OP2   . 5IC D 2 8 ? -9.739  -4.663  -0.143  1.00 22.26 ? 36  5IC D OP2   1 
ATOM   699 P  P     . C   D 2 9 ? -12.542 -10.494 -1.421  1.00 23.52 ? 37  C   D P     1 
ATOM   700 O  OP1   . C   D 2 9 ? -13.758 -10.852 -2.226  1.00 27.45 ? 37  C   D OP1   1 
ATOM   701 O  OP2   . C   D 2 9 ? -12.679 -9.531  -0.301  1.00 24.50 ? 37  C   D OP2   1 
ATOM   702 O  "O5'" . C   D 2 9 ? -11.909 -11.854 -0.873  1.00 24.08 ? 37  C   D "O5'" 1 
ATOM   703 C  "C5'" . C   D 2 9 ? -11.664 -12.956 -1.773  1.00 22.44 ? 37  C   D "C5'" 1 
ATOM   704 C  "C4'" . C   D 2 9 ? -10.972 -14.095 -1.054  1.00 24.80 ? 37  C   D "C4'" 1 
ATOM   705 O  "O4'" . C   D 2 9 ? -9.664  -13.680 -0.585  1.00 18.85 ? 37  C   D "O4'" 1 
ATOM   706 C  "C3'" . C   D 2 9 ? -11.642 -14.591 0.210   1.00 24.20 ? 37  C   D "C3'" 1 
ATOM   707 O  "O3'" . C   D 2 9 ? -12.828 -15.364 -0.079  1.00 26.77 ? 37  C   D "O3'" 1 
ATOM   708 C  "C2'" . C   D 2 9 ? -10.510 -15.362 0.872   1.00 23.17 ? 37  C   D "C2'" 1 
ATOM   709 O  "O2'" . C   D 2 9 ? -10.315 -16.632 0.277   1.00 25.21 ? 37  C   D "O2'" 1 
ATOM   710 C  "C1'" . C   D 2 9 ? -9.316  -14.468 0.544   1.00 21.62 ? 37  C   D "C1'" 1 
ATOM   711 N  N1    . C   D 2 9 ? -8.951  -13.581 1.656   1.00 16.56 ? 37  C   D N1    1 
ATOM   712 C  C2    . C   D 2 9 ? -8.159  -14.100 2.663   1.00 15.78 ? 37  C   D C2    1 
ATOM   713 O  O2    . C   D 2 9 ? -7.870  -15.311 2.608   1.00 17.21 ? 37  C   D O2    1 
ATOM   714 N  N3    . C   D 2 9 ? -7.738  -13.284 3.673   1.00 18.85 ? 37  C   D N3    1 
ATOM   715 C  C4    . C   D 2 9 ? -8.135  -11.995 3.701   1.00 21.00 ? 37  C   D C4    1 
ATOM   716 N  N4    . C   D 2 9 ? -7.687  -11.192 4.711   1.00 19.70 ? 37  C   D N4    1 
ATOM   717 C  C5    . C   D 2 9 ? -9.005  -11.456 2.700   1.00 20.22 ? 37  C   D C5    1 
ATOM   718 C  C6    . C   D 2 9 ? -9.372  -12.278 1.696   1.00 18.46 ? 37  C   D C6    1 
HETATM 719 MG MG    . MG  E 3 . ? 2.295   -11.917 3.931   1.00 31.25 ? 300 MG  C MG    1 
HETATM 720 O  O     . HOH F 4 . ? -3.803  10.620  -6.327  1.00 30.53 ? 316 HOH A O     1 
HETATM 721 O  O     . HOH F 4 . ? -5.128  0.730   5.745   1.00 24.25 ? 319 HOH A O     1 
HETATM 722 O  O     . HOH F 4 . ? -9.497  6.984   -1.369  1.00 27.04 ? 322 HOH A O     1 
HETATM 723 O  O     . HOH F 4 . ? 1.164   11.156  -10.760 1.00 30.01 ? 327 HOH A O     1 
HETATM 724 O  O     . HOH F 4 . ? -6.790  1.761   -6.819  1.00 28.46 ? 328 HOH A O     1 
HETATM 725 O  O     . HOH F 4 . ? -8.796  10.191  5.619   1.00 30.39 ? 332 HOH A O     1 
HETATM 726 O  O     . HOH F 4 . ? -8.913  7.733   6.543   1.00 26.71 ? 333 HOH A O     1 
HETATM 727 O  O     . HOH F 4 . ? -7.806  11.248  1.097   1.00 31.61 ? 336 HOH A O     1 
HETATM 728 O  O     . HOH F 4 . ? -6.731  -0.138  -4.027  1.00 30.83 ? 342 HOH A O     1 
HETATM 729 O  O     . HOH F 4 . ? -1.715  9.596   10.038  1.00 35.30 ? 343 HOH A O     1 
HETATM 730 O  O     . HOH F 4 . ? 6.162   15.028  -11.659 1.00 29.96 ? 355 HOH A O     1 
HETATM 731 O  O     . HOH F 4 . ? -4.304  -0.558  -5.034  1.00 33.68 ? 361 HOH A O     1 
HETATM 732 O  O     . HOH F 4 . ? -5.614  8.639   -15.876 1.00 31.07 ? 363 HOH A O     1 
HETATM 733 O  O     . HOH F 4 . ? 1.792   8.345   -10.164 1.00 37.49 ? 365 HOH A O     1 
HETATM 734 O  O     . HOH F 4 . ? -11.504 2.633   -7.856  1.00 32.46 ? 368 HOH A O     1 
HETATM 735 O  O     . HOH F 4 . ? -0.348  12.401  -17.940 1.00 39.02 ? 369 HOH A O     1 
HETATM 736 O  O     . HOH F 4 . ? -7.759  10.255  -5.887  1.00 42.58 ? 373 HOH A O     1 
HETATM 737 O  O     . HOH G 4 . ? -2.499  -2.301  -3.794  1.00 19.36 ? 307 HOH B O     1 
HETATM 738 O  O     . HOH G 4 . ? 3.765   1.167   -8.169  1.00 25.93 ? 308 HOH B O     1 
HETATM 739 O  O     . HOH G 4 . ? 2.401   7.635   -2.609  1.00 24.75 ? 312 HOH B O     1 
HETATM 740 O  O     . HOH G 4 . ? -1.056  3.511   1.654   1.00 22.82 ? 314 HOH B O     1 
HETATM 741 O  O     . HOH G 4 . ? 0.907   -3.659  -2.418  1.00 21.88 ? 315 HOH B O     1 
HETATM 742 O  O     . HOH G 4 . ? 2.329   2.862   1.978   1.00 32.39 ? 321 HOH B O     1 
HETATM 743 O  O     . HOH G 4 . ? 4.387   3.890   9.280   1.00 26.57 ? 326 HOH B O     1 
HETATM 744 O  O     . HOH G 4 . ? 5.341   17.737  4.206   1.00 35.19 ? 330 HOH B O     1 
HETATM 745 O  O     . HOH G 4 . ? 2.564   4.478   -6.155  1.00 33.97 ? 334 HOH B O     1 
HETATM 746 O  O     . HOH G 4 . ? 3.929   -1.338  -9.564  1.00 27.34 ? 335 HOH B O     1 
HETATM 747 O  O     . HOH G 4 . ? 3.481   2.909   -12.769 1.00 32.57 ? 344 HOH B O     1 
HETATM 748 O  O     . HOH G 4 . ? -4.802  0.467   -8.281  1.00 35.21 ? 345 HOH B O     1 
HETATM 749 O  O     . HOH G 4 . ? 4.735   2.928   -4.672  1.00 30.13 ? 346 HOH B O     1 
HETATM 750 O  O     . HOH G 4 . ? 3.713   -1.341  1.303   1.00 24.40 ? 350 HOH B O     1 
HETATM 751 O  O     . HOH G 4 . ? 5.717   7.669   -0.533  1.00 35.33 ? 351 HOH B O     1 
HETATM 752 O  O     . HOH G 4 . ? 3.068   6.239   -0.546  1.00 27.15 ? 352 HOH B O     1 
HETATM 753 O  O     . HOH G 4 . ? 4.394   -3.473  -8.084  1.00 33.20 ? 353 HOH B O     1 
HETATM 754 O  O     . HOH G 4 . ? 3.282   21.369  3.786   1.00 31.63 ? 358 HOH B O     1 
HETATM 755 O  O     . HOH G 4 . ? 3.403   18.816  5.479   1.00 31.98 ? 359 HOH B O     1 
HETATM 756 O  O     . HOH G 4 . ? -2.193  14.392  -0.719  1.00 32.51 ? 364 HOH B O     1 
HETATM 757 O  O     . HOH G 4 . ? 7.378   0.529   11.436  1.00 40.20 ? 366 HOH B O     1 
HETATM 758 O  O     . HOH G 4 . ? -2.257  5.279   -21.696 1.00 36.83 ? 367 HOH B O     1 
HETATM 759 O  O     . HOH G 4 . ? 2.887   5.399   -8.917  1.00 42.41 ? 377 HOH B O     1 
HETATM 760 O  O     . HOH G 4 . ? 0.037   -0.447  -19.796 1.00 38.68 ? 378 HOH B O     1 
HETATM 761 O  O     . HOH H 4 . ? 3.923   -10.605 3.240   1.00 26.18 ? 301 HOH C O     1 
HETATM 762 O  O     . HOH H 4 . ? 0.915   -10.443 3.526   1.00 24.37 ? 302 HOH C O     1 
HETATM 763 O  O     . HOH H 4 . ? 1.979   -12.736 2.105   1.00 22.96 ? 303 HOH C O     1 
HETATM 764 O  O     . HOH H 4 . ? 0.355   -12.994 4.378   1.00 29.78 ? 304 HOH C O     1 
HETATM 765 O  O     . HOH H 4 . ? 3.433   -13.861 4.298   1.00 25.79 ? 306 HOH C O     1 
HETATM 766 O  O     . HOH H 4 . ? 12.799  -3.574  -0.270  1.00 31.73 ? 309 HOH C O     1 
HETATM 767 O  O     . HOH H 4 . ? 4.772   -10.829 0.865   1.00 26.86 ? 313 HOH C O     1 
HETATM 768 O  O     . HOH H 4 . ? -1.487  -12.734 6.494   1.00 25.20 ? 317 HOH C O     1 
HETATM 769 O  O     . HOH H 4 . ? 2.448   -15.194 1.113   1.00 25.91 ? 323 HOH C O     1 
HETATM 770 O  O     . HOH H 4 . ? 13.477  -5.742  0.861   1.00 29.26 ? 324 HOH C O     1 
HETATM 771 O  O     . HOH H 4 . ? 0.550   -15.499 4.660   1.00 31.90 ? 329 HOH C O     1 
HETATM 772 O  O     . HOH H 4 . ? 0.422   -5.586  -5.784  1.00 32.68 ? 337 HOH C O     1 
HETATM 773 O  O     . HOH H 4 . ? -3.802  -10.134 6.112   1.00 28.40 ? 338 HOH C O     1 
HETATM 774 O  O     . HOH H 4 . ? -0.397  -8.620  -5.180  1.00 29.86 ? 339 HOH C O     1 
HETATM 775 O  O     . HOH H 4 . ? 18.368  1.679   2.369   1.00 38.60 ? 347 HOH C O     1 
HETATM 776 O  O     . HOH H 4 . ? 6.891   1.044   -2.383  1.00 37.66 ? 357 HOH C O     1 
HETATM 777 O  O     . HOH H 4 . ? -0.291  -14.620 8.277   1.00 29.86 ? 362 HOH C O     1 
HETATM 778 O  O     . HOH H 4 . ? 11.791  1.226   6.939   1.00 40.14 ? 371 HOH C O     1 
HETATM 779 O  O     . HOH I 4 . ? 2.448   -11.233 6.007   1.00 26.62 ? 305 HOH D O     1 
HETATM 780 O  O     . HOH I 4 . ? -0.049  -5.904  6.097   1.00 22.01 ? 310 HOH D O     1 
HETATM 781 O  O     . HOH I 4 . ? -2.486  -8.342  4.230   1.00 21.14 ? 311 HOH D O     1 
HETATM 782 O  O     . HOH I 4 . ? 0.425   -3.210  6.789   1.00 24.19 ? 318 HOH D O     1 
HETATM 783 O  O     . HOH I 4 . ? -8.766  -8.305  5.314   1.00 30.08 ? 320 HOH D O     1 
HETATM 784 O  O     . HOH I 4 . ? -3.694  -5.247  3.180   1.00 30.08 ? 325 HOH D O     1 
HETATM 785 O  O     . HOH I 4 . ? -0.559  -9.238  5.776   1.00 31.20 ? 331 HOH D O     1 
HETATM 786 O  O     . HOH I 4 . ? 1.170   11.240  8.773   1.00 31.15 ? 340 HOH D O     1 
HETATM 787 O  O     . HOH I 4 . ? -3.669  1.037   -1.719  1.00 26.70 ? 341 HOH D O     1 
HETATM 788 O  O     . HOH I 4 . ? -10.967 -6.309  1.481   1.00 33.49 ? 348 HOH D O     1 
HETATM 789 O  O     . HOH I 4 . ? 1.517   -0.434  1.939   1.00 28.79 ? 349 HOH D O     1 
HETATM 790 O  O     . HOH I 4 . ? -11.009 -8.864  1.521   1.00 29.27 ? 354 HOH D O     1 
HETATM 791 O  O     . HOH I 4 . ? 0.456   -2.645  9.501   1.00 37.29 ? 356 HOH D O     1 
HETATM 792 O  O     . HOH I 4 . ? 3.572   -8.829  6.768   1.00 33.03 ? 360 HOH D O     1 
HETATM 793 O  O     . HOH I 4 . ? 6.038   -9.984  4.955   1.00 40.64 ? 370 HOH D O     1 
HETATM 794 O  O     . HOH I 4 . ? -14.626 -10.564 1.669   1.00 41.15 ? 372 HOH D O     1 
HETATM 795 O  O     . HOH I 4 . ? 9.406   -11.633 16.852  1.00 46.18 ? 374 HOH D O     1 
HETATM 796 O  O     . HOH I 4 . ? 5.797   -10.042 8.033   1.00 42.23 ? 375 HOH D O     1 
HETATM 797 O  O     . HOH I 4 . ? 0.242   1.582   1.652   1.00 46.68 ? 376 HOH D O     1 
HETATM 798 O  O     . HOH I 4 . ? -10.306 -3.194  -4.720  1.00 45.10 ? 379 HOH D O     1 
HETATM 799 O  O     . HOH I 4 . ? -5.004  -7.037  5.430   1.00 48.26 ? 380 HOH D O     1 
HETATM 800 O  O     . HOH I 4 . ? -13.591 -5.593  -2.464  1.00 42.50 ? 381 HOH D O     1 
# 
